data_3VR9
#
_entry.id   3VR9
#
_cell.length_a   124.011
_cell.length_b   135.333
_cell.length_c   220.498
_cell.angle_alpha   90.00
_cell.angle_beta   90.00
_cell.angle_gamma   90.00
#
_symmetry.space_group_name_H-M   'P 21 21 21'
#
loop_
_entity.id
_entity.type
_entity.pdbx_description
1 polymer 'Flavoprotein subunit of complex II'
2 polymer 'Iron-sulfur subunit of succinate dehydrogenase'
3 polymer 'Cytochrome b-large subunit'
4 polymer 'Succinate dehydrogenase [ubiquinone] cytochrome b small subunit, mitochondrial'
5 non-polymer 'MALONATE ION'
6 non-polymer 'FLAVIN-ADENINE DINUCLEOTIDE'
7 non-polymer 'FE2/S2 (INORGANIC) CLUSTER'
8 non-polymer 'IRON/SULFUR CLUSTER'
9 non-polymer 'FE3-S4 CLUSTER'
10 non-polymer 'PROTOPORPHYRIN IX CONTAINING FE'
11 non-polymer N-[3-(1-methylethoxy)phenyl]-2-(trifluoromethyl)benzamide
12 non-polymer L-ALPHA-PHOSPHATIDYL-BETA-OLEOYL-GAMMA-PALMITOYL-PHOSPHATIDYLETHANOLAMINE
#
loop_
_entity_poly.entity_id
_entity_poly.type
_entity_poly.pdbx_seq_one_letter_code
_entity_poly.pdbx_strand_id
1 'polypeptide(L)'
;MLRAVRALICRIGARRTLSVSSSRLDVSTSNIAQYKVIDHAYDVVIIGAGGAGLRAAMGLGEAGFKTAVVTKMFPTRSHT
TAAQGGINAALGSMNPDDWKWHFYDTAKGSDWLGDQNAMHYLTRNAVEAVTELENFGMPFSRTPEGKIYQRSFGGQSNNY
GKGGVAKRTCCVADRTGHSMLHTLYGNSLRCHCTFFIEYFALDLLMDKGRCVGVIALCLEDGTIHRFRSKRTIVATGGYG
RAYFSCTTAHMNTGDGTALATRAGIALEDLEFIQFHPTGIYGVGCLITEGSRGEGGFLVNSEGERFMERYAPKAKDLASR
DVVSRAETIEIMEGRGVGPEKDHIYLQLHHLPAEQLHQRLPGISETAKIFAGVDVTKEPIPVIPTVHYNMGGIPTNYKAQ
VIKYTKEGGDKIVPGLYACGECACHSVHGANRLGANSLLDAVVFGRACSINIKEELKPDEKIPELPEGAGEESIANLDAV
RYANGDVPTAELRLTMQKTMQKHAGVFRRGDILAEGVKKMMDLSKELKRLKTTDRSLIWNSDLTESLELQNLMLNATQTI
VAAENRKESRGAHARDDFPKREDEYDYSKPIEGQTKRPFEKHWRKHTLTKQDPRTGHITLDYRPVIDKTLDPAEVDWIPP
IIRSY
;
A,E
2 'polypeptide(L)'
;MLRGSTSVCRSLELVTQAARYASAATAAAPTGKRIKTFEIYRFNPEEPGAKPKLQKFDVDLDKCGTMVLDALIKIKNEVD
PTLTFRRSCREGICGSCAMNIAGENTLACICNIDQNTSKTTKIYPLPHMFVIKDLVPDMNLFYAQYASIQPWLQKKTKIN
LGEKQQYQSIKEQEKLDGLYECILCACCSASCPSYWWNADKYLGPAVLMQAYRWIIDSRDDSAAERLARMQDGFSAFKCH
TIMNCTKTCPKHLNPARAIGEIKMLLTKMKTKPAPLPTPANF
;
B,F
3 'polypeptide(L)'
;MSLLPYNATLCRVLRHNVKFIRSVQTSAARVSAEKTPIQVWGWDYLMRQRALKRPIAPHLTIYKPQMTWMVSGLHRVTGC
AMAGTLLIGGVGFSVLPLDFTTFVEFIRGLGIPWVILDTFKFIIAFPIAFHTLNGIRFIGFDMAKGTDIPSIYRGAYLVL
GLAALISLAVVVYPRWERHKKATLPTNH
;
C,G
4 'polypeptide(L)'
;MLSAVRRAIPLSARILRTSLIQRCAGATSAAVTGAAPPQFDPIAAEKGFKPLHSHGTLFKIERYFAAAMVPLIPAAYFIH
GREMDLCLALALTLHVHWGVWGVVNDYGRPFVLGDTLAAAVRVGAYIFTACLLAGLLYFNEHDVGLTRAFEMVWEL
;
D,H
#
# COMPACT_ATOMS: atom_id res chain seq x y z
N ALA A 33 17.78 -11.87 39.71
CA ALA A 33 18.13 -10.47 39.30
C ALA A 33 16.96 -9.63 38.70
N GLN A 34 17.07 -8.29 38.76
CA GLN A 34 16.06 -7.32 38.22
C GLN A 34 16.24 -6.96 36.71
N TYR A 35 15.14 -6.86 35.95
CA TYR A 35 15.19 -6.52 34.50
C TYR A 35 14.26 -5.43 33.97
N LYS A 36 14.80 -4.51 33.20
CA LYS A 36 13.99 -3.54 32.45
C LYS A 36 13.44 -4.14 31.12
N VAL A 37 12.14 -3.97 30.90
CA VAL A 37 11.48 -4.48 29.70
C VAL A 37 10.75 -3.37 28.96
N ILE A 38 10.75 -3.45 27.63
CA ILE A 38 10.25 -2.38 26.77
C ILE A 38 9.30 -2.91 25.70
N ASP A 39 8.35 -2.07 25.29
CA ASP A 39 7.23 -2.42 24.40
C ASP A 39 7.07 -1.45 23.23
N HIS A 40 7.03 -2.00 22.03
CA HIS A 40 6.62 -1.22 20.86
C HIS A 40 5.58 -2.05 20.13
N ALA A 41 4.81 -1.38 19.27
CA ALA A 41 3.85 -2.06 18.41
C ALA A 41 4.20 -1.75 16.97
N TYR A 42 4.17 -2.78 16.13
CA TYR A 42 4.39 -2.61 14.68
C TYR A 42 3.42 -3.39 13.85
N ASP A 43 3.27 -3.00 12.61
CA ASP A 43 2.47 -3.79 11.68
C ASP A 43 3.19 -5.09 11.40
N VAL A 44 4.46 -5.00 11.03
CA VAL A 44 5.25 -6.21 10.88
C VAL A 44 6.63 -6.09 11.52
N VAL A 45 7.11 -7.19 12.09
CA VAL A 45 8.45 -7.19 12.66
C VAL A 45 9.30 -8.26 11.95
N ILE A 46 10.51 -7.87 11.59
CA ILE A 46 11.45 -8.72 10.88
C ILE A 46 12.71 -9.05 11.72
N ILE A 47 12.93 -10.34 11.96
CA ILE A 47 14.16 -10.81 12.55
C ILE A 47 15.01 -11.21 11.38
N GLY A 48 16.12 -10.51 11.23
CA GLY A 48 17.03 -10.72 10.10
C GLY A 48 17.14 -9.48 9.23
N ALA A 49 18.36 -9.10 8.90
CA ALA A 49 18.63 -7.92 8.07
C ALA A 49 19.65 -8.22 6.95
N GLY A 50 19.50 -9.37 6.32
CA GLY A 50 20.45 -9.85 5.35
C GLY A 50 19.81 -9.62 4.02
N GLY A 51 20.16 -10.45 3.04
CA GLY A 51 19.46 -10.42 1.75
C GLY A 51 17.92 -10.43 1.79
N ALA A 52 17.33 -11.49 2.34
CA ALA A 52 15.90 -11.55 2.46
C ALA A 52 15.40 -10.61 3.55
N GLY A 53 16.15 -10.50 4.66
CA GLY A 53 15.84 -9.50 5.67
C GLY A 53 15.32 -8.20 5.04
N LEU A 54 16.17 -7.54 4.25
CA LEU A 54 15.83 -6.23 3.73
C LEU A 54 14.85 -6.29 2.58
N ARG A 55 15.02 -7.19 1.62
CA ARG A 55 14.21 -7.10 0.38
C ARG A 55 12.76 -7.07 0.74
N ALA A 56 12.40 -7.78 1.82
CA ALA A 56 11.04 -7.76 2.37
C ALA A 56 10.81 -6.49 3.19
N ALA A 57 11.73 -6.17 4.10
CA ALA A 57 11.75 -4.82 4.69
C ALA A 57 11.57 -3.65 3.67
N MET A 58 11.94 -3.86 2.41
CA MET A 58 11.75 -2.84 1.37
C MET A 58 10.28 -2.75 1.02
N GLY A 59 9.74 -3.87 0.52
CA GLY A 59 8.34 -3.93 0.12
C GLY A 59 7.40 -3.41 1.18
N LEU A 60 7.59 -3.87 2.42
CA LEU A 60 6.69 -3.54 3.49
C LEU A 60 6.77 -2.09 3.93
N GLY A 61 7.98 -1.56 4.05
CA GLY A 61 8.14 -0.14 4.36
C GLY A 61 7.42 0.75 3.33
N GLU A 62 7.68 0.44 2.06
CA GLU A 62 7.13 1.15 0.89
C GLU A 62 5.60 1.02 0.76
N ALA A 63 5.08 -0.17 1.06
CA ALA A 63 3.64 -0.37 1.19
C ALA A 63 2.97 0.40 2.36
N GLY A 64 3.75 1.20 3.10
CA GLY A 64 3.23 2.05 4.18
C GLY A 64 2.86 1.29 5.45
N PHE A 65 3.62 0.22 5.72
CA PHE A 65 3.43 -0.59 6.90
C PHE A 65 4.46 -0.21 7.94
N LYS A 66 4.01 -0.04 9.19
CA LYS A 66 4.91 0.30 10.29
C LYS A 66 5.82 -0.90 10.61
N THR A 67 7.06 -0.81 10.14
CA THR A 67 7.98 -1.95 10.09
C THR A 67 9.15 -1.82 11.06
N ALA A 68 9.40 -2.87 11.82
CA ALA A 68 10.61 -2.92 12.66
C ALA A 68 11.47 -4.09 12.22
N VAL A 69 12.76 -3.79 12.04
CA VAL A 69 13.76 -4.75 11.61
C VAL A 69 14.74 -4.93 12.74
N VAL A 70 14.65 -6.11 13.34
CA VAL A 70 15.47 -6.47 14.46
C VAL A 70 16.59 -7.30 13.88
N THR A 71 17.82 -6.84 14.11
CA THR A 71 19.01 -7.54 13.62
C THR A 71 20.13 -7.56 14.64
N LYS A 72 20.82 -8.70 14.78
CA LYS A 72 21.82 -8.85 15.86
C LYS A 72 23.22 -8.48 15.40
N MET A 73 23.26 -7.55 14.46
CA MET A 73 24.46 -6.89 13.98
C MET A 73 24.06 -5.95 12.87
N PHE A 74 24.78 -4.85 12.74
CA PHE A 74 24.55 -3.92 11.65
C PHE A 74 24.34 -4.66 10.30
N PRO A 75 23.24 -4.38 9.58
CA PRO A 75 22.78 -5.27 8.53
C PRO A 75 23.80 -5.60 7.42
N THR A 76 24.72 -4.68 7.10
CA THR A 76 25.84 -4.90 6.21
C THR A 76 26.68 -6.09 6.66
N ARG A 77 26.92 -6.21 7.96
CA ARG A 77 27.82 -7.25 8.49
C ARG A 77 27.25 -8.63 8.25
N SER A 78 25.96 -8.67 7.94
CA SER A 78 25.26 -9.90 7.66
C SER A 78 25.93 -10.78 6.57
N HIS A 79 25.61 -12.08 6.56
CA HIS A 79 26.37 -13.01 5.75
C HIS A 79 26.19 -12.79 4.23
N THR A 80 24.99 -12.46 3.79
CA THR A 80 24.81 -12.10 2.40
C THR A 80 26.05 -11.32 1.84
N THR A 81 26.56 -10.34 2.58
CA THR A 81 27.74 -9.54 2.20
C THR A 81 28.97 -10.38 1.82
N ALA A 82 28.95 -11.65 2.21
CA ALA A 82 30.13 -12.49 2.02
C ALA A 82 30.03 -13.34 0.75
N ALA A 83 28.96 -13.12 -0.01
CA ALA A 83 28.63 -14.00 -1.13
C ALA A 83 29.40 -13.61 -2.38
N GLN A 84 29.52 -14.53 -3.34
CA GLN A 84 30.53 -14.37 -4.37
C GLN A 84 30.07 -14.56 -5.83
N GLY A 85 29.91 -15.81 -6.24
CA GLY A 85 29.76 -16.11 -7.66
C GLY A 85 28.57 -15.50 -8.37
N GLY A 86 27.70 -14.81 -7.65
CA GLY A 86 26.55 -14.21 -8.29
C GLY A 86 25.17 -14.74 -7.93
N ILE A 87 24.18 -14.24 -8.69
CA ILE A 87 22.75 -14.53 -8.54
C ILE A 87 22.16 -14.86 -9.91
N ASN A 88 21.38 -15.95 -10.00
CA ASN A 88 20.86 -16.50 -11.27
C ASN A 88 19.58 -15.81 -11.72
N ALA A 89 19.49 -15.56 -13.03
CA ALA A 89 18.26 -15.15 -13.71
C ALA A 89 18.44 -15.44 -15.18
N ALA A 90 17.38 -15.82 -15.89
CA ALA A 90 17.54 -16.18 -17.30
C ALA A 90 17.67 -14.97 -18.24
N LEU A 91 18.61 -14.07 -17.95
CA LEU A 91 18.63 -12.69 -18.56
C LEU A 91 18.96 -12.64 -20.03
N GLY A 92 19.61 -13.69 -20.52
CA GLY A 92 19.85 -13.87 -21.94
C GLY A 92 20.94 -12.97 -22.46
N SER A 93 21.87 -12.64 -21.57
CA SER A 93 22.85 -11.62 -21.88
C SER A 93 24.13 -12.22 -22.40
N MET A 94 24.15 -13.51 -22.62
CA MET A 94 25.36 -14.11 -23.13
C MET A 94 25.01 -15.04 -24.27
N ASN A 95 23.73 -15.43 -24.25
CA ASN A 95 23.13 -16.42 -25.13
C ASN A 95 21.62 -16.43 -24.85
N PRO A 96 20.78 -16.79 -25.86
CA PRO A 96 19.36 -16.86 -25.57
C PRO A 96 19.11 -17.87 -24.48
N ASP A 97 18.11 -17.59 -23.63
CA ASP A 97 17.81 -18.41 -22.45
C ASP A 97 16.34 -18.30 -22.13
N ASP A 98 15.80 -19.25 -21.38
CA ASP A 98 14.35 -19.29 -21.09
C ASP A 98 14.22 -19.56 -19.59
N TRP A 99 13.37 -18.84 -18.88
CA TRP A 99 13.30 -19.11 -17.44
C TRP A 99 12.96 -20.56 -17.20
N LYS A 100 12.23 -21.17 -18.14
CA LYS A 100 11.86 -22.58 -17.98
C LYS A 100 13.07 -23.55 -17.92
N TRP A 101 14.15 -23.25 -18.63
CA TRP A 101 15.33 -24.12 -18.59
C TRP A 101 15.90 -24.13 -17.20
N HIS A 102 15.97 -22.92 -16.62
CA HIS A 102 16.44 -22.64 -15.27
C HIS A 102 15.62 -23.43 -14.28
N PHE A 103 14.30 -23.38 -14.43
CA PHE A 103 13.39 -24.24 -13.68
C PHE A 103 13.86 -25.69 -13.59
N TYR A 104 13.74 -26.40 -14.72
CA TYR A 104 14.35 -27.71 -14.89
C TYR A 104 15.70 -27.90 -14.15
N ASP A 105 16.64 -26.98 -14.28
CA ASP A 105 17.92 -27.15 -13.59
C ASP A 105 17.73 -27.10 -12.09
N THR A 106 16.68 -26.41 -11.66
CA THR A 106 16.40 -26.34 -10.26
C THR A 106 15.70 -27.61 -9.75
N ALA A 107 14.70 -28.13 -10.45
CA ALA A 107 14.08 -29.40 -10.04
C ALA A 107 15.14 -30.50 -9.96
N LYS A 108 15.89 -30.71 -11.04
CA LYS A 108 16.98 -31.70 -11.08
C LYS A 108 17.94 -31.50 -9.93
N GLY A 109 18.56 -30.33 -9.87
CA GLY A 109 19.44 -29.98 -8.75
C GLY A 109 18.96 -30.32 -7.34
N SER A 110 17.64 -30.31 -7.16
CA SER A 110 17.04 -30.58 -5.88
C SER A 110 16.85 -32.06 -5.63
N ASP A 111 17.21 -32.88 -6.63
CA ASP A 111 16.97 -34.34 -6.62
C ASP A 111 15.56 -34.64 -6.15
N TRP A 112 14.62 -33.92 -6.75
CA TRP A 112 13.17 -34.06 -6.54
C TRP A 112 12.71 -34.16 -5.09
N LEU A 113 13.42 -33.53 -4.18
CA LEU A 113 12.83 -33.31 -2.87
C LEU A 113 12.32 -31.88 -2.85
N GLY A 114 12.52 -31.21 -3.99
CA GLY A 114 12.15 -29.82 -4.18
C GLY A 114 10.66 -29.71 -4.37
N ASP A 115 10.08 -28.66 -3.81
CA ASP A 115 8.68 -28.43 -3.99
C ASP A 115 8.43 -27.77 -5.36
N GLN A 116 8.02 -28.59 -6.32
CA GLN A 116 7.75 -28.13 -7.69
C GLN A 116 7.12 -26.74 -7.76
N ASN A 117 6.09 -26.50 -6.97
CA ASN A 117 5.41 -25.22 -6.96
C ASN A 117 6.29 -24.06 -6.44
N ALA A 118 7.06 -24.32 -5.38
CA ALA A 118 7.88 -23.30 -4.73
C ALA A 118 9.05 -22.92 -5.61
N MET A 119 9.66 -23.93 -6.21
CA MET A 119 10.69 -23.76 -7.21
C MET A 119 10.19 -22.99 -8.43
N HIS A 120 8.91 -23.18 -8.76
CA HIS A 120 8.31 -22.44 -9.85
C HIS A 120 8.36 -20.91 -9.63
N TYR A 121 7.74 -20.44 -8.54
CA TYR A 121 7.69 -19.03 -8.16
C TYR A 121 9.07 -18.41 -8.16
N LEU A 122 10.08 -19.21 -7.85
CA LEU A 122 11.45 -18.74 -7.81
C LEU A 122 11.98 -18.57 -9.21
N THR A 123 11.98 -19.65 -9.99
CA THR A 123 12.47 -19.62 -11.36
C THR A 123 11.73 -18.57 -12.22
N ARG A 124 10.41 -18.48 -12.06
CA ARG A 124 9.63 -17.53 -12.87
C ARG A 124 9.93 -16.04 -12.60
N ASN A 125 10.00 -15.63 -11.32
CA ASN A 125 10.22 -14.24 -10.96
C ASN A 125 11.68 -13.78 -10.98
N ALA A 126 12.59 -14.68 -11.37
CA ALA A 126 14.04 -14.44 -11.36
C ALA A 126 14.46 -13.27 -12.18
N VAL A 127 13.94 -13.17 -13.41
CA VAL A 127 14.48 -12.20 -14.38
C VAL A 127 14.13 -10.79 -13.93
N GLU A 128 12.88 -10.65 -13.47
CA GLU A 128 12.38 -9.47 -12.76
C GLU A 128 13.16 -9.16 -11.48
N ALA A 129 13.20 -10.09 -10.55
CA ALA A 129 13.80 -9.78 -9.26
C ALA A 129 15.29 -9.41 -9.33
N VAL A 130 16.04 -10.00 -10.28
CA VAL A 130 17.43 -9.61 -10.56
C VAL A 130 17.40 -8.27 -11.23
N THR A 131 16.60 -8.16 -12.28
CA THR A 131 16.46 -6.88 -12.96
C THR A 131 16.22 -5.78 -11.96
N GLU A 132 15.17 -5.93 -11.16
CA GLU A 132 14.84 -5.00 -10.11
C GLU A 132 16.10 -4.50 -9.41
N LEU A 133 16.92 -5.42 -8.90
CA LEU A 133 18.16 -5.09 -8.20
C LEU A 133 19.09 -4.19 -9.00
N GLU A 134 19.07 -4.32 -10.32
CA GLU A 134 19.90 -3.48 -11.15
C GLU A 134 19.37 -2.05 -11.01
N ASN A 135 18.07 -1.92 -11.28
CA ASN A 135 17.29 -0.69 -11.09
C ASN A 135 17.52 -0.05 -9.74
N PHE A 136 17.80 -0.88 -8.75
CA PHE A 136 18.01 -0.41 -7.41
C PHE A 136 19.34 0.31 -7.23
N GLY A 137 20.37 -0.12 -7.96
CA GLY A 137 21.68 0.55 -7.93
C GLY A 137 22.84 -0.42 -7.95
N MET A 138 22.54 -1.68 -8.22
CA MET A 138 23.56 -2.70 -8.11
C MET A 138 24.55 -2.64 -9.30
N PRO A 139 25.82 -2.28 -9.04
CA PRO A 139 26.77 -2.10 -10.11
C PRO A 139 27.21 -3.41 -10.74
N PHE A 140 26.31 -4.14 -11.37
CA PHE A 140 26.70 -5.40 -12.03
C PHE A 140 27.82 -5.21 -13.03
N SER A 141 28.71 -6.20 -13.07
CA SER A 141 29.68 -6.30 -14.16
C SER A 141 28.92 -6.26 -15.50
N ARG A 142 29.59 -5.81 -16.56
CA ARG A 142 28.83 -5.54 -17.78
C ARG A 142 29.33 -6.19 -19.10
N THR A 143 28.39 -6.49 -19.99
CA THR A 143 28.72 -7.03 -21.32
C THR A 143 28.94 -5.89 -22.29
N PRO A 144 29.80 -6.09 -23.32
CA PRO A 144 30.05 -5.05 -24.33
C PRO A 144 28.80 -4.40 -24.96
N GLU A 145 27.62 -4.99 -24.79
CA GLU A 145 26.37 -4.37 -25.27
C GLU A 145 25.66 -3.67 -24.14
N GLY A 146 26.44 -3.28 -23.14
CA GLY A 146 25.90 -2.68 -21.93
C GLY A 146 24.84 -3.45 -21.15
N LYS A 147 24.95 -4.77 -21.13
CA LYS A 147 24.00 -5.60 -20.38
C LYS A 147 24.73 -6.29 -19.25
N ILE A 148 23.93 -6.87 -18.34
CA ILE A 148 24.45 -7.49 -17.11
C ILE A 148 25.30 -8.74 -17.44
N TYR A 149 26.53 -8.76 -16.93
CA TYR A 149 27.41 -9.89 -17.17
C TYR A 149 26.86 -11.16 -16.51
N GLN A 150 26.67 -12.22 -17.28
CA GLN A 150 26.32 -13.52 -16.73
C GLN A 150 27.51 -14.49 -16.87
N ARG A 151 27.58 -15.45 -15.96
CA ARG A 151 28.70 -16.38 -15.90
C ARG A 151 28.18 -17.74 -15.48
N SER A 152 28.79 -18.80 -16.03
CA SER A 152 28.45 -20.19 -15.71
C SER A 152 28.68 -20.58 -14.24
N PHE A 153 28.05 -21.68 -13.84
CA PHE A 153 28.12 -22.13 -12.45
C PHE A 153 27.83 -23.63 -12.32
N GLY A 154 27.71 -24.08 -11.09
CA GLY A 154 27.51 -25.48 -10.78
C GLY A 154 26.15 -25.99 -11.19
N GLY A 155 26.15 -26.81 -12.24
CA GLY A 155 25.05 -27.70 -12.57
C GLY A 155 23.86 -27.00 -13.18
N GLN A 156 24.12 -26.28 -14.27
CA GLN A 156 23.06 -25.64 -15.05
C GLN A 156 23.26 -25.91 -16.53
N SER A 157 22.18 -25.77 -17.30
CA SER A 157 22.11 -26.23 -18.69
C SER A 157 21.01 -25.53 -19.46
N ASN A 158 21.22 -25.44 -20.77
CA ASN A 158 20.22 -24.92 -21.70
C ASN A 158 19.30 -26.04 -22.19
N ASN A 159 18.08 -25.67 -22.54
CA ASN A 159 17.09 -26.60 -23.08
C ASN A 159 16.92 -27.84 -22.23
N TYR A 160 16.36 -27.70 -21.03
CA TYR A 160 15.92 -28.86 -20.25
C TYR A 160 16.93 -30.00 -20.34
N GLY A 161 18.20 -29.68 -20.11
CA GLY A 161 19.27 -30.69 -20.10
C GLY A 161 19.99 -30.91 -21.42
N LYS A 162 19.22 -30.98 -22.52
CA LYS A 162 19.71 -31.29 -23.87
C LYS A 162 20.91 -30.42 -24.29
N GLY A 163 20.75 -29.11 -24.27
CA GLY A 163 21.79 -28.18 -24.71
C GLY A 163 23.05 -28.18 -23.83
N GLY A 164 23.95 -27.24 -24.07
CA GLY A 164 25.26 -27.23 -23.39
C GLY A 164 25.20 -26.68 -21.97
N VAL A 165 26.36 -26.32 -21.43
CA VAL A 165 26.47 -25.64 -20.11
C VAL A 165 25.85 -24.24 -20.17
N ALA A 166 24.99 -23.90 -19.22
CA ALA A 166 24.34 -22.60 -19.30
C ALA A 166 25.16 -21.45 -18.69
N LYS A 167 24.75 -20.22 -19.01
CA LYS A 167 25.32 -18.99 -18.45
C LYS A 167 24.20 -18.09 -17.95
N ARG A 168 23.81 -18.25 -16.69
CA ARG A 168 22.67 -17.53 -16.14
C ARG A 168 23.05 -16.71 -14.93
N THR A 169 24.28 -16.85 -14.46
CA THR A 169 24.63 -16.29 -13.17
C THR A 169 25.14 -14.87 -13.33
N CYS A 170 24.22 -13.93 -13.20
CA CYS A 170 24.55 -12.51 -13.13
C CYS A 170 25.46 -12.23 -11.91
N CYS A 171 26.48 -11.38 -12.05
CA CYS A 171 27.41 -11.11 -10.96
C CYS A 171 28.13 -9.76 -11.00
N VAL A 172 28.39 -9.20 -9.81
CA VAL A 172 29.22 -7.98 -9.63
C VAL A 172 30.65 -8.48 -9.52
N ALA A 173 31.12 -9.08 -10.61
CA ALA A 173 32.29 -9.96 -10.61
C ALA A 173 32.35 -10.92 -9.41
N ASP A 174 33.27 -10.66 -8.52
CA ASP A 174 33.67 -11.66 -7.57
C ASP A 174 33.01 -11.51 -6.22
N ARG A 175 32.38 -10.35 -6.02
CA ARG A 175 31.73 -10.00 -4.77
C ARG A 175 30.28 -9.56 -4.96
N THR A 176 29.53 -10.35 -5.71
CA THR A 176 28.10 -10.09 -5.90
C THR A 176 27.38 -9.87 -4.58
N GLY A 177 27.55 -10.82 -3.67
CA GLY A 177 26.88 -10.77 -2.37
C GLY A 177 27.11 -9.45 -1.68
N HIS A 178 28.36 -9.03 -1.70
CA HIS A 178 28.68 -7.76 -1.09
C HIS A 178 27.87 -6.63 -1.66
N SER A 179 27.65 -6.66 -2.97
CA SER A 179 27.00 -5.56 -3.57
C SER A 179 25.50 -5.67 -3.38
N MET A 180 24.98 -6.89 -3.35
CA MET A 180 23.53 -7.04 -3.15
C MET A 180 23.13 -6.48 -1.77
N LEU A 181 23.79 -6.95 -0.71
CA LEU A 181 23.44 -6.50 0.61
C LEU A 181 23.61 -5.01 0.68
N HIS A 182 24.60 -4.48 0.01
CA HIS A 182 24.85 -3.02 0.09
C HIS A 182 23.84 -2.12 -0.67
N THR A 183 23.29 -2.64 -1.75
CA THR A 183 22.28 -1.91 -2.46
C THR A 183 21.06 -1.98 -1.56
N LEU A 184 20.63 -3.22 -1.26
CA LEU A 184 19.44 -3.45 -0.46
C LEU A 184 19.48 -2.57 0.77
N TYR A 185 20.55 -2.67 1.58
CA TYR A 185 20.63 -1.81 2.72
C TYR A 185 20.42 -0.35 2.34
N GLY A 186 21.19 0.19 1.41
CA GLY A 186 20.94 1.54 0.94
C GLY A 186 19.48 1.76 0.58
N ASN A 187 18.99 1.06 -0.44
CA ASN A 187 17.63 1.25 -0.89
C ASN A 187 16.60 1.09 0.19
N SER A 188 16.94 0.41 1.27
CA SER A 188 16.02 0.29 2.42
C SER A 188 15.96 1.56 3.27
N LEU A 189 16.93 2.45 3.10
CA LEU A 189 16.96 3.67 3.88
C LEU A 189 15.92 4.67 3.42
N ARG A 190 15.31 4.43 2.25
CA ARG A 190 14.26 5.32 1.77
C ARG A 190 12.83 4.72 1.84
N CYS A 191 12.69 3.67 2.65
CA CYS A 191 11.43 2.91 2.73
C CYS A 191 10.80 2.93 4.11
N HIS A 192 11.21 3.89 4.94
CA HIS A 192 10.65 4.08 6.29
C HIS A 192 10.57 2.82 7.16
N CYS A 193 11.72 2.26 7.51
CA CYS A 193 11.75 1.19 8.49
C CYS A 193 12.27 1.73 9.83
N THR A 194 11.83 1.15 10.95
CA THR A 194 12.49 1.45 12.20
C THR A 194 13.51 0.35 12.44
N PHE A 195 14.78 0.68 12.20
CA PHE A 195 15.89 -0.25 12.38
C PHE A 195 16.33 -0.40 13.84
N PHE A 196 16.35 -1.64 14.33
CA PHE A 196 16.82 -1.94 15.67
C PHE A 196 18.12 -2.70 15.59
N ILE A 197 19.19 -1.92 15.51
CA ILE A 197 20.53 -2.41 15.27
C ILE A 197 21.23 -3.03 16.49
N GLU A 198 21.76 -4.24 16.29
CA GLU A 198 22.34 -5.06 17.38
C GLU A 198 21.34 -5.18 18.53
N TYR A 199 20.30 -5.96 18.25
CA TYR A 199 19.35 -6.41 19.23
C TYR A 199 19.19 -7.92 19.03
N PHE A 200 19.18 -8.68 20.13
CA PHE A 200 19.23 -10.14 20.04
C PHE A 200 17.86 -10.79 20.23
N ALA A 201 17.35 -11.43 19.19
CA ALA A 201 16.03 -12.04 19.22
C ALA A 201 16.00 -13.27 20.08
N LEU A 202 15.38 -13.15 21.25
CA LEU A 202 15.34 -14.23 22.23
C LEU A 202 14.35 -15.30 21.82
N ASP A 203 13.08 -14.90 21.73
CA ASP A 203 12.01 -15.80 21.30
C ASP A 203 10.88 -15.10 20.59
N LEU A 204 10.20 -15.87 19.73
CA LEU A 204 8.92 -15.48 19.17
C LEU A 204 7.92 -15.33 20.31
N LEU A 205 6.85 -14.59 20.10
CA LEU A 205 5.82 -14.48 21.14
C LEU A 205 4.56 -15.21 20.68
N MET A 206 4.19 -16.27 21.40
CA MET A 206 3.02 -17.08 21.03
C MET A 206 1.71 -16.75 21.77
N ASP A 207 0.60 -17.19 21.16
CA ASP A 207 -0.73 -17.16 21.76
C ASP A 207 -1.64 -18.05 20.93
N LYS A 208 -1.89 -19.25 21.45
CA LYS A 208 -2.79 -20.25 20.84
C LYS A 208 -2.43 -20.53 19.39
N GLY A 209 -1.15 -20.84 19.16
CA GLY A 209 -0.61 -21.10 17.82
C GLY A 209 -0.72 -19.97 16.81
N ARG A 210 -0.40 -18.75 17.26
CA ARG A 210 -0.39 -17.52 16.44
C ARG A 210 0.69 -16.54 16.94
N CYS A 211 1.60 -16.17 16.05
CA CYS A 211 2.75 -15.36 16.46
C CYS A 211 2.40 -13.89 16.52
N VAL A 212 2.49 -13.31 17.71
CA VAL A 212 2.04 -11.93 17.90
C VAL A 212 3.22 -10.96 17.99
N GLY A 213 4.42 -11.49 17.73
CA GLY A 213 5.63 -10.67 17.75
C GLY A 213 6.88 -11.37 18.26
N VAL A 214 7.77 -10.58 18.88
CA VAL A 214 9.13 -11.02 19.16
C VAL A 214 9.73 -10.33 20.38
N ILE A 215 10.60 -11.07 21.06
CA ILE A 215 11.31 -10.56 22.23
C ILE A 215 12.84 -10.67 22.07
N ALA A 216 13.51 -9.51 22.24
CA ALA A 216 14.95 -9.38 22.06
C ALA A 216 15.63 -8.61 23.20
N LEU A 217 16.86 -9.01 23.48
CA LEU A 217 17.75 -8.23 24.34
C LEU A 217 18.45 -7.20 23.48
N CYS A 218 18.34 -5.96 23.93
CA CYS A 218 19.07 -4.85 23.36
C CYS A 218 20.49 -5.02 23.79
N LEU A 219 21.42 -4.99 22.84
CA LEU A 219 22.82 -5.18 23.18
C LEU A 219 23.47 -3.98 23.85
N GLU A 220 23.04 -2.78 23.46
CA GLU A 220 23.77 -1.55 23.78
C GLU A 220 23.65 -1.14 25.26
N ASP A 221 22.42 -0.95 25.72
CA ASP A 221 22.18 -0.53 27.09
C ASP A 221 21.80 -1.72 27.96
N GLY A 222 21.26 -2.78 27.37
CA GLY A 222 21.02 -3.98 28.14
C GLY A 222 19.56 -4.22 28.49
N THR A 223 18.67 -3.45 27.89
CA THR A 223 17.23 -3.62 28.09
C THR A 223 16.69 -4.90 27.42
N ILE A 224 15.40 -5.22 27.62
CA ILE A 224 14.74 -6.33 26.91
C ILE A 224 13.57 -5.71 26.15
N HIS A 225 13.25 -6.22 24.97
CA HIS A 225 12.23 -5.55 24.17
C HIS A 225 11.19 -6.52 23.65
N ARG A 226 9.92 -6.10 23.73
CA ARG A 226 8.82 -6.87 23.19
C ARG A 226 8.18 -6.09 22.06
N PHE A 227 8.04 -6.75 20.92
CA PHE A 227 7.38 -6.12 19.77
C PHE A 227 6.07 -6.83 19.48
N ARG A 228 4.95 -6.19 19.81
CA ARG A 228 3.65 -6.67 19.32
C ARG A 228 3.61 -6.33 17.83
N SER A 229 3.40 -7.33 17.00
CA SER A 229 3.19 -7.07 15.57
C SER A 229 2.12 -7.96 14.97
N LYS A 230 1.50 -7.49 13.89
CA LYS A 230 0.44 -8.24 13.23
C LYS A 230 0.99 -9.49 12.49
N ARG A 231 2.15 -9.33 11.85
CA ARG A 231 2.88 -10.46 11.25
C ARG A 231 4.30 -10.40 11.74
N THR A 232 4.98 -11.52 11.68
CA THR A 232 6.40 -11.55 12.01
C THR A 232 7.11 -12.34 10.90
N ILE A 233 8.29 -11.88 10.50
CA ILE A 233 9.07 -12.53 9.42
C ILE A 233 10.44 -13.07 9.92
N VAL A 234 10.67 -14.37 9.71
CA VAL A 234 11.94 -14.96 10.10
C VAL A 234 12.84 -15.16 8.88
N ALA A 235 13.97 -14.44 8.91
CA ALA A 235 14.98 -14.47 7.89
C ALA A 235 16.33 -14.24 8.60
N THR A 236 16.74 -15.26 9.37
CA THR A 236 17.88 -15.24 10.33
C THR A 236 19.16 -15.86 9.80
N GLY A 237 19.11 -16.36 8.56
CA GLY A 237 20.25 -17.07 7.97
C GLY A 237 20.31 -18.54 8.36
N GLY A 238 21.44 -19.18 8.09
CA GLY A 238 21.64 -20.58 8.41
C GLY A 238 22.39 -20.86 9.70
N TYR A 239 22.70 -22.14 9.91
CA TYR A 239 23.40 -22.61 11.11
C TYR A 239 24.69 -23.37 10.77
N GLY A 240 25.45 -22.85 9.80
CA GLY A 240 26.68 -23.53 9.42
C GLY A 240 27.76 -23.65 10.49
N ARG A 241 27.53 -23.02 11.64
CA ARG A 241 28.45 -23.11 12.75
C ARG A 241 28.24 -24.38 13.59
N ALA A 242 27.32 -25.24 13.18
CA ALA A 242 27.08 -26.45 13.95
C ALA A 242 28.15 -27.44 13.60
N TYR A 243 28.89 -27.15 12.54
CA TYR A 243 30.01 -27.96 12.14
C TYR A 243 31.31 -27.29 12.51
N PHE A 244 32.39 -28.05 12.43
CA PHE A 244 33.68 -27.54 12.85
C PHE A 244 34.32 -26.67 11.76
N SER A 245 34.33 -27.15 10.53
CA SER A 245 34.84 -26.36 9.40
C SER A 245 33.77 -26.04 8.36
N CYS A 246 33.54 -24.74 8.17
CA CYS A 246 32.45 -24.21 7.37
C CYS A 246 32.90 -22.94 6.62
N THR A 247 31.98 -22.34 5.85
CA THR A 247 32.23 -21.07 5.14
C THR A 247 31.33 -20.00 5.69
N THR A 248 30.56 -20.35 6.71
CA THR A 248 29.56 -19.46 7.33
C THR A 248 30.22 -18.55 8.35
N ALA A 249 29.52 -17.47 8.68
CA ALA A 249 30.05 -16.49 9.64
C ALA A 249 29.78 -16.89 11.09
N HIS A 250 30.64 -16.46 12.00
CA HIS A 250 30.42 -16.66 13.44
C HIS A 250 28.98 -16.32 13.95
N MET A 251 28.26 -15.45 13.23
CA MET A 251 26.86 -15.15 13.56
C MET A 251 25.83 -16.10 12.91
N ASN A 252 26.30 -17.02 12.06
CA ASN A 252 25.47 -18.08 11.51
C ASN A 252 25.24 -19.27 12.44
N THR A 253 24.63 -19.00 13.58
CA THR A 253 24.47 -20.00 14.64
C THR A 253 23.07 -20.57 14.63
N GLY A 254 22.29 -20.18 13.62
CA GLY A 254 20.95 -20.72 13.37
C GLY A 254 19.95 -20.42 14.46
N ASP A 255 19.74 -19.14 14.75
CA ASP A 255 18.93 -18.76 15.90
C ASP A 255 17.46 -18.77 15.59
N GLY A 256 17.07 -18.42 14.37
CA GLY A 256 15.66 -18.37 14.03
C GLY A 256 15.02 -19.74 14.18
N THR A 257 15.62 -20.73 13.54
CA THR A 257 15.10 -22.10 13.58
C THR A 257 15.06 -22.60 14.99
N ALA A 258 15.86 -21.98 15.85
CA ALA A 258 15.81 -22.21 17.30
C ALA A 258 14.49 -21.71 17.86
N LEU A 259 14.17 -20.45 17.60
CA LEU A 259 12.86 -19.84 17.97
C LEU A 259 11.69 -20.67 17.43
N ALA A 260 11.78 -21.03 16.16
CA ALA A 260 10.83 -21.94 15.53
C ALA A 260 10.67 -23.28 16.30
N THR A 261 11.78 -23.92 16.66
CA THR A 261 11.70 -25.15 17.43
C THR A 261 11.07 -24.79 18.77
N ARG A 262 11.62 -23.78 19.44
CA ARG A 262 11.09 -23.29 20.69
C ARG A 262 9.60 -22.89 20.63
N ALA A 263 9.13 -22.41 19.48
CA ALA A 263 7.74 -21.98 19.36
C ALA A 263 6.85 -23.17 19.05
N GLY A 264 7.46 -24.33 18.98
CA GLY A 264 6.72 -25.57 18.77
C GLY A 264 6.48 -25.92 17.33
N ILE A 265 7.21 -25.28 16.42
CA ILE A 265 7.23 -25.72 15.03
C ILE A 265 8.17 -26.91 14.86
N ALA A 266 7.80 -27.81 13.95
CA ALA A 266 8.77 -28.76 13.39
C ALA A 266 9.66 -27.97 12.44
N LEU A 267 10.89 -28.43 12.23
CA LEU A 267 11.74 -27.91 11.16
C LEU A 267 11.73 -28.90 10.03
N GLU A 268 12.12 -28.48 8.84
CA GLU A 268 12.16 -29.40 7.69
C GLU A 268 13.57 -29.69 7.23
N ASP A 269 13.75 -30.89 6.67
CA ASP A 269 14.95 -31.30 5.91
C ASP A 269 16.29 -30.92 6.52
N LEU A 270 16.41 -31.02 7.84
CA LEU A 270 17.62 -30.53 8.48
C LEU A 270 18.84 -31.32 8.07
N GLU A 271 18.61 -32.57 7.70
CA GLU A 271 19.70 -33.50 7.42
C GLU A 271 20.46 -33.17 6.15
N PHE A 272 19.84 -32.38 5.28
CA PHE A 272 20.49 -31.96 4.05
C PHE A 272 21.40 -30.74 4.29
N ILE A 273 22.66 -31.01 4.59
CA ILE A 273 23.64 -29.94 4.69
C ILE A 273 24.42 -29.97 3.40
N GLN A 274 24.65 -28.80 2.81
CA GLN A 274 25.32 -28.73 1.51
C GLN A 274 26.77 -28.41 1.72
N PHE A 275 27.62 -29.33 1.26
CA PHE A 275 29.08 -29.18 1.35
C PHE A 275 29.64 -28.46 0.15
N HIS A 276 30.20 -27.27 0.33
CA HIS A 276 30.73 -26.56 -0.81
C HIS A 276 31.99 -27.30 -1.18
N PRO A 277 32.20 -27.54 -2.47
CA PRO A 277 33.41 -28.20 -2.96
C PRO A 277 34.70 -27.46 -2.59
N THR A 278 34.74 -26.15 -2.82
CA THR A 278 36.00 -25.41 -2.80
C THR A 278 36.11 -24.46 -1.61
N GLY A 279 36.57 -24.98 -0.48
CA GLY A 279 36.84 -24.16 0.71
C GLY A 279 38.32 -24.21 1.05
N ILE A 280 38.91 -23.06 1.38
CA ILE A 280 40.35 -23.02 1.63
C ILE A 280 40.79 -24.06 2.67
N TYR A 281 41.80 -24.87 2.35
CA TYR A 281 42.16 -26.02 3.20
C TYR A 281 42.33 -25.67 4.69
N GLY A 282 43.12 -24.64 4.97
CA GLY A 282 43.41 -24.26 6.36
C GLY A 282 42.22 -23.79 7.17
N VAL A 283 41.71 -22.60 6.79
CA VAL A 283 40.66 -21.88 7.52
C VAL A 283 39.27 -22.29 7.07
N GLY A 284 39.13 -22.46 5.76
CA GLY A 284 37.88 -22.93 5.17
C GLY A 284 37.01 -21.81 4.64
N CYS A 285 37.56 -20.63 4.40
CA CYS A 285 36.75 -19.57 3.78
C CYS A 285 36.62 -19.78 2.30
N LEU A 286 35.44 -19.42 1.80
CA LEU A 286 35.02 -19.79 0.46
C LEU A 286 35.95 -19.36 -0.65
N ILE A 287 36.15 -20.25 -1.62
CA ILE A 287 36.54 -19.86 -2.98
C ILE A 287 35.39 -20.23 -3.91
N THR A 288 34.84 -19.21 -4.53
CA THR A 288 33.66 -19.28 -5.40
C THR A 288 33.64 -20.46 -6.37
N GLU A 289 32.43 -20.91 -6.70
CA GLU A 289 32.25 -21.84 -7.80
C GLU A 289 32.48 -21.07 -9.10
N GLY A 290 32.46 -19.75 -9.00
CA GLY A 290 32.81 -18.90 -10.13
C GLY A 290 34.10 -19.35 -10.78
N SER A 291 35.15 -19.47 -9.97
CA SER A 291 36.46 -19.86 -10.48
C SER A 291 36.36 -21.06 -11.41
N ARG A 292 35.34 -21.89 -11.15
CA ARG A 292 35.09 -23.02 -12.03
C ARG A 292 34.39 -22.64 -13.34
N GLY A 293 33.18 -22.09 -13.26
CA GLY A 293 32.44 -21.68 -14.45
C GLY A 293 33.19 -20.67 -15.29
N GLU A 294 34.18 -20.00 -14.68
CA GLU A 294 35.02 -19.04 -15.39
C GLU A 294 36.11 -19.75 -16.19
N GLY A 295 36.33 -21.04 -15.92
CA GLY A 295 37.27 -21.89 -16.69
C GLY A 295 38.29 -22.71 -15.89
N GLY A 296 38.18 -22.62 -14.55
CA GLY A 296 39.08 -23.36 -13.62
C GLY A 296 38.60 -24.77 -13.31
N PHE A 297 39.45 -25.56 -12.65
CA PHE A 297 39.12 -26.95 -12.30
C PHE A 297 39.85 -27.51 -11.08
N LEU A 298 39.38 -28.67 -10.63
CA LEU A 298 39.96 -29.40 -9.51
C LEU A 298 41.00 -30.36 -10.04
N VAL A 299 42.03 -30.61 -9.23
CA VAL A 299 43.15 -31.50 -9.59
C VAL A 299 43.62 -32.31 -8.37
N ASN A 300 43.96 -33.59 -8.58
CA ASN A 300 44.43 -34.46 -7.48
C ASN A 300 45.95 -34.58 -7.39
N SER A 301 46.42 -35.66 -6.79
CA SER A 301 47.85 -35.88 -6.60
C SER A 301 48.57 -36.21 -7.91
N GLU A 302 47.94 -37.00 -8.78
CA GLU A 302 48.55 -37.37 -10.07
C GLU A 302 48.76 -36.18 -11.04
N GLY A 303 47.82 -35.24 -11.03
CA GLY A 303 47.73 -34.16 -12.02
C GLY A 303 46.48 -34.28 -12.88
N GLU A 304 45.77 -35.39 -12.69
CA GLU A 304 44.55 -35.72 -13.42
C GLU A 304 43.46 -34.68 -13.12
N ARG A 305 42.85 -34.17 -14.20
CA ARG A 305 41.63 -33.39 -14.08
C ARG A 305 40.50 -34.38 -13.80
N PHE A 306 40.43 -34.80 -12.53
CA PHE A 306 39.62 -35.96 -12.13
C PHE A 306 38.09 -35.89 -12.37
N MET A 307 37.50 -34.70 -12.27
CA MET A 307 36.04 -34.57 -12.41
C MET A 307 35.48 -35.18 -13.69
N GLU A 308 36.34 -35.36 -14.69
CA GLU A 308 35.95 -35.90 -15.99
C GLU A 308 35.35 -37.30 -15.87
N ARG A 309 35.85 -38.06 -14.89
CA ARG A 309 35.43 -39.44 -14.62
C ARG A 309 34.21 -39.51 -13.73
N TYR A 310 34.19 -38.68 -12.68
CA TYR A 310 33.06 -38.67 -11.77
C TYR A 310 31.83 -38.04 -12.41
N ALA A 311 32.03 -37.28 -13.47
CA ALA A 311 30.96 -36.75 -14.30
C ALA A 311 31.53 -36.44 -15.67
N PRO A 312 31.05 -37.16 -16.69
CA PRO A 312 31.70 -36.94 -17.97
C PRO A 312 31.25 -35.65 -18.64
N LYS A 313 29.94 -35.41 -18.71
CA LYS A 313 29.41 -34.24 -19.44
C LYS A 313 29.74 -32.87 -18.81
N ALA A 314 29.10 -32.52 -17.69
CA ALA A 314 29.26 -31.18 -17.03
C ALA A 314 30.51 -31.02 -16.13
N LYS A 315 31.24 -32.11 -15.92
CA LYS A 315 32.58 -32.07 -15.34
C LYS A 315 32.64 -31.21 -14.08
N ASP A 316 33.68 -30.38 -13.98
CA ASP A 316 33.93 -29.48 -12.85
C ASP A 316 32.77 -28.55 -12.54
N LEU A 317 31.78 -28.56 -13.42
CA LEU A 317 30.55 -27.83 -13.22
C LEU A 317 29.33 -28.74 -13.06
N ALA A 318 29.51 -29.80 -12.28
CA ALA A 318 28.38 -30.58 -11.79
C ALA A 318 27.86 -29.99 -10.47
N SER A 319 26.68 -30.44 -10.05
CA SER A 319 26.10 -29.99 -8.79
C SER A 319 27.12 -30.18 -7.68
N ARG A 320 26.92 -29.47 -6.59
CA ARG A 320 27.96 -29.36 -5.58
C ARG A 320 27.89 -30.56 -4.64
N ASP A 321 26.81 -31.31 -4.72
CA ASP A 321 26.76 -32.56 -3.98
C ASP A 321 27.67 -33.61 -4.65
N VAL A 322 27.45 -33.84 -5.95
CA VAL A 322 28.26 -34.75 -6.78
C VAL A 322 29.76 -34.44 -6.63
N VAL A 323 30.09 -33.17 -6.78
CA VAL A 323 31.49 -32.74 -6.81
C VAL A 323 32.19 -32.90 -5.47
N SER A 324 31.59 -32.35 -4.40
CA SER A 324 32.16 -32.46 -3.06
C SER A 324 32.41 -33.89 -2.68
N ARG A 325 31.49 -34.76 -3.13
CA ARG A 325 31.61 -36.20 -3.00
C ARG A 325 32.83 -36.73 -3.75
N ALA A 326 32.80 -36.61 -5.08
CA ALA A 326 33.96 -36.90 -5.91
C ALA A 326 35.30 -36.55 -5.21
N GLU A 327 35.42 -35.31 -4.76
CA GLU A 327 36.62 -34.88 -4.05
C GLU A 327 36.95 -35.82 -2.90
N THR A 328 35.98 -36.05 -2.03
CA THR A 328 36.16 -36.84 -0.80
C THR A 328 36.52 -38.30 -1.10
N ILE A 329 35.91 -38.89 -2.14
CA ILE A 329 36.37 -40.18 -2.70
C ILE A 329 37.86 -40.14 -3.20
N GLU A 330 38.17 -39.21 -4.10
CA GLU A 330 39.57 -38.97 -4.50
C GLU A 330 40.52 -38.82 -3.32
N ILE A 331 40.15 -38.01 -2.33
CA ILE A 331 40.92 -37.82 -1.09
C ILE A 331 41.18 -39.14 -0.36
N MET A 332 40.09 -39.86 -0.09
CA MET A 332 40.10 -41.07 0.75
C MET A 332 40.67 -42.29 0.01
N GLU A 333 40.57 -42.29 -1.33
CA GLU A 333 41.16 -43.36 -2.15
C GLU A 333 42.60 -43.05 -2.53
N GLY A 334 43.24 -42.18 -1.72
CA GLY A 334 44.69 -41.96 -1.76
C GLY A 334 45.21 -40.71 -2.45
N ARG A 335 44.54 -40.33 -3.54
CA ARG A 335 44.97 -39.25 -4.44
C ARG A 335 44.85 -37.83 -3.89
N GLY A 336 44.80 -37.68 -2.56
CA GLY A 336 44.79 -36.35 -1.95
C GLY A 336 46.05 -35.57 -2.25
N VAL A 337 46.10 -34.30 -1.85
CA VAL A 337 47.25 -33.44 -2.16
C VAL A 337 47.83 -32.75 -0.94
N GLY A 338 49.06 -32.25 -1.09
CA GLY A 338 49.78 -31.57 -0.01
C GLY A 338 50.35 -32.50 1.06
N PRO A 339 50.83 -31.93 2.18
CA PRO A 339 51.55 -32.65 3.26
C PRO A 339 50.81 -33.90 3.82
N GLU A 340 49.50 -33.82 3.93
CA GLU A 340 48.72 -34.89 4.54
C GLU A 340 47.86 -35.59 3.50
N LYS A 341 48.01 -35.17 2.25
CA LYS A 341 47.27 -35.75 1.11
C LYS A 341 45.77 -35.78 1.39
N ASP A 342 45.25 -34.71 2.01
CA ASP A 342 43.89 -34.71 2.59
C ASP A 342 42.94 -33.65 2.04
N HIS A 343 43.44 -32.86 1.08
CA HIS A 343 42.63 -31.95 0.28
C HIS A 343 43.02 -32.03 -1.21
N ILE A 344 42.20 -31.46 -2.10
CA ILE A 344 42.60 -31.36 -3.51
C ILE A 344 43.00 -29.91 -3.92
N TYR A 345 43.39 -29.73 -5.18
CA TYR A 345 43.77 -28.41 -5.70
C TYR A 345 42.74 -27.82 -6.64
N LEU A 346 42.49 -26.51 -6.48
CA LEU A 346 41.70 -25.73 -7.42
C LEU A 346 42.70 -24.93 -8.22
N GLN A 347 42.87 -25.32 -9.48
CA GLN A 347 43.89 -24.73 -10.31
C GLN A 347 43.30 -23.66 -11.22
N LEU A 348 43.79 -22.44 -11.03
CA LEU A 348 43.32 -21.30 -11.78
C LEU A 348 44.43 -20.68 -12.62
N HIS A 349 45.69 -21.04 -12.32
CA HIS A 349 46.85 -20.44 -13.02
C HIS A 349 46.88 -20.55 -14.58
N HIS A 350 46.16 -21.53 -15.13
CA HIS A 350 46.10 -21.72 -16.58
C HIS A 350 45.25 -20.67 -17.32
N LEU A 351 44.70 -19.71 -16.56
CA LEU A 351 43.75 -18.71 -17.10
C LEU A 351 44.33 -17.30 -17.25
N PRO A 352 44.03 -16.66 -18.41
CA PRO A 352 44.50 -15.32 -18.76
C PRO A 352 44.50 -14.32 -17.58
N ALA A 353 45.70 -13.87 -17.17
CA ALA A 353 45.87 -13.03 -15.98
C ALA A 353 44.92 -11.83 -15.88
N GLU A 354 44.56 -11.25 -17.03
CA GLU A 354 43.59 -10.13 -17.16
C GLU A 354 42.19 -10.43 -16.65
N GLN A 355 41.55 -11.40 -17.31
CA GLN A 355 40.23 -11.90 -16.95
C GLN A 355 40.19 -12.53 -15.53
N LEU A 356 41.34 -12.99 -15.08
CA LEU A 356 41.47 -13.50 -13.71
C LEU A 356 41.38 -12.38 -12.69
N HIS A 357 41.91 -11.20 -13.03
CA HIS A 357 41.74 -9.98 -12.20
C HIS A 357 40.35 -9.36 -12.37
N GLN A 358 39.91 -9.14 -13.61
CA GLN A 358 38.64 -8.45 -13.82
C GLN A 358 37.38 -9.28 -13.49
N ARG A 359 37.58 -10.56 -13.12
CA ARG A 359 36.45 -11.43 -12.77
C ARG A 359 36.51 -12.11 -11.41
N LEU A 360 37.69 -12.19 -10.79
CA LEU A 360 37.83 -12.87 -9.49
C LEU A 360 38.72 -12.13 -8.43
N PRO A 361 38.56 -10.80 -8.28
CA PRO A 361 39.57 -10.03 -7.57
C PRO A 361 39.73 -10.36 -6.08
N GLY A 362 38.62 -10.77 -5.43
CA GLY A 362 38.58 -10.97 -3.98
C GLY A 362 39.10 -12.33 -3.55
N ILE A 363 38.65 -13.36 -4.26
CA ILE A 363 39.26 -14.67 -4.08
C ILE A 363 40.74 -14.61 -4.45
N SER A 364 41.07 -14.05 -5.62
CA SER A 364 42.47 -13.81 -6.02
C SER A 364 43.27 -13.37 -4.82
N GLU A 365 42.65 -12.46 -4.05
CA GLU A 365 43.27 -11.80 -2.90
C GLU A 365 43.22 -12.62 -1.63
N THR A 366 42.02 -13.07 -1.24
CA THR A 366 41.93 -13.83 0.02
C THR A 366 42.70 -15.16 -0.09
N ALA A 367 43.13 -15.50 -1.31
CA ALA A 367 43.99 -16.67 -1.53
C ALA A 367 45.43 -16.30 -1.14
N LYS A 368 45.83 -15.08 -1.50
CA LYS A 368 47.12 -14.53 -1.11
C LYS A 368 47.20 -14.25 0.39
N ILE A 369 46.08 -13.85 1.01
CA ILE A 369 46.11 -13.55 2.43
C ILE A 369 46.07 -14.81 3.28
N PHE A 370 45.29 -15.81 2.87
CA PHE A 370 44.99 -16.94 3.77
C PHE A 370 45.74 -18.21 3.49
N ALA A 371 45.87 -18.53 2.21
CA ALA A 371 46.64 -19.66 1.77
C ALA A 371 48.02 -19.15 1.47
N GLY A 372 48.17 -17.82 1.47
CA GLY A 372 49.39 -17.21 0.95
C GLY A 372 49.67 -17.76 -0.43
N VAL A 373 48.72 -17.59 -1.34
CA VAL A 373 48.83 -18.22 -2.66
C VAL A 373 48.64 -17.23 -3.80
N ASP A 374 49.60 -17.20 -4.73
CA ASP A 374 49.43 -16.44 -5.95
C ASP A 374 48.60 -17.19 -7.00
N VAL A 375 47.36 -16.78 -7.23
CA VAL A 375 46.44 -17.53 -8.12
C VAL A 375 46.84 -17.64 -9.61
N THR A 376 47.62 -16.66 -10.09
CA THR A 376 48.10 -16.65 -11.47
C THR A 376 49.19 -17.70 -11.74
N LYS A 377 49.84 -18.20 -10.67
CA LYS A 377 51.01 -19.11 -10.79
C LYS A 377 50.95 -20.46 -10.05
N GLU A 378 50.08 -20.58 -9.04
CA GLU A 378 49.89 -21.83 -8.27
C GLU A 378 48.40 -22.16 -8.04
N PRO A 379 48.10 -23.38 -7.55
CA PRO A 379 46.69 -23.65 -7.24
C PRO A 379 46.30 -23.28 -5.80
N ILE A 380 44.99 -23.21 -5.54
CA ILE A 380 44.44 -23.04 -4.18
C ILE A 380 44.14 -24.40 -3.48
N PRO A 381 44.66 -24.57 -2.25
CA PRO A 381 44.33 -25.75 -1.43
C PRO A 381 42.86 -25.74 -0.96
N VAL A 382 42.05 -26.61 -1.55
CA VAL A 382 40.62 -26.60 -1.24
C VAL A 382 40.06 -27.95 -0.83
N ILE A 383 39.02 -27.91 -0.01
CA ILE A 383 38.45 -29.09 0.63
C ILE A 383 36.98 -28.77 0.88
N PRO A 384 36.10 -29.72 0.55
CA PRO A 384 34.68 -29.42 0.79
C PRO A 384 34.45 -28.87 2.20
N THR A 385 33.68 -27.79 2.32
CA THR A 385 33.27 -27.30 3.63
C THR A 385 31.79 -26.92 3.72
N VAL A 386 31.21 -27.22 4.88
CA VAL A 386 29.80 -26.96 5.23
C VAL A 386 29.48 -25.54 4.87
N HIS A 387 28.41 -25.38 4.10
CA HIS A 387 28.15 -24.10 3.44
C HIS A 387 26.75 -23.46 3.66
N TYR A 388 25.74 -24.11 3.07
CA TYR A 388 24.36 -23.65 3.02
C TYR A 388 23.44 -24.71 3.65
N ASN A 389 22.33 -24.26 4.24
CA ASN A 389 21.38 -25.16 4.92
C ASN A 389 19.99 -25.26 4.27
N MET A 390 19.84 -26.10 3.23
CA MET A 390 18.54 -26.19 2.58
C MET A 390 17.42 -26.28 3.62
N GLY A 391 17.63 -27.12 4.62
CA GLY A 391 16.70 -27.27 5.75
C GLY A 391 16.35 -25.98 6.47
N GLY A 392 15.27 -26.01 7.25
CA GLY A 392 14.86 -24.84 8.02
C GLY A 392 13.39 -24.83 8.35
N ILE A 393 12.83 -23.62 8.51
CA ILE A 393 11.44 -23.40 8.95
C ILE A 393 10.51 -23.65 7.76
N PRO A 394 9.61 -24.67 7.85
CA PRO A 394 8.76 -25.02 6.69
C PRO A 394 7.75 -23.92 6.28
N THR A 395 7.46 -23.81 4.98
CA THR A 395 6.46 -22.86 4.46
C THR A 395 5.71 -23.41 3.25
N ASN A 396 4.66 -22.71 2.82
CA ASN A 396 4.12 -22.86 1.45
C ASN A 396 4.76 -21.84 0.46
N TYR A 397 4.43 -21.93 -0.83
CA TYR A 397 4.96 -20.93 -1.79
C TYR A 397 4.63 -19.48 -1.33
N LYS A 398 3.57 -19.34 -0.54
CA LYS A 398 3.21 -18.02 0.01
C LYS A 398 4.17 -17.59 1.13
N ALA A 399 5.16 -18.43 1.42
CA ALA A 399 6.17 -18.19 2.47
C ALA A 399 5.61 -18.06 3.89
N GLN A 400 4.54 -18.81 4.17
CA GLN A 400 3.95 -18.88 5.53
C GLN A 400 4.29 -20.20 6.22
N VAL A 401 4.73 -20.07 7.48
CA VAL A 401 5.13 -21.17 8.33
C VAL A 401 4.02 -22.20 8.58
N ILE A 402 4.36 -23.46 8.42
CA ILE A 402 3.39 -24.53 8.48
C ILE A 402 3.70 -25.54 9.59
N LYS A 403 2.61 -26.10 10.14
CA LYS A 403 2.65 -27.28 11.00
C LYS A 403 1.82 -28.32 10.27
N TYR A 404 2.41 -29.48 10.01
CA TYR A 404 1.77 -30.50 9.20
C TYR A 404 1.38 -31.68 10.06
N THR A 405 0.09 -31.96 10.16
CA THR A 405 -0.31 -33.25 10.72
C THR A 405 -0.77 -34.13 9.55
N LYS A 406 -0.63 -35.45 9.70
CA LYS A 406 -1.00 -36.37 8.61
C LYS A 406 -2.50 -36.31 8.30
N GLU A 407 -3.31 -36.14 9.34
CA GLU A 407 -4.77 -36.08 9.25
C GLU A 407 -5.28 -34.89 8.43
N GLY A 408 -4.91 -33.68 8.84
CA GLY A 408 -5.39 -32.47 8.16
C GLY A 408 -4.35 -31.60 7.46
N GLY A 409 -3.68 -32.16 6.45
CA GLY A 409 -2.66 -31.47 5.64
C GLY A 409 -1.79 -30.49 6.42
N ASP A 410 -1.08 -29.63 5.68
CA ASP A 410 -0.36 -28.52 6.30
C ASP A 410 -1.32 -27.39 6.67
N LYS A 411 -1.48 -27.14 7.97
CA LYS A 411 -2.17 -25.92 8.42
C LYS A 411 -1.19 -24.83 8.84
N ILE A 412 -1.48 -23.60 8.40
CA ILE A 412 -0.61 -22.44 8.56
C ILE A 412 -0.62 -21.89 9.99
N VAL A 413 0.57 -21.62 10.51
CA VAL A 413 0.71 -20.91 11.76
C VAL A 413 0.34 -19.47 11.43
N PRO A 414 -0.75 -18.97 12.03
CA PRO A 414 -1.17 -17.60 11.82
C PRO A 414 -0.08 -16.55 12.01
N GLY A 415 0.06 -15.73 10.96
CA GLY A 415 0.87 -14.51 11.00
C GLY A 415 2.34 -14.73 11.28
N LEU A 416 2.85 -15.90 10.85
CA LEU A 416 4.28 -16.19 10.88
C LEU A 416 4.79 -16.56 9.48
N TYR A 417 5.87 -15.86 9.10
CA TYR A 417 6.47 -15.92 7.77
C TYR A 417 7.99 -16.18 7.85
N ALA A 418 8.53 -16.95 6.90
CA ALA A 418 9.99 -17.17 6.85
C ALA A 418 10.56 -17.20 5.43
N CYS A 419 11.81 -16.71 5.28
CA CYS A 419 12.51 -16.69 3.99
C CYS A 419 14.04 -16.67 4.08
N GLY A 420 14.71 -17.02 2.98
CA GLY A 420 16.17 -17.09 2.94
C GLY A 420 16.71 -18.46 3.32
N GLU A 421 17.88 -18.49 3.95
CA GLU A 421 18.56 -19.74 4.25
C GLU A 421 17.75 -20.56 5.26
N CYS A 422 17.18 -19.81 6.21
CA CYS A 422 16.54 -20.35 7.41
C CYS A 422 15.15 -20.90 7.17
N ALA A 423 14.64 -20.71 5.96
CA ALA A 423 13.33 -21.24 5.62
C ALA A 423 13.49 -22.50 4.79
N CYS A 424 12.40 -23.24 4.68
CA CYS A 424 12.33 -24.40 3.81
C CYS A 424 11.00 -24.40 3.10
N HIS A 425 10.93 -23.67 1.98
CA HIS A 425 9.81 -23.75 1.06
C HIS A 425 10.11 -25.02 0.30
N SER A 426 11.26 -25.59 0.68
CA SER A 426 12.21 -26.33 -0.17
C SER A 426 12.09 -26.04 -1.64
N VAL A 427 12.83 -25.02 -2.02
CA VAL A 427 13.06 -24.64 -3.40
C VAL A 427 14.37 -25.30 -3.82
N HIS A 428 15.11 -25.75 -2.80
CA HIS A 428 16.43 -26.29 -3.03
C HIS A 428 16.43 -27.79 -2.95
N GLY A 429 15.45 -28.35 -2.25
CA GLY A 429 15.31 -29.79 -2.13
C GLY A 429 16.41 -30.43 -1.31
N ALA A 430 17.09 -31.40 -1.93
CA ALA A 430 18.17 -32.16 -1.31
C ALA A 430 19.52 -31.54 -1.59
N ASN A 431 19.52 -30.57 -2.50
CA ASN A 431 20.75 -29.90 -2.96
C ASN A 431 20.53 -28.53 -3.64
N ARG A 432 20.75 -27.46 -2.87
CA ARG A 432 20.71 -26.09 -3.41
C ARG A 432 21.71 -25.89 -4.54
N LEU A 433 21.14 -25.44 -5.65
CA LEU A 433 21.84 -25.08 -6.85
C LEU A 433 22.67 -23.81 -6.61
N GLY A 434 23.91 -23.81 -7.11
CA GLY A 434 24.79 -22.68 -6.89
C GLY A 434 24.09 -21.42 -7.34
N ALA A 435 24.07 -20.40 -6.48
CA ALA A 435 23.52 -19.09 -6.81
C ALA A 435 22.01 -19.04 -6.99
N ASN A 436 21.31 -20.06 -6.51
CA ASN A 436 19.89 -19.91 -6.32
C ASN A 436 19.57 -19.36 -4.94
N SER A 437 20.60 -18.95 -4.20
CA SER A 437 20.44 -18.62 -2.80
C SER A 437 20.15 -17.17 -2.53
N LEU A 438 20.79 -16.28 -3.31
CA LEU A 438 20.53 -14.84 -3.21
C LEU A 438 19.29 -14.52 -4.01
N LEU A 439 18.95 -15.41 -4.95
CA LEU A 439 17.70 -15.32 -5.70
C LEU A 439 16.57 -15.66 -4.72
N ASP A 440 16.58 -16.89 -4.23
CA ASP A 440 15.73 -17.30 -3.11
C ASP A 440 15.66 -16.23 -2.01
N ALA A 441 16.77 -15.60 -1.65
CA ALA A 441 16.68 -14.55 -0.63
C ALA A 441 15.78 -13.41 -1.09
N VAL A 442 16.20 -12.70 -2.13
CA VAL A 442 15.45 -11.56 -2.69
C VAL A 442 14.02 -11.92 -3.15
N VAL A 443 13.89 -13.04 -3.89
CA VAL A 443 12.58 -13.37 -4.47
C VAL A 443 11.49 -13.52 -3.44
N PHE A 444 11.76 -14.37 -2.43
CA PHE A 444 10.80 -14.68 -1.34
C PHE A 444 10.75 -13.58 -0.27
N GLY A 445 11.84 -12.82 -0.15
CA GLY A 445 11.79 -11.52 0.51
C GLY A 445 10.66 -10.70 -0.11
N ARG A 446 10.88 -10.23 -1.34
CA ARG A 446 9.84 -9.62 -2.17
C ARG A 446 8.48 -10.31 -1.95
N ALA A 447 8.49 -11.64 -1.97
CA ALA A 447 7.26 -12.44 -1.83
C ALA A 447 6.57 -12.16 -0.51
N CYS A 448 7.32 -12.17 0.59
CA CYS A 448 6.74 -11.84 1.89
C CYS A 448 5.92 -10.57 1.81
N SER A 449 6.54 -9.48 1.39
CA SER A 449 5.85 -8.20 1.33
C SER A 449 4.66 -8.21 0.37
N ILE A 450 4.83 -8.84 -0.78
CA ILE A 450 3.71 -8.99 -1.71
C ILE A 450 2.60 -9.80 -1.06
N ASN A 451 2.96 -10.88 -0.39
CA ASN A 451 1.95 -11.77 0.09
C ASN A 451 1.28 -11.29 1.36
N ILE A 452 1.95 -10.40 2.10
CA ILE A 452 1.38 -9.85 3.33
C ILE A 452 0.44 -8.69 3.07
N LYS A 453 0.63 -8.00 1.95
CA LYS A 453 -0.29 -6.92 1.57
C LYS A 453 -1.67 -7.52 1.22
N GLU A 454 -1.65 -8.65 0.50
CA GLU A 454 -2.87 -9.34 0.07
C GLU A 454 -3.66 -10.01 1.17
N GLU A 455 -3.03 -10.35 2.30
CA GLU A 455 -3.72 -11.14 3.36
C GLU A 455 -3.96 -10.43 4.73
N LEU A 456 -3.01 -9.60 5.17
CA LEU A 456 -3.21 -8.76 6.35
C LEU A 456 -4.09 -7.67 5.85
N LYS A 457 -5.26 -7.50 6.48
CA LYS A 457 -6.18 -6.43 6.10
C LYS A 457 -6.44 -5.52 7.28
N PRO A 458 -6.25 -4.20 7.09
CA PRO A 458 -5.85 -3.36 8.21
C PRO A 458 -7.00 -3.06 9.15
N ASP A 459 -8.11 -3.76 8.97
CA ASP A 459 -9.16 -3.82 9.96
C ASP A 459 -8.61 -4.52 11.23
N GLU A 460 -7.91 -5.63 11.00
CA GLU A 460 -7.21 -6.41 12.03
C GLU A 460 -6.16 -5.54 12.71
N LYS A 461 -6.37 -5.29 13.99
CA LYS A 461 -5.55 -4.38 14.78
C LYS A 461 -4.33 -5.10 15.38
N ILE A 462 -3.40 -4.34 15.97
CA ILE A 462 -2.17 -4.89 16.53
C ILE A 462 -2.48 -5.66 17.81
N PRO A 463 -2.12 -6.96 17.86
CA PRO A 463 -2.55 -7.87 18.93
C PRO A 463 -2.12 -7.40 20.30
N GLU A 464 -2.88 -7.80 21.33
CA GLU A 464 -2.53 -7.54 22.73
C GLU A 464 -1.62 -8.65 23.23
N LEU A 465 -0.85 -8.39 24.29
CA LEU A 465 0.11 -9.39 24.77
C LEU A 465 -0.40 -10.26 25.91
N PRO A 466 -0.45 -11.59 25.71
CA PRO A 466 -0.88 -12.57 26.71
C PRO A 466 -0.29 -12.28 28.07
N GLU A 467 -1.06 -12.45 29.15
CA GLU A 467 -0.58 -12.07 30.48
C GLU A 467 0.89 -12.48 30.61
N GLY A 468 1.77 -11.48 30.71
CA GLY A 468 3.23 -11.67 30.83
C GLY A 468 3.86 -12.69 29.87
N ALA A 469 3.80 -12.38 28.56
CA ALA A 469 4.30 -13.26 27.51
C ALA A 469 5.81 -13.28 27.49
N GLY A 470 6.36 -14.47 27.18
CA GLY A 470 7.80 -14.68 27.10
C GLY A 470 8.49 -14.14 28.34
N GLU A 471 7.89 -14.39 29.48
CA GLU A 471 8.53 -14.12 30.77
C GLU A 471 9.58 -15.21 31.01
N GLU A 472 9.42 -16.31 30.26
CA GLU A 472 10.28 -17.48 30.34
C GLU A 472 11.49 -17.35 29.40
N SER A 473 11.31 -16.65 28.28
CA SER A 473 12.43 -16.34 27.41
C SER A 473 13.38 -15.50 28.24
N ILE A 474 12.83 -14.52 28.95
CA ILE A 474 13.63 -13.69 29.84
C ILE A 474 14.21 -14.52 30.99
N ALA A 475 13.52 -15.59 31.37
CA ALA A 475 14.04 -16.48 32.40
C ALA A 475 15.32 -17.21 31.97
N ASN A 476 15.19 -18.08 30.94
CA ASN A 476 16.31 -18.77 30.30
C ASN A 476 17.52 -17.87 30.05
N LEU A 477 17.28 -16.56 30.01
CA LEU A 477 18.36 -15.58 29.90
C LEU A 477 19.05 -15.38 31.25
N ASP A 478 18.26 -15.27 32.30
CA ASP A 478 18.86 -15.16 33.62
C ASP A 478 19.70 -16.39 33.93
N ALA A 479 19.16 -17.57 33.65
CA ALA A 479 19.88 -18.82 33.91
C ALA A 479 21.24 -18.95 33.21
N VAL A 480 21.33 -18.44 31.99
CA VAL A 480 22.56 -18.50 31.21
C VAL A 480 23.47 -17.33 31.54
N ARG A 481 22.87 -16.23 31.99
CA ARG A 481 23.64 -15.06 32.38
C ARG A 481 24.53 -15.40 33.56
N TYR A 482 23.91 -15.87 34.65
CA TYR A 482 24.61 -16.24 35.87
C TYR A 482 25.01 -17.73 35.91
N ALA A 483 24.97 -18.40 34.76
CA ALA A 483 25.42 -19.81 34.61
C ALA A 483 26.73 -20.08 35.34
N ASN A 484 26.79 -21.24 35.98
CA ASN A 484 27.74 -21.49 37.06
C ASN A 484 28.15 -22.97 37.17
N GLY A 485 27.86 -23.74 36.13
CA GLY A 485 28.26 -25.14 36.05
C GLY A 485 29.76 -25.34 36.01
N ASP A 486 30.17 -26.55 35.59
CA ASP A 486 31.59 -26.90 35.54
C ASP A 486 32.17 -26.83 34.16
N VAL A 487 31.32 -26.87 33.14
CA VAL A 487 31.74 -26.86 31.71
C VAL A 487 31.55 -25.50 31.02
N PRO A 488 32.68 -24.84 30.64
CA PRO A 488 32.51 -23.56 29.95
C PRO A 488 31.71 -23.68 28.63
N THR A 489 31.06 -22.58 28.25
CA THR A 489 30.33 -22.42 26.98
C THR A 489 31.28 -22.61 25.77
N ALA A 490 32.48 -22.04 25.88
CA ALA A 490 33.52 -22.24 24.88
C ALA A 490 33.68 -23.72 24.55
N GLU A 491 33.63 -24.52 25.59
CA GLU A 491 34.16 -25.86 25.56
C GLU A 491 33.13 -26.78 24.99
N LEU A 492 31.88 -26.41 25.17
CA LEU A 492 30.79 -27.27 24.78
C LEU A 492 30.60 -27.13 23.28
N ARG A 493 30.76 -25.91 22.81
CA ARG A 493 30.60 -25.58 21.41
C ARG A 493 31.59 -26.36 20.53
N LEU A 494 32.77 -26.64 21.09
CA LEU A 494 33.85 -27.26 20.33
C LEU A 494 33.58 -28.74 20.05
N THR A 495 33.16 -29.48 21.09
CA THR A 495 32.92 -30.91 20.89
C THR A 495 31.65 -31.12 20.07
N MET A 496 30.67 -30.27 20.31
CA MET A 496 29.46 -30.39 19.53
C MET A 496 29.80 -30.15 18.07
N GLN A 497 30.73 -29.23 17.80
CA GLN A 497 31.18 -28.99 16.44
C GLN A 497 31.94 -30.18 15.89
N LYS A 498 32.85 -30.71 16.70
CA LYS A 498 33.71 -31.78 16.27
C LYS A 498 32.92 -33.08 15.98
N THR A 499 31.93 -33.36 16.83
CA THR A 499 31.19 -34.62 16.73
C THR A 499 30.30 -34.58 15.50
N MET A 500 29.77 -33.39 15.25
CA MET A 500 29.00 -33.13 14.06
C MET A 500 29.91 -33.33 12.85
N GLN A 501 31.15 -32.87 12.99
CA GLN A 501 32.11 -32.93 11.90
C GLN A 501 32.41 -34.38 11.48
N LYS A 502 32.60 -35.26 12.46
CA LYS A 502 32.84 -36.68 12.17
C LYS A 502 31.55 -37.35 11.71
N HIS A 503 30.53 -37.27 12.55
CA HIS A 503 29.39 -38.17 12.47
C HIS A 503 28.30 -37.77 11.49
N ALA A 504 28.48 -36.63 10.83
CA ALA A 504 27.44 -36.12 9.95
C ALA A 504 27.96 -35.56 8.60
N GLY A 505 29.26 -35.78 8.34
CA GLY A 505 29.97 -35.27 7.14
C GLY A 505 29.46 -35.75 5.79
N VAL A 506 30.31 -35.70 4.76
CA VAL A 506 29.83 -35.97 3.40
C VAL A 506 29.15 -37.32 3.25
N PHE A 507 29.90 -38.38 3.58
CA PHE A 507 29.49 -39.80 3.49
C PHE A 507 29.25 -40.38 4.89
N ARG A 508 28.07 -40.94 5.14
CA ARG A 508 27.67 -41.37 6.50
C ARG A 508 27.18 -42.84 6.56
N ARG A 509 27.37 -43.50 7.71
CA ARG A 509 26.89 -44.90 7.94
C ARG A 509 25.90 -45.04 9.10
N GLY A 510 24.89 -45.90 8.89
CA GLY A 510 23.82 -46.11 9.87
C GLY A 510 24.24 -46.19 11.34
N ASP A 511 25.46 -46.66 11.57
CA ASP A 511 26.02 -46.81 12.92
C ASP A 511 26.81 -45.57 13.30
N ILE A 512 27.73 -45.16 12.42
CA ILE A 512 28.53 -43.93 12.62
C ILE A 512 27.60 -42.76 12.92
N LEU A 513 26.38 -42.83 12.39
CA LEU A 513 25.36 -41.88 12.73
C LEU A 513 24.83 -42.13 14.13
N ALA A 514 24.23 -43.31 14.32
CA ALA A 514 23.65 -43.67 15.60
C ALA A 514 24.60 -43.30 16.74
N GLU A 515 25.88 -43.44 16.44
CA GLU A 515 27.03 -43.22 17.31
C GLU A 515 27.26 -41.73 17.60
N GLY A 516 26.94 -40.88 16.62
CA GLY A 516 27.00 -39.44 16.80
C GLY A 516 25.81 -39.00 17.62
N VAL A 517 24.62 -39.44 17.19
CA VAL A 517 23.35 -39.18 17.87
C VAL A 517 23.45 -39.35 19.40
N LYS A 518 24.14 -40.41 19.82
CA LYS A 518 24.29 -40.67 21.24
C LYS A 518 25.16 -39.60 21.87
N LYS A 519 26.34 -39.39 21.29
CA LYS A 519 27.24 -38.37 21.78
C LYS A 519 26.53 -37.01 21.79
N MET A 520 25.57 -36.86 20.89
CA MET A 520 24.95 -35.57 20.67
C MET A 520 23.95 -35.25 21.77
N MET A 521 23.07 -36.20 22.04
CA MET A 521 22.04 -36.04 23.08
C MET A 521 22.69 -35.83 24.42
N ASP A 522 23.86 -36.45 24.59
CA ASP A 522 24.69 -36.31 25.79
C ASP A 522 25.11 -34.86 26.03
N LEU A 523 25.20 -34.07 24.96
CA LEU A 523 25.51 -32.66 25.13
C LEU A 523 24.28 -31.81 25.51
N SER A 524 23.15 -32.01 24.83
CA SER A 524 21.91 -31.29 25.18
C SER A 524 21.69 -31.52 26.68
N LYS A 525 22.23 -32.63 27.16
CA LYS A 525 22.23 -32.96 28.56
C LYS A 525 23.20 -32.07 29.29
N GLU A 526 24.44 -32.04 28.79
CA GLU A 526 25.53 -31.28 29.40
C GLU A 526 25.29 -29.79 29.49
N LEU A 527 24.20 -29.36 28.85
CA LEU A 527 23.76 -27.98 28.81
C LEU A 527 23.46 -27.38 30.20
N LYS A 528 23.01 -28.24 31.12
CA LYS A 528 22.68 -27.82 32.50
C LYS A 528 23.93 -27.38 33.24
N ARG A 529 25.04 -28.03 32.90
CA ARG A 529 26.32 -27.79 33.56
C ARG A 529 27.09 -26.63 32.93
N LEU A 530 26.37 -25.64 32.41
CA LEU A 530 26.97 -24.55 31.62
C LEU A 530 27.65 -23.47 32.47
N LYS A 531 28.77 -22.95 31.98
CA LYS A 531 29.61 -22.04 32.72
C LYS A 531 29.95 -20.82 31.86
N THR A 532 29.60 -19.65 32.38
CA THR A 532 29.96 -18.34 31.82
C THR A 532 30.67 -17.53 32.91
N THR A 533 31.24 -16.39 32.53
CA THR A 533 31.94 -15.58 33.52
C THR A 533 31.30 -14.21 33.62
N ASP A 534 30.93 -13.68 32.46
CA ASP A 534 30.49 -12.29 32.37
C ASP A 534 29.08 -12.10 32.93
N ARG A 535 28.97 -11.19 33.87
CA ARG A 535 27.73 -11.01 34.58
C ARG A 535 26.96 -9.78 34.08
N SER A 536 27.49 -9.14 33.05
CA SER A 536 26.96 -7.86 32.58
C SER A 536 25.81 -7.96 31.57
N LEU A 537 25.11 -6.86 31.32
CA LEU A 537 24.14 -6.80 30.21
C LEU A 537 24.67 -5.97 29.04
N ILE A 538 25.27 -4.84 29.39
CA ILE A 538 25.86 -3.95 28.41
C ILE A 538 26.86 -4.75 27.62
N TRP A 539 26.48 -5.03 26.37
CA TRP A 539 27.26 -5.80 25.42
C TRP A 539 27.92 -6.99 26.09
N ASN A 540 27.09 -7.93 26.52
CA ASN A 540 27.65 -9.19 26.95
C ASN A 540 27.89 -10.13 25.78
N SER A 541 29.08 -10.03 25.21
CA SER A 541 29.50 -10.90 24.12
C SER A 541 29.34 -12.36 24.57
N ASP A 542 30.00 -12.73 25.66
CA ASP A 542 29.92 -14.07 26.22
C ASP A 542 28.46 -14.52 26.27
N LEU A 543 27.64 -13.79 27.05
CA LEU A 543 26.23 -14.16 27.28
C LEU A 543 25.50 -14.49 26.01
N THR A 544 25.69 -13.67 24.97
CA THR A 544 24.98 -13.88 23.73
C THR A 544 25.48 -15.11 22.95
N GLU A 545 26.79 -15.34 22.88
CA GLU A 545 27.30 -16.57 22.26
C GLU A 545 26.76 -17.87 22.91
N SER A 546 26.35 -17.76 24.18
CA SER A 546 25.93 -18.93 24.97
C SER A 546 24.48 -19.15 24.64
N LEU A 547 23.79 -18.04 24.40
CA LEU A 547 22.44 -18.13 23.89
C LEU A 547 22.48 -18.80 22.53
N GLU A 548 23.53 -18.50 21.77
CA GLU A 548 23.70 -19.07 20.44
C GLU A 548 23.99 -20.54 20.60
N LEU A 549 24.95 -20.86 21.47
CA LEU A 549 25.28 -22.27 21.76
C LEU A 549 24.05 -23.13 22.04
N GLN A 550 23.13 -22.60 22.84
CA GLN A 550 21.79 -23.16 22.97
C GLN A 550 21.16 -23.41 21.59
N ASN A 551 21.07 -22.35 20.79
CA ASN A 551 20.28 -22.37 19.56
C ASN A 551 20.85 -23.37 18.55
N LEU A 552 22.18 -23.47 18.51
CA LEU A 552 22.82 -24.44 17.61
C LEU A 552 22.49 -25.88 17.99
N MET A 553 22.68 -26.20 19.25
CA MET A 553 22.36 -27.52 19.81
C MET A 553 21.01 -28.03 19.30
N LEU A 554 19.99 -27.16 19.37
CA LEU A 554 18.69 -27.51 18.80
C LEU A 554 18.83 -27.95 17.32
N ASN A 555 19.49 -27.11 16.51
CA ASN A 555 19.70 -27.42 15.11
C ASN A 555 20.49 -28.71 14.95
N ALA A 556 21.64 -28.76 15.61
CA ALA A 556 22.54 -29.90 15.48
C ALA A 556 21.81 -31.21 15.72
N THR A 557 21.63 -31.59 17.00
CA THR A 557 20.83 -32.77 17.36
C THR A 557 19.86 -33.11 16.25
N GLN A 558 18.84 -32.26 16.07
CA GLN A 558 17.82 -32.47 15.05
C GLN A 558 18.41 -32.93 13.72
N THR A 559 19.33 -32.16 13.16
CA THR A 559 20.04 -32.52 11.92
C THR A 559 20.45 -34.02 11.88
N ILE A 560 21.18 -34.42 12.91
CA ILE A 560 21.80 -35.74 13.03
C ILE A 560 20.80 -36.89 13.19
N VAL A 561 19.63 -36.63 13.79
CA VAL A 561 18.64 -37.69 14.03
C VAL A 561 17.79 -37.81 12.79
N ALA A 562 17.68 -36.69 12.07
CA ALA A 562 16.96 -36.62 10.81
C ALA A 562 17.79 -37.38 9.80
N ALA A 563 19.10 -37.20 9.91
CA ALA A 563 20.03 -37.86 9.04
C ALA A 563 20.10 -39.35 9.35
N GLU A 564 20.17 -39.66 10.65
CA GLU A 564 20.31 -41.03 11.18
C GLU A 564 19.24 -42.00 10.65
N ASN A 565 18.08 -41.43 10.32
CA ASN A 565 16.89 -42.17 9.91
C ASN A 565 16.67 -42.28 8.39
N ARG A 566 17.22 -41.36 7.61
CA ARG A 566 17.06 -41.43 6.14
C ARG A 566 17.89 -42.56 5.49
N LYS A 567 17.23 -43.64 5.12
CA LYS A 567 17.92 -44.83 4.58
C LYS A 567 17.86 -44.89 3.04
N GLU A 568 18.50 -43.89 2.44
CA GLU A 568 18.58 -43.63 1.00
C GLU A 568 19.67 -42.60 0.80
N SER A 569 20.23 -42.52 -0.40
CA SER A 569 21.14 -41.42 -0.70
C SER A 569 20.50 -40.47 -1.69
N ARG A 570 20.44 -39.19 -1.33
CA ARG A 570 19.76 -38.17 -2.13
C ARG A 570 20.32 -36.77 -1.95
N GLY A 571 20.63 -36.12 -3.08
CA GLY A 571 21.28 -34.82 -3.07
C GLY A 571 22.54 -34.85 -2.21
N ALA A 572 22.53 -34.09 -1.14
CA ALA A 572 23.72 -33.90 -0.32
C ALA A 572 23.77 -34.87 0.88
N HIS A 573 22.90 -35.88 0.88
CA HIS A 573 22.79 -36.82 2.00
C HIS A 573 23.03 -38.25 1.53
N ALA A 574 24.26 -38.74 1.68
CA ALA A 574 24.68 -40.00 1.05
C ALA A 574 25.08 -41.07 2.04
N ARG A 575 24.23 -42.09 2.18
CA ARG A 575 24.51 -43.21 3.05
C ARG A 575 25.28 -44.28 2.24
N ASP A 576 26.40 -44.78 2.79
CA ASP A 576 27.14 -45.92 2.24
C ASP A 576 26.32 -47.22 2.35
N ASP A 577 25.46 -47.26 3.37
CA ASP A 577 24.56 -48.39 3.65
C ASP A 577 23.25 -48.42 2.81
N PHE A 578 22.98 -47.34 2.10
CA PHE A 578 21.83 -47.23 1.21
C PHE A 578 22.26 -46.25 0.13
N PRO A 579 23.07 -46.71 -0.84
CA PRO A 579 23.50 -45.80 -1.91
C PRO A 579 22.32 -45.33 -2.77
N LYS A 580 21.32 -46.20 -2.94
CA LYS A 580 20.16 -45.88 -3.74
C LYS A 580 19.38 -44.66 -3.27
N ARG A 581 18.80 -43.97 -4.25
CA ARG A 581 17.78 -42.98 -4.01
C ARG A 581 16.46 -43.72 -3.88
N GLU A 582 15.75 -43.54 -2.77
CA GLU A 582 14.55 -44.35 -2.52
C GLU A 582 13.24 -43.66 -2.88
N ASP A 583 12.90 -43.71 -4.16
CA ASP A 583 11.70 -43.06 -4.69
C ASP A 583 10.52 -44.01 -4.61
N GLU A 584 9.35 -43.59 -5.10
CA GLU A 584 8.19 -44.49 -5.19
C GLU A 584 8.54 -45.60 -6.16
N TYR A 585 8.58 -45.26 -7.44
CA TYR A 585 9.10 -46.21 -8.43
C TYR A 585 10.62 -46.30 -8.35
N ASP A 586 11.17 -47.35 -8.98
CA ASP A 586 12.55 -47.35 -9.41
C ASP A 586 12.48 -46.70 -10.78
N TYR A 587 13.07 -45.51 -10.88
CA TYR A 587 13.02 -44.70 -12.09
C TYR A 587 14.16 -45.09 -13.03
N SER A 588 14.70 -46.29 -12.82
CA SER A 588 15.66 -46.85 -13.75
C SER A 588 14.96 -47.67 -14.84
N LYS A 589 13.73 -48.12 -14.56
CA LYS A 589 13.01 -49.03 -15.46
C LYS A 589 11.59 -48.57 -15.86
N PRO A 590 11.20 -48.80 -17.15
CA PRO A 590 10.03 -48.29 -17.89
C PRO A 590 8.89 -47.62 -17.11
N ILE A 591 8.56 -48.13 -15.93
CA ILE A 591 7.46 -47.65 -15.10
C ILE A 591 6.13 -48.29 -15.49
N GLU A 592 5.97 -48.69 -16.76
CA GLU A 592 4.71 -49.31 -17.18
C GLU A 592 4.45 -50.55 -16.32
N GLY A 593 3.37 -50.46 -15.54
CA GLY A 593 2.99 -51.51 -14.60
C GLY A 593 4.14 -51.82 -13.66
N GLN A 594 4.30 -50.97 -12.66
CA GLN A 594 5.23 -51.19 -11.59
C GLN A 594 4.32 -50.74 -10.45
N THR A 595 4.34 -51.45 -9.33
CA THR A 595 3.46 -51.04 -8.23
C THR A 595 4.08 -49.93 -7.42
N LYS A 596 3.33 -48.84 -7.29
CA LYS A 596 3.79 -47.66 -6.59
C LYS A 596 3.97 -47.96 -5.11
N ARG A 597 5.21 -47.90 -4.66
CA ARG A 597 5.49 -48.09 -3.26
C ARG A 597 4.74 -47.06 -2.42
N PRO A 598 4.21 -47.49 -1.26
CA PRO A 598 3.43 -46.60 -0.40
C PRO A 598 4.31 -45.56 0.26
N PHE A 599 3.67 -44.50 0.76
CA PHE A 599 4.37 -43.40 1.40
C PHE A 599 5.29 -43.87 2.55
N GLU A 600 4.93 -44.98 3.19
CA GLU A 600 5.63 -45.42 4.38
C GLU A 600 6.88 -46.19 4.05
N LYS A 601 7.10 -46.46 2.77
CA LYS A 601 8.15 -47.39 2.35
C LYS A 601 9.26 -46.74 1.56
N HIS A 602 8.94 -45.61 0.92
CA HIS A 602 9.91 -44.84 0.12
C HIS A 602 10.39 -43.53 0.78
N TRP A 603 11.38 -42.89 0.18
CA TRP A 603 12.03 -41.76 0.84
C TRP A 603 11.86 -40.34 0.22
N ARG A 604 11.06 -40.21 -0.83
CA ARG A 604 10.69 -38.89 -1.38
C ARG A 604 9.64 -38.16 -0.54
N LYS A 605 10.10 -37.68 0.61
CA LYS A 605 9.28 -37.01 1.57
C LYS A 605 10.20 -36.14 2.37
N HIS A 606 9.71 -35.00 2.86
CA HIS A 606 10.52 -34.12 3.72
C HIS A 606 10.59 -34.63 5.14
N THR A 607 11.78 -34.74 5.66
CA THR A 607 11.96 -34.98 7.08
C THR A 607 11.43 -33.79 7.89
N LEU A 608 10.90 -34.06 9.06
CA LEU A 608 10.15 -33.06 9.78
C LEU A 608 10.30 -33.33 11.28
N THR A 609 11.42 -32.83 11.84
CA THR A 609 11.77 -33.06 13.24
C THR A 609 10.97 -32.15 14.17
N LYS A 610 10.34 -32.74 15.18
CA LYS A 610 9.63 -32.00 16.21
C LYS A 610 10.35 -32.15 17.54
N GLN A 611 11.10 -31.15 17.96
CA GLN A 611 11.88 -31.25 19.20
C GLN A 611 11.24 -30.58 20.42
N ASP A 612 11.11 -31.33 21.51
CA ASP A 612 10.73 -30.73 22.78
C ASP A 612 11.97 -30.05 23.37
N PRO A 613 11.94 -28.72 23.49
CA PRO A 613 13.17 -28.01 23.84
C PRO A 613 13.72 -28.23 25.25
N ARG A 614 12.92 -28.62 26.23
CA ARG A 614 13.51 -28.83 27.57
C ARG A 614 14.17 -30.21 27.81
N THR A 615 13.53 -31.30 27.36
CA THR A 615 14.24 -32.59 27.40
C THR A 615 15.10 -32.76 26.16
N GLY A 616 14.62 -32.26 25.03
CA GLY A 616 15.30 -32.45 23.78
C GLY A 616 14.96 -33.78 23.15
N HIS A 617 13.78 -34.31 23.45
CA HIS A 617 13.28 -35.48 22.70
C HIS A 617 12.99 -34.98 21.29
N ILE A 618 13.20 -35.84 20.28
CA ILE A 618 12.83 -35.48 18.92
C ILE A 618 11.97 -36.59 18.34
N THR A 619 10.71 -36.31 18.04
CA THR A 619 9.92 -37.23 17.22
C THR A 619 10.03 -36.81 15.77
N LEU A 620 10.00 -37.78 14.85
CA LEU A 620 10.01 -37.44 13.44
C LEU A 620 8.58 -37.28 12.87
N ASP A 621 8.40 -37.64 11.60
CA ASP A 621 7.17 -37.45 10.80
C ASP A 621 7.60 -36.94 9.43
N TYR A 622 6.80 -37.22 8.41
CA TYR A 622 7.24 -37.06 7.03
C TYR A 622 6.17 -36.47 6.13
N ARG A 623 6.40 -35.24 5.67
CA ARG A 623 5.49 -34.50 4.78
C ARG A 623 5.71 -34.86 3.31
N PRO A 624 4.62 -35.07 2.55
CA PRO A 624 4.79 -35.40 1.12
C PRO A 624 5.43 -34.27 0.37
N VAL A 625 6.17 -34.58 -0.69
CA VAL A 625 6.77 -33.53 -1.52
C VAL A 625 5.75 -33.03 -2.54
N ILE A 626 5.64 -31.70 -2.67
CA ILE A 626 4.66 -31.08 -3.58
C ILE A 626 5.12 -31.21 -5.04
N ASP A 627 4.26 -31.77 -5.88
CA ASP A 627 4.65 -32.11 -7.28
C ASP A 627 3.97 -31.34 -8.41
N LYS A 628 2.95 -30.55 -8.05
CA LYS A 628 2.21 -29.66 -8.94
C LYS A 628 2.85 -28.26 -8.97
N THR A 629 2.93 -27.65 -10.16
CA THR A 629 3.42 -26.28 -10.29
C THR A 629 2.39 -25.26 -9.73
N LEU A 630 2.47 -24.00 -10.15
CA LEU A 630 1.51 -23.00 -9.70
C LEU A 630 0.28 -22.93 -10.63
N ASP A 631 0.49 -23.30 -11.89
CA ASP A 631 -0.52 -23.24 -12.93
C ASP A 631 0.06 -24.09 -14.05
N PRO A 632 -0.52 -25.29 -14.26
CA PRO A 632 0.07 -26.31 -15.13
C PRO A 632 0.01 -25.93 -16.60
N ALA A 633 -0.64 -24.79 -16.89
CA ALA A 633 -0.73 -24.22 -18.23
C ALA A 633 0.50 -23.39 -18.58
N GLU A 634 1.04 -22.69 -17.57
CA GLU A 634 2.23 -21.88 -17.74
C GLU A 634 3.52 -22.71 -17.87
N VAL A 635 3.76 -23.59 -16.90
CA VAL A 635 4.82 -24.61 -17.02
C VAL A 635 4.36 -25.95 -16.44
N ASP A 636 4.60 -27.01 -17.19
CA ASP A 636 4.16 -28.38 -16.84
C ASP A 636 5.13 -28.99 -15.83
N TRP A 637 4.62 -29.80 -14.91
CA TRP A 637 5.46 -30.39 -13.85
C TRP A 637 6.59 -31.26 -14.45
N ILE A 638 7.72 -31.34 -13.76
CA ILE A 638 8.87 -32.14 -14.25
C ILE A 638 9.02 -33.49 -13.50
N PRO A 639 8.82 -34.64 -14.22
CA PRO A 639 8.83 -35.95 -13.55
C PRO A 639 10.26 -36.44 -13.28
N PRO A 640 10.48 -37.13 -12.15
CA PRO A 640 11.78 -37.64 -11.71
C PRO A 640 12.58 -38.40 -12.77
N ILE A 641 13.90 -38.42 -12.64
CA ILE A 641 14.75 -39.34 -13.40
C ILE A 641 16.06 -39.59 -12.68
N ILE A 642 16.82 -40.56 -13.20
CA ILE A 642 18.15 -40.94 -12.75
C ILE A 642 19.10 -39.76 -12.91
N ARG A 643 19.54 -39.23 -11.76
CA ARG A 643 20.26 -37.95 -11.64
C ARG A 643 21.74 -38.04 -11.94
N SER A 644 22.09 -37.91 -13.20
CA SER A 644 23.50 -37.88 -13.54
C SER A 644 23.91 -36.49 -14.01
N TYR A 645 25.21 -36.24 -13.98
CA TYR A 645 25.76 -34.97 -14.46
C TYR A 645 26.95 -35.11 -15.43
N LYS B 33 58.41 -22.62 24.64
CA LYS B 33 57.50 -22.32 23.49
C LYS B 33 57.30 -20.79 23.22
N ARG B 34 56.40 -20.44 22.30
CA ARG B 34 56.19 -19.03 21.91
C ARG B 34 55.04 -18.28 22.58
N ILE B 35 55.38 -17.57 23.65
CA ILE B 35 54.45 -16.67 24.31
C ILE B 35 54.51 -15.32 23.57
N LYS B 36 53.42 -15.01 22.88
CA LYS B 36 53.16 -13.64 22.44
C LYS B 36 52.37 -12.93 23.54
N THR B 37 52.68 -11.66 23.73
CA THR B 37 52.02 -10.91 24.74
C THR B 37 51.24 -9.82 23.99
N PHE B 38 49.93 -9.74 24.24
CA PHE B 38 49.09 -8.65 23.71
C PHE B 38 48.66 -7.71 24.83
N GLU B 39 48.64 -6.42 24.54
CA GLU B 39 48.14 -5.39 25.46
C GLU B 39 46.87 -4.72 24.96
N ILE B 40 45.75 -4.95 25.66
CA ILE B 40 44.42 -4.60 25.14
C ILE B 40 43.66 -3.58 25.98
N TYR B 41 43.12 -2.58 25.30
CA TYR B 41 42.21 -1.61 25.89
C TYR B 41 41.10 -2.37 26.61
N ARG B 42 40.81 -2.00 27.86
CA ARG B 42 39.65 -2.56 28.58
C ARG B 42 38.77 -1.52 29.28
N PHE B 43 37.47 -1.69 29.18
CA PHE B 43 36.53 -0.76 29.81
C PHE B 43 35.21 -1.42 30.16
N ASN B 44 34.87 -1.36 31.44
CA ASN B 44 33.56 -1.81 31.88
C ASN B 44 32.71 -0.63 32.31
N PRO B 45 31.61 -0.36 31.56
CA PRO B 45 30.67 0.72 31.86
C PRO B 45 29.77 0.37 33.04
N GLU B 46 29.69 -0.92 33.35
CA GLU B 46 28.91 -1.41 34.47
C GLU B 46 29.66 -1.29 35.79
N GLU B 47 30.99 -1.44 35.74
CA GLU B 47 31.87 -1.11 36.87
C GLU B 47 31.55 0.34 37.31
N PRO B 48 31.16 0.53 38.60
CA PRO B 48 30.62 1.82 39.10
C PRO B 48 31.58 3.02 38.96
N GLY B 49 31.48 3.70 37.81
CA GLY B 49 32.42 4.76 37.42
C GLY B 49 33.89 4.31 37.37
N ALA B 50 34.16 3.16 36.74
CA ALA B 50 35.52 2.67 36.53
C ALA B 50 36.23 3.54 35.50
N LYS B 51 37.48 3.22 35.21
CA LYS B 51 38.20 3.91 34.17
C LYS B 51 38.74 2.90 33.15
N PRO B 52 39.14 3.37 31.96
CA PRO B 52 39.95 2.56 31.06
C PRO B 52 41.23 2.03 31.70
N LYS B 53 41.66 0.86 31.24
CA LYS B 53 42.98 0.28 31.51
C LYS B 53 43.42 -0.56 30.30
N LEU B 54 44.72 -0.79 30.18
CA LEU B 54 45.26 -1.84 29.31
C LEU B 54 45.41 -3.07 30.18
N GLN B 55 45.42 -4.25 29.58
CA GLN B 55 45.50 -5.52 30.31
C GLN B 55 46.30 -6.52 29.47
N LYS B 56 47.42 -7.01 29.98
CA LYS B 56 48.27 -7.92 29.21
C LYS B 56 47.71 -9.33 29.13
N PHE B 57 47.75 -9.93 27.94
CA PHE B 57 47.33 -11.32 27.72
C PHE B 57 48.40 -12.14 26.98
N ASP B 58 48.64 -13.36 27.46
CA ASP B 58 49.71 -14.15 26.91
C ASP B 58 49.18 -15.30 26.10
N VAL B 59 49.76 -15.49 24.92
CA VAL B 59 49.23 -16.44 23.96
C VAL B 59 50.30 -17.29 23.27
N ASP B 60 50.19 -18.60 23.46
CA ASP B 60 51.09 -19.54 22.82
C ASP B 60 50.69 -19.60 21.34
N LEU B 61 51.58 -19.15 20.47
CA LEU B 61 51.24 -18.98 19.06
C LEU B 61 51.17 -20.28 18.24
N ASP B 62 51.61 -21.39 18.81
CA ASP B 62 51.53 -22.68 18.11
C ASP B 62 50.26 -23.42 18.52
N LYS B 63 49.66 -22.96 19.61
CA LYS B 63 48.37 -23.46 20.05
C LYS B 63 47.32 -22.42 19.61
N CYS B 64 47.72 -21.47 18.76
CA CYS B 64 46.81 -20.40 18.30
C CYS B 64 46.76 -20.24 16.78
N GLY B 65 45.80 -19.46 16.32
CA GLY B 65 45.70 -19.11 14.92
C GLY B 65 46.74 -18.08 14.54
N THR B 66 46.61 -17.58 13.29
CA THR B 66 47.63 -16.82 12.57
C THR B 66 47.37 -15.31 12.53
N MET B 67 46.09 -14.91 12.67
CA MET B 67 45.64 -13.50 12.60
C MET B 67 45.13 -13.00 13.97
N VAL B 68 45.26 -11.69 14.21
CA VAL B 68 44.88 -11.09 15.49
C VAL B 68 43.49 -11.51 16.06
N LEU B 69 42.47 -11.56 15.21
CA LEU B 69 41.12 -11.99 15.62
C LEU B 69 41.14 -13.37 16.26
N ASP B 70 41.89 -14.31 15.67
CA ASP B 70 42.08 -15.65 16.21
C ASP B 70 42.52 -15.52 17.66
N ALA B 71 43.59 -14.76 17.86
CA ALA B 71 44.17 -14.50 19.19
C ALA B 71 43.21 -13.80 20.14
N LEU B 72 42.31 -12.96 19.62
CA LEU B 72 41.25 -12.39 20.47
C LEU B 72 40.27 -13.53 20.85
N ILE B 73 39.67 -14.16 19.83
CA ILE B 73 38.75 -15.29 20.01
C ILE B 73 39.31 -16.28 21.03
N LYS B 74 40.59 -16.59 20.87
CA LYS B 74 41.28 -17.50 21.76
C LYS B 74 41.29 -16.97 23.19
N ILE B 75 41.73 -15.73 23.38
CA ILE B 75 41.96 -15.27 24.75
C ILE B 75 40.69 -14.80 25.43
N LYS B 76 39.56 -15.23 24.88
CA LYS B 76 38.24 -14.94 25.39
C LYS B 76 37.55 -16.27 25.61
N ASN B 77 38.00 -17.26 24.83
CA ASN B 77 37.52 -18.63 24.92
C ASN B 77 38.45 -19.51 25.73
N GLU B 78 39.46 -18.93 26.37
CA GLU B 78 40.44 -19.70 27.15
C GLU B 78 40.96 -18.99 28.39
N VAL B 79 41.09 -17.68 28.30
CA VAL B 79 41.65 -16.92 29.39
C VAL B 79 40.56 -16.12 30.08
N ASP B 80 39.89 -15.23 29.34
CA ASP B 80 39.01 -14.21 29.94
C ASP B 80 37.81 -13.83 29.03
N PRO B 81 36.71 -14.57 29.15
CA PRO B 81 35.51 -14.36 28.35
C PRO B 81 34.78 -13.04 28.55
N THR B 82 35.32 -12.14 29.39
CA THR B 82 34.76 -10.79 29.49
C THR B 82 35.42 -9.82 28.50
N LEU B 83 36.21 -10.37 27.57
CA LEU B 83 36.81 -9.57 26.51
C LEU B 83 35.81 -9.40 25.40
N THR B 84 35.50 -8.16 25.03
CA THR B 84 34.42 -7.88 24.09
C THR B 84 34.84 -7.06 22.87
N PHE B 85 34.51 -7.62 21.70
CA PHE B 85 34.87 -7.08 20.38
C PHE B 85 33.90 -7.59 19.32
N ARG B 86 33.59 -6.78 18.31
CA ARG B 86 32.69 -7.24 17.21
C ARG B 86 33.44 -8.13 16.23
N ARG B 87 32.74 -9.07 15.60
CA ARG B 87 33.29 -9.86 14.49
C ARG B 87 32.20 -10.67 13.84
N SER B 88 32.47 -11.28 12.70
CA SER B 88 31.50 -12.15 12.09
C SER B 88 32.08 -12.99 11.01
N CYS B 89 32.75 -12.33 10.07
CA CYS B 89 32.94 -12.94 8.77
C CYS B 89 34.18 -13.77 8.65
N ARG B 90 35.19 -13.50 9.48
CA ARG B 90 36.43 -14.30 9.48
C ARG B 90 37.34 -14.27 8.18
N GLU B 91 37.01 -13.40 7.21
CA GLU B 91 37.80 -13.25 5.97
C GLU B 91 37.85 -11.79 5.51
N GLY B 92 37.53 -10.91 6.47
CA GLY B 92 37.61 -9.45 6.37
C GLY B 92 36.70 -8.82 5.34
N ILE B 93 35.44 -9.23 5.33
CA ILE B 93 34.52 -8.74 4.31
C ILE B 93 33.21 -8.14 4.89
N CYS B 94 32.94 -8.44 6.15
CA CYS B 94 31.83 -7.80 6.91
C CYS B 94 32.10 -6.35 7.43
N GLY B 95 33.31 -6.11 7.94
CA GLY B 95 33.71 -4.80 8.48
C GLY B 95 33.72 -4.68 10.01
N SER B 96 33.32 -5.78 10.64
CA SER B 96 32.93 -5.80 12.00
C SER B 96 34.08 -5.49 12.95
N CYS B 97 35.21 -6.10 12.65
CA CYS B 97 36.27 -6.21 13.62
C CYS B 97 37.33 -5.11 13.50
N ALA B 98 36.99 -4.04 12.79
CA ALA B 98 37.89 -2.94 12.64
C ALA B 98 38.24 -2.39 14.02
N MET B 99 39.53 -2.20 14.28
CA MET B 99 40.04 -1.66 15.55
C MET B 99 41.45 -1.15 15.25
N ASN B 100 42.10 -0.55 16.26
CA ASN B 100 43.49 -0.10 16.09
C ASN B 100 44.53 -1.04 16.68
N ILE B 101 45.18 -1.78 15.79
CA ILE B 101 46.22 -2.71 16.17
C ILE B 101 47.59 -2.13 15.84
N ALA B 102 48.55 -2.26 16.76
CA ALA B 102 49.95 -1.97 16.45
C ALA B 102 50.09 -0.54 15.97
N GLY B 103 49.20 0.32 16.45
CA GLY B 103 49.23 1.72 16.06
C GLY B 103 48.30 2.19 14.92
N GLU B 104 48.06 1.35 13.90
CA GLU B 104 47.14 1.75 12.82
C GLU B 104 45.82 0.99 12.76
N ASN B 105 44.86 1.55 12.01
CA ASN B 105 43.51 1.01 12.02
C ASN B 105 43.40 -0.06 11.01
N THR B 106 42.88 -1.22 11.40
CA THR B 106 42.74 -2.30 10.45
C THR B 106 41.69 -3.35 10.86
N LEU B 107 41.64 -4.47 10.13
CA LEU B 107 40.70 -5.53 10.45
C LEU B 107 41.36 -6.68 11.20
N ALA B 108 40.99 -6.85 12.47
CA ALA B 108 41.55 -7.90 13.29
C ALA B 108 41.63 -9.20 12.49
N CYS B 109 40.61 -9.49 11.70
CA CYS B 109 40.49 -10.78 11.03
C CYS B 109 41.47 -11.05 9.92
N ILE B 110 42.13 -10.00 9.44
CA ILE B 110 43.01 -10.15 8.29
C ILE B 110 44.37 -9.49 8.43
N CYS B 111 44.74 -9.01 9.61
CA CYS B 111 46.12 -8.60 9.79
C CYS B 111 46.86 -9.64 10.63
N ASN B 112 48.07 -9.97 10.16
CA ASN B 112 48.84 -11.08 10.72
C ASN B 112 49.36 -10.81 12.11
N ILE B 113 49.35 -11.82 12.98
CA ILE B 113 49.93 -11.63 14.32
C ILE B 113 51.42 -11.58 14.14
N ASP B 114 52.03 -10.57 14.78
CA ASP B 114 53.47 -10.29 14.73
C ASP B 114 54.28 -11.32 15.53
N GLN B 115 55.02 -12.17 14.80
CA GLN B 115 55.62 -13.34 15.42
C GLN B 115 56.89 -13.11 16.26
N ASN B 116 57.42 -11.89 16.20
CA ASN B 116 58.53 -11.43 17.07
C ASN B 116 58.04 -11.29 18.52
N THR B 117 58.30 -12.35 19.30
CA THR B 117 57.68 -12.53 20.62
C THR B 117 58.29 -11.63 21.71
N SER B 118 59.41 -10.97 21.38
CA SER B 118 60.06 -9.98 22.24
C SER B 118 59.32 -8.64 22.25
N LYS B 119 58.86 -8.20 21.07
CA LYS B 119 57.93 -7.06 20.94
C LYS B 119 56.52 -7.39 21.47
N THR B 120 55.69 -6.36 21.60
CA THR B 120 54.40 -6.54 22.26
C THR B 120 53.28 -5.77 21.53
N THR B 121 52.48 -6.51 20.75
CA THR B 121 51.44 -5.98 19.83
C THR B 121 50.23 -5.42 20.60
N LYS B 122 50.01 -4.10 20.56
CA LYS B 122 48.97 -3.47 21.41
C LYS B 122 47.68 -2.94 20.73
N ILE B 123 46.54 -3.40 21.24
CA ILE B 123 45.27 -3.33 20.55
C ILE B 123 44.29 -2.36 21.21
N TYR B 124 43.87 -1.32 20.47
CA TYR B 124 42.86 -0.34 20.91
C TYR B 124 41.62 -0.34 19.98
N PRO B 125 40.49 0.29 20.40
CA PRO B 125 39.32 0.45 19.52
C PRO B 125 39.48 1.60 18.51
N LEU B 126 38.60 1.70 17.51
CA LEU B 126 38.75 2.74 16.47
C LEU B 126 39.03 4.07 17.13
N PRO B 127 40.15 4.69 16.78
CA PRO B 127 40.52 5.88 17.54
C PRO B 127 39.46 6.99 17.52
N HIS B 128 39.29 7.63 18.67
CA HIS B 128 38.35 8.75 18.89
C HIS B 128 36.89 8.40 18.67
N MET B 129 36.48 7.20 19.00
CA MET B 129 35.04 6.90 19.02
C MET B 129 34.59 6.72 20.45
N PHE B 130 33.30 6.83 20.72
CA PHE B 130 32.80 6.64 22.08
C PHE B 130 32.69 5.14 22.33
N VAL B 131 33.27 4.65 23.42
CA VAL B 131 33.40 3.20 23.60
C VAL B 131 32.26 2.63 24.40
N ILE B 132 31.35 1.95 23.74
CA ILE B 132 30.29 1.25 24.45
C ILE B 132 30.92 0.42 25.57
N LYS B 133 31.76 -0.56 25.17
CA LYS B 133 32.48 -1.43 26.11
C LYS B 133 33.64 -2.12 25.39
N ASP B 134 34.84 -2.08 26.00
CA ASP B 134 36.05 -2.77 25.52
C ASP B 134 36.49 -2.36 24.14
N LEU B 135 36.54 -3.30 23.19
CA LEU B 135 36.88 -2.96 21.81
C LEU B 135 35.70 -2.61 20.91
N VAL B 136 34.58 -2.26 21.53
CA VAL B 136 33.38 -1.86 20.83
C VAL B 136 33.12 -0.35 20.91
N PRO B 137 33.20 0.37 19.76
CA PRO B 137 33.01 1.80 19.73
C PRO B 137 31.56 2.07 19.39
N ASP B 138 31.06 3.28 19.59
CA ASP B 138 29.72 3.54 19.09
C ASP B 138 29.80 4.03 17.66
N MET B 139 29.05 3.36 16.80
CA MET B 139 29.19 3.50 15.36
C MET B 139 28.11 4.40 14.74
N ASN B 140 27.02 4.54 15.46
CA ASN B 140 25.82 5.24 15.01
C ASN B 140 25.92 6.60 14.35
N LEU B 141 26.92 7.40 14.72
CA LEU B 141 27.08 8.68 14.03
C LEU B 141 27.50 8.39 12.58
N PHE B 142 28.42 7.44 12.46
CA PHE B 142 28.97 7.02 11.17
C PHE B 142 27.92 6.34 10.29
N TYR B 143 26.93 5.71 10.90
CA TYR B 143 25.85 5.08 10.14
C TYR B 143 24.83 6.10 9.67
N ALA B 144 24.69 7.16 10.47
CA ALA B 144 23.77 8.21 10.15
C ALA B 144 24.29 8.91 8.89
N GLN B 145 25.55 9.31 8.98
CA GLN B 145 26.16 10.08 7.94
C GLN B 145 26.03 9.34 6.64
N TYR B 146 26.31 8.03 6.67
CA TYR B 146 26.19 7.20 5.49
C TYR B 146 24.80 7.35 4.88
N ALA B 147 23.76 7.18 5.70
CA ALA B 147 22.39 7.32 5.20
C ALA B 147 21.99 8.76 4.85
N SER B 148 22.80 9.74 5.22
CA SER B 148 22.57 11.08 4.74
C SER B 148 22.96 11.26 3.26
N ILE B 149 23.91 10.49 2.72
CA ILE B 149 24.26 10.64 1.30
C ILE B 149 23.13 10.13 0.40
N GLN B 150 22.13 9.51 1.03
CA GLN B 150 20.99 8.89 0.33
C GLN B 150 21.56 7.85 -0.62
N PRO B 151 22.14 6.75 -0.07
CA PRO B 151 22.94 5.81 -0.86
C PRO B 151 22.08 4.84 -1.60
N TRP B 152 21.28 5.37 -2.49
CA TRP B 152 20.49 4.54 -3.35
C TRP B 152 20.41 5.15 -4.76
N LEU B 153 20.23 4.31 -5.77
CA LEU B 153 20.08 4.85 -7.10
C LEU B 153 18.80 5.63 -7.09
N GLN B 154 18.88 6.92 -7.41
CA GLN B 154 17.70 7.73 -7.73
C GLN B 154 17.74 8.29 -9.16
N LYS B 155 16.61 8.15 -9.84
CA LYS B 155 16.51 8.43 -11.26
C LYS B 155 15.65 9.70 -11.48
N LYS B 156 15.88 10.44 -12.57
CA LYS B 156 15.14 11.70 -12.84
C LYS B 156 13.71 11.43 -13.29
N THR B 157 13.56 10.57 -14.31
CA THR B 157 12.24 10.17 -14.85
C THR B 157 11.90 8.79 -14.31
N LYS B 158 11.06 8.76 -13.28
CA LYS B 158 10.71 7.51 -12.61
C LYS B 158 10.35 6.41 -13.65
N ILE B 159 10.92 5.22 -13.46
CA ILE B 159 10.72 4.07 -14.34
C ILE B 159 9.92 2.94 -13.64
N ASN B 160 9.31 2.05 -14.44
CA ASN B 160 8.62 0.84 -13.95
C ASN B 160 9.65 -0.16 -13.47
N LEU B 161 9.51 -0.66 -12.24
CA LEU B 161 10.62 -1.35 -11.57
C LEU B 161 11.15 -2.59 -12.29
N GLY B 162 10.44 -3.70 -12.18
CA GLY B 162 10.97 -4.96 -12.69
C GLY B 162 11.20 -5.00 -14.19
N GLU B 163 10.93 -3.91 -14.88
CA GLU B 163 10.74 -3.93 -16.33
C GLU B 163 11.98 -4.23 -17.17
N LYS B 164 12.97 -3.33 -17.18
CA LYS B 164 14.26 -3.65 -17.81
C LYS B 164 15.47 -3.05 -17.15
N GLN B 165 16.61 -3.66 -17.44
CA GLN B 165 17.88 -3.18 -16.96
C GLN B 165 18.22 -1.91 -17.67
N GLN B 166 18.81 -0.99 -16.94
CA GLN B 166 19.26 0.27 -17.49
C GLN B 166 20.61 0.09 -18.15
N TYR B 167 20.83 0.83 -19.23
CA TYR B 167 22.09 0.73 -19.94
C TYR B 167 23.24 1.32 -19.14
N GLN B 168 24.36 0.62 -19.13
CA GLN B 168 25.61 1.16 -18.61
C GLN B 168 26.82 0.54 -19.32
N SER B 169 27.56 1.38 -20.06
CA SER B 169 28.80 0.97 -20.73
C SER B 169 29.72 0.27 -19.77
N ILE B 170 30.46 -0.71 -20.29
CA ILE B 170 31.35 -1.45 -19.40
C ILE B 170 32.38 -0.49 -18.80
N LYS B 171 32.78 0.51 -19.58
CA LYS B 171 33.88 1.39 -19.15
C LYS B 171 33.44 2.43 -18.12
N GLU B 172 32.14 2.74 -18.15
CA GLU B 172 31.48 3.59 -17.14
C GLU B 172 31.00 2.83 -15.90
N GLN B 173 30.62 1.55 -16.02
CA GLN B 173 30.53 0.69 -14.83
C GLN B 173 31.92 0.58 -14.16
N GLU B 174 32.98 0.52 -14.95
CA GLU B 174 34.30 0.46 -14.34
C GLU B 174 34.62 1.73 -13.51
N LYS B 175 33.89 2.82 -13.72
CA LYS B 175 34.14 4.03 -12.92
C LYS B 175 33.80 3.82 -11.43
N LEU B 176 33.02 2.77 -11.14
CA LEU B 176 32.71 2.36 -9.80
C LEU B 176 33.75 1.47 -9.12
N ASP B 177 34.86 1.15 -9.80
CA ASP B 177 35.91 0.29 -9.21
C ASP B 177 36.76 1.02 -8.19
N GLY B 178 36.96 0.41 -7.03
CA GLY B 178 37.67 1.07 -5.97
C GLY B 178 36.73 1.92 -5.14
N LEU B 179 35.47 1.94 -5.59
CA LEU B 179 34.36 2.68 -4.98
C LEU B 179 33.35 1.75 -4.30
N TYR B 180 32.90 0.72 -5.02
CA TYR B 180 31.84 -0.11 -4.51
C TYR B 180 32.34 -1.03 -3.41
N GLU B 181 33.66 -1.24 -3.37
CA GLU B 181 34.19 -2.35 -2.58
C GLU B 181 34.14 -2.11 -1.09
N CYS B 182 34.16 -0.83 -0.71
CA CYS B 182 34.08 -0.39 0.68
C CYS B 182 33.17 -1.21 1.53
N ILE B 183 33.71 -1.72 2.61
CA ILE B 183 32.92 -2.55 3.53
C ILE B 183 32.32 -1.71 4.67
N LEU B 184 32.46 -0.38 4.55
CA LEU B 184 31.81 0.49 5.48
C LEU B 184 32.30 0.15 6.89
N CYS B 185 33.63 0.09 7.03
CA CYS B 185 34.27 -0.47 8.22
C CYS B 185 34.72 0.59 9.24
N ALA B 186 34.92 1.81 8.73
CA ALA B 186 35.28 2.99 9.49
C ALA B 186 36.71 3.01 9.98
N CYS B 187 37.57 2.23 9.34
CA CYS B 187 38.99 2.40 9.61
C CYS B 187 39.46 3.78 9.18
N CYS B 188 39.03 4.25 8.02
CA CYS B 188 39.60 5.48 7.46
C CYS B 188 39.21 6.65 8.34
N SER B 189 37.92 6.86 8.44
CA SER B 189 37.37 7.98 9.15
C SER B 189 38.00 8.07 10.51
N ALA B 190 38.10 6.94 11.22
CA ALA B 190 38.67 6.95 12.58
C ALA B 190 40.18 7.07 12.61
N SER B 191 40.79 7.39 11.49
CA SER B 191 42.21 7.68 11.50
C SER B 191 42.36 9.16 11.17
N CYS B 192 41.31 9.71 10.56
CA CYS B 192 41.31 11.09 10.07
C CYS B 192 41.17 12.11 11.18
N PRO B 193 42.25 12.82 11.49
CA PRO B 193 42.24 13.75 12.63
C PRO B 193 41.25 14.90 12.44
N SER B 194 40.59 14.96 11.30
CA SER B 194 39.64 16.02 11.12
C SER B 194 38.32 15.47 11.52
N TYR B 195 38.03 14.26 11.07
CA TYR B 195 36.89 13.53 11.59
C TYR B 195 37.04 13.37 13.11
N TRP B 196 38.27 13.32 13.61
CA TRP B 196 38.53 13.28 15.05
C TRP B 196 37.90 14.52 15.61
N TRP B 197 38.49 15.66 15.28
CA TRP B 197 38.02 16.91 15.84
C TRP B 197 36.55 17.28 15.54
N ASN B 198 36.07 17.12 14.29
CA ASN B 198 34.71 17.62 13.91
C ASN B 198 33.77 16.62 13.22
N ALA B 199 33.85 15.34 13.60
CA ALA B 199 32.97 14.32 13.05
C ALA B 199 31.50 14.72 12.98
N ASP B 200 31.10 15.70 13.79
CA ASP B 200 29.70 16.15 13.83
C ASP B 200 29.31 17.00 12.61
N LYS B 201 30.29 17.68 12.03
CA LYS B 201 30.03 18.46 10.83
C LYS B 201 30.79 17.84 9.66
N TYR B 202 32.13 17.75 9.76
CA TYR B 202 32.92 17.02 8.78
C TYR B 202 32.36 15.62 8.57
N LEU B 203 32.09 15.28 7.31
CA LEU B 203 31.51 13.98 6.98
C LEU B 203 32.45 12.79 7.14
N GLY B 204 33.76 13.01 6.95
CA GLY B 204 34.73 11.89 6.92
C GLY B 204 34.82 11.06 5.63
N PRO B 205 36.02 10.51 5.36
CA PRO B 205 36.43 9.85 4.11
C PRO B 205 35.53 8.73 3.67
N ALA B 206 35.14 7.86 4.60
CA ALA B 206 34.28 6.73 4.27
C ALA B 206 32.99 7.21 3.62
N VAL B 207 32.15 7.86 4.40
CA VAL B 207 30.94 8.44 3.84
C VAL B 207 31.24 9.24 2.59
N LEU B 208 32.29 10.06 2.61
CA LEU B 208 32.54 10.92 1.46
C LEU B 208 32.78 10.17 0.17
N MET B 209 33.66 9.16 0.22
CA MET B 209 33.94 8.35 -0.95
C MET B 209 32.67 7.72 -1.49
N GLN B 210 31.78 7.38 -0.59
CA GLN B 210 30.54 6.76 -0.99
C GLN B 210 29.57 7.78 -1.55
N ALA B 211 29.65 9.02 -1.08
CA ALA B 211 28.74 10.02 -1.61
C ALA B 211 29.12 10.20 -3.07
N TYR B 212 30.42 10.11 -3.30
CA TYR B 212 31.00 10.14 -4.62
C TYR B 212 30.68 8.92 -5.43
N ARG B 213 30.80 7.75 -4.81
CA ARG B 213 30.37 6.48 -5.41
C ARG B 213 29.05 6.61 -6.18
N TRP B 214 28.15 7.46 -5.68
CA TRP B 214 26.85 7.68 -6.30
C TRP B 214 26.84 8.82 -7.32
N ILE B 215 27.68 9.83 -7.16
CA ILE B 215 27.56 10.91 -8.12
C ILE B 215 28.07 10.47 -9.51
N ILE B 216 29.20 9.75 -9.55
CA ILE B 216 29.78 9.31 -10.83
C ILE B 216 29.15 8.06 -11.39
N ASP B 217 28.15 7.53 -10.70
CA ASP B 217 27.42 6.41 -11.25
C ASP B 217 26.76 7.05 -12.45
N SER B 218 27.00 6.49 -13.64
CA SER B 218 26.41 7.01 -14.88
C SER B 218 24.87 6.92 -14.85
N ARG B 219 24.37 5.95 -14.09
CA ARG B 219 22.94 5.72 -13.95
C ARG B 219 22.26 6.74 -13.01
N ASP B 220 23.03 7.61 -12.37
CA ASP B 220 22.43 8.48 -11.38
C ASP B 220 22.19 9.95 -11.78
N ASP B 221 20.90 10.28 -11.71
CA ASP B 221 20.35 11.55 -12.19
C ASP B 221 20.43 12.71 -11.18
N SER B 222 20.72 12.38 -9.93
CA SER B 222 20.73 13.37 -8.88
C SER B 222 22.09 14.02 -8.70
N ALA B 223 23.05 13.64 -9.55
CA ALA B 223 24.45 14.08 -9.40
C ALA B 223 24.50 15.50 -8.84
N ALA B 224 23.53 16.30 -9.30
CA ALA B 224 23.46 17.75 -9.14
C ALA B 224 23.16 18.26 -7.72
N GLU B 225 22.10 17.72 -7.09
CA GLU B 225 21.78 17.97 -5.67
C GLU B 225 22.44 16.99 -4.73
N ARG B 226 23.19 16.06 -5.29
CA ARG B 226 24.06 15.21 -4.50
C ARG B 226 25.29 16.00 -4.06
N LEU B 227 25.76 16.90 -4.92
CA LEU B 227 26.87 17.77 -4.54
C LEU B 227 26.28 18.90 -3.78
N ALA B 228 25.17 19.41 -4.31
CA ALA B 228 24.42 20.48 -3.64
C ALA B 228 24.29 20.22 -2.14
N ARG B 229 24.26 18.95 -1.74
CA ARG B 229 24.14 18.58 -0.33
C ARG B 229 25.36 18.93 0.55
N MET B 230 26.55 18.54 0.12
CA MET B 230 27.81 18.82 0.82
C MET B 230 28.53 20.02 0.18
N GLN B 231 27.76 21.10 0.05
CA GLN B 231 28.20 22.33 -0.61
C GLN B 231 28.88 23.30 0.34
N ASP B 232 28.94 22.99 1.63
CA ASP B 232 29.35 24.00 2.65
C ASP B 232 30.79 23.92 3.14
N GLY B 233 31.07 24.55 4.27
CA GLY B 233 32.44 24.64 4.82
C GLY B 233 33.02 23.40 5.44
N PHE B 234 32.21 22.67 6.21
CA PHE B 234 32.69 21.49 6.88
C PHE B 234 32.42 20.20 6.09
N SER B 235 31.14 19.92 5.81
CA SER B 235 30.74 18.57 5.47
C SER B 235 31.70 17.94 4.50
N ALA B 236 32.08 18.68 3.46
CA ALA B 236 33.07 18.18 2.49
C ALA B 236 34.44 18.81 2.68
N PHE B 237 34.46 20.13 2.76
CA PHE B 237 35.69 20.91 2.64
C PHE B 237 36.61 20.96 3.85
N LYS B 238 36.21 20.37 4.97
CA LYS B 238 37.14 20.26 6.10
C LYS B 238 38.08 19.07 5.98
N CYS B 239 38.19 18.53 4.76
CA CYS B 239 39.27 17.61 4.44
C CYS B 239 40.57 18.38 4.23
N HIS B 240 41.50 18.19 5.14
CA HIS B 240 42.78 18.86 5.03
C HIS B 240 43.80 18.00 4.33
N THR B 241 43.30 17.06 3.54
CA THR B 241 44.12 16.29 2.60
C THR B 241 45.35 15.80 3.36
N ILE B 242 45.11 14.86 4.28
CA ILE B 242 46.10 14.45 5.29
C ILE B 242 46.70 13.08 4.95
N MET B 243 45.80 12.18 4.54
CA MET B 243 46.10 10.89 3.92
C MET B 243 46.18 9.69 4.88
N ASN B 244 45.44 9.67 5.97
CA ASN B 244 45.40 8.43 6.73
C ASN B 244 44.36 7.53 6.11
N CYS B 245 43.29 8.15 5.60
CA CYS B 245 42.24 7.45 4.89
C CYS B 245 42.78 6.53 3.79
N THR B 246 43.44 7.04 2.76
CA THR B 246 43.99 6.13 1.74
C THR B 246 45.01 5.16 2.34
N LYS B 247 45.96 5.67 3.09
CA LYS B 247 47.00 4.85 3.72
C LYS B 247 46.59 3.75 4.69
N THR B 248 45.39 3.81 5.27
CA THR B 248 44.96 2.81 6.29
C THR B 248 43.96 1.74 5.82
N CYS B 249 43.25 2.02 4.73
CA CYS B 249 42.23 1.12 4.20
C CYS B 249 42.74 -0.30 4.15
N PRO B 250 42.11 -1.22 4.88
CA PRO B 250 42.49 -2.62 4.74
C PRO B 250 42.09 -3.23 3.36
N LYS B 251 41.24 -2.53 2.60
CA LYS B 251 40.75 -3.08 1.35
C LYS B 251 41.46 -2.42 0.18
N HIS B 252 42.50 -1.68 0.54
CA HIS B 252 43.43 -1.09 -0.41
C HIS B 252 42.71 -0.15 -1.35
N LEU B 253 41.66 0.47 -0.81
CA LEU B 253 40.91 1.44 -1.54
C LEU B 253 41.59 2.77 -1.31
N ASN B 254 40.98 3.82 -1.85
CA ASN B 254 41.58 5.13 -1.79
C ASN B 254 40.46 6.14 -1.82
N PRO B 255 40.02 6.60 -0.63
CA PRO B 255 39.05 7.68 -0.47
C PRO B 255 39.67 9.07 -0.66
N ALA B 256 40.95 9.25 -0.35
CA ALA B 256 41.54 10.57 -0.58
C ALA B 256 41.29 11.00 -2.04
N ARG B 257 41.66 10.13 -2.99
CA ARG B 257 41.42 10.34 -4.42
C ARG B 257 39.98 10.76 -4.65
N ALA B 258 39.03 10.05 -4.07
CA ALA B 258 37.65 10.42 -4.28
C ALA B 258 37.20 11.71 -3.53
N ILE B 259 37.79 12.01 -2.38
CA ILE B 259 37.46 13.28 -1.74
C ILE B 259 37.93 14.38 -2.67
N GLY B 260 39.23 14.35 -3.02
CA GLY B 260 39.79 15.24 -4.04
C GLY B 260 38.89 15.41 -5.26
N GLU B 261 38.53 14.29 -5.87
CA GLU B 261 37.66 14.27 -7.05
C GLU B 261 36.31 14.98 -6.85
N ILE B 262 35.81 14.95 -5.61
CA ILE B 262 34.57 15.65 -5.24
C ILE B 262 34.79 17.14 -5.31
N LYS B 263 35.91 17.59 -4.77
CA LYS B 263 36.29 19.01 -4.77
C LYS B 263 36.16 19.65 -6.17
N MET B 264 36.89 19.06 -7.11
CA MET B 264 36.69 19.19 -8.54
C MET B 264 35.25 19.39 -9.03
N LEU B 265 34.29 18.77 -8.34
CA LEU B 265 32.90 18.89 -8.74
C LEU B 265 32.21 20.03 -8.04
N LEU B 266 32.64 20.33 -6.83
CA LEU B 266 32.05 21.43 -6.08
C LEU B 266 32.48 22.74 -6.71
N THR B 267 33.11 22.64 -7.88
CA THR B 267 33.68 23.79 -8.57
C THR B 267 33.70 23.69 -10.12
N LYS B 268 34.73 23.02 -10.61
CA LYS B 268 35.36 23.26 -11.90
C LYS B 268 35.91 21.96 -12.58
N MET B 269 34.94 21.15 -12.96
CA MET B 269 35.11 19.86 -13.60
C MET B 269 33.68 19.39 -13.39
N LYS B 270 32.98 19.12 -14.47
CA LYS B 270 31.61 18.74 -14.36
C LYS B 270 31.57 17.27 -14.68
N THR B 271 30.53 16.60 -14.20
CA THR B 271 30.36 15.19 -14.45
C THR B 271 29.83 14.89 -15.85
N LYS B 272 30.52 13.97 -16.50
CA LYS B 272 30.16 13.39 -17.78
C LYS B 272 28.69 12.97 -17.82
N PRO B 273 28.01 13.15 -18.98
CA PRO B 273 26.61 12.65 -19.09
C PRO B 273 26.57 11.14 -19.40
N ALA B 274 25.38 10.56 -19.33
CA ALA B 274 25.26 9.14 -19.61
C ALA B 274 25.42 8.89 -21.12
N PRO B 275 26.43 8.08 -21.58
CA PRO B 275 26.40 7.69 -23.01
C PRO B 275 25.05 7.11 -23.39
N LEU B 276 24.69 7.25 -24.66
CA LEU B 276 23.32 6.97 -25.03
C LEU B 276 23.01 5.47 -25.13
N PRO B 277 21.94 5.02 -24.42
CA PRO B 277 21.49 3.62 -24.54
C PRO B 277 21.27 3.25 -26.00
N THR B 278 22.20 2.49 -26.57
CA THR B 278 22.11 2.04 -27.95
C THR B 278 20.80 1.25 -28.23
N PRO B 279 20.45 1.01 -29.53
CA PRO B 279 19.12 0.40 -29.75
C PRO B 279 19.18 -1.14 -29.74
N ALA B 280 18.08 -1.73 -29.29
CA ALA B 280 18.08 -3.08 -28.71
C ALA B 280 18.67 -2.97 -27.29
N ASN B 281 17.91 -2.35 -26.38
CA ASN B 281 18.22 -2.42 -24.95
C ASN B 281 16.91 -2.38 -24.15
N GLU C 34 22.27 27.35 7.79
CA GLU C 34 23.02 27.36 9.08
C GLU C 34 23.78 26.04 9.29
N LYS C 35 23.08 24.90 9.24
CA LYS C 35 23.68 23.56 9.30
C LYS C 35 22.86 22.58 8.47
N THR C 36 23.51 21.70 7.70
CA THR C 36 22.78 20.65 6.96
C THR C 36 22.09 19.77 7.99
N PRO C 37 20.92 19.19 7.64
CA PRO C 37 20.18 18.44 8.67
C PRO C 37 21.05 17.41 9.39
N ILE C 38 21.86 16.66 8.65
CA ILE C 38 22.79 15.69 9.25
C ILE C 38 23.70 16.33 10.32
N GLN C 39 24.19 17.53 10.06
CA GLN C 39 24.97 18.25 11.06
C GLN C 39 24.15 18.54 12.33
N VAL C 40 22.86 18.90 12.17
CA VAL C 40 21.93 19.09 13.31
C VAL C 40 21.89 17.82 14.15
N TRP C 41 21.60 16.73 13.47
CA TRP C 41 21.49 15.41 14.08
C TRP C 41 22.78 15.02 14.76
N GLY C 42 23.90 15.36 14.14
CA GLY C 42 25.21 14.97 14.62
C GLY C 42 25.57 15.59 15.95
N TRP C 43 25.23 16.87 16.10
CA TRP C 43 25.42 17.54 17.36
C TRP C 43 24.63 16.79 18.42
N ASP C 44 23.32 16.65 18.21
CA ASP C 44 22.49 15.87 19.13
C ASP C 44 23.18 14.61 19.63
N TYR C 45 23.84 13.92 18.71
CA TYR C 45 24.63 12.74 19.04
C TYR C 45 25.72 13.06 20.07
N LEU C 46 26.54 14.06 19.81
CA LEU C 46 27.60 14.31 20.76
C LEU C 46 27.01 14.45 22.16
N MET C 47 26.07 15.36 22.31
CA MET C 47 25.38 15.60 23.57
C MET C 47 24.85 14.34 24.22
N ARG C 48 24.24 13.48 23.39
CA ARG C 48 23.74 12.18 23.81
C ARG C 48 24.86 11.25 24.27
N GLN C 49 26.06 11.42 23.73
CA GLN C 49 27.13 10.53 24.12
C GLN C 49 27.84 11.10 25.32
N ARG C 50 28.02 12.42 25.34
CA ARG C 50 28.42 13.11 26.58
C ARG C 50 27.44 12.78 27.69
N ALA C 51 26.14 12.70 27.37
CA ALA C 51 25.10 12.23 28.30
C ALA C 51 25.41 10.89 28.98
N LEU C 52 25.90 9.93 28.21
CA LEU C 52 26.15 8.58 28.74
C LEU C 52 27.57 8.42 29.31
N LYS C 53 28.29 9.52 29.44
CA LYS C 53 29.67 9.52 29.92
C LYS C 53 30.46 8.27 29.49
N ARG C 54 30.48 7.98 28.20
CA ARG C 54 31.45 7.01 27.75
C ARG C 54 32.76 7.75 27.58
N PRO C 55 33.88 7.02 27.66
CA PRO C 55 35.16 7.68 27.42
C PRO C 55 35.48 7.71 25.92
N ILE C 56 36.23 8.72 25.50
CA ILE C 56 36.63 8.83 24.09
C ILE C 56 37.84 7.92 23.90
N ALA C 57 37.74 6.99 22.96
CA ALA C 57 38.84 6.07 22.69
C ALA C 57 40.10 6.87 22.40
N PRO C 58 41.24 6.40 22.90
CA PRO C 58 42.56 6.90 22.58
C PRO C 58 42.83 7.06 21.09
N HIS C 59 43.48 8.18 20.75
CA HIS C 59 43.69 8.55 19.35
C HIS C 59 45.10 9.05 18.97
N LEU C 60 45.55 10.18 19.51
CA LEU C 60 46.88 10.67 19.11
C LEU C 60 48.04 10.01 19.86
N THR C 61 47.86 9.79 21.16
CA THR C 61 48.92 9.19 21.95
C THR C 61 49.22 7.77 21.46
N ILE C 62 48.27 7.14 20.78
CA ILE C 62 48.47 5.76 20.36
C ILE C 62 48.52 5.45 18.85
N TYR C 63 48.38 6.46 17.99
CA TYR C 63 48.42 6.21 16.55
C TYR C 63 49.80 6.17 15.99
N LYS C 64 50.10 5.10 15.27
CA LYS C 64 51.44 4.82 14.78
C LYS C 64 52.02 6.02 14.04
N PRO C 65 53.16 6.52 14.55
CA PRO C 65 53.78 7.63 13.81
C PRO C 65 54.00 7.24 12.35
N GLN C 66 53.57 8.11 11.43
CA GLN C 66 53.76 7.88 9.99
C GLN C 66 53.70 9.15 9.15
N MET C 67 54.50 9.14 8.07
CA MET C 67 54.69 10.21 7.05
C MET C 67 53.47 11.03 6.59
N THR C 68 52.32 10.37 6.48
CA THR C 68 51.09 10.99 6.01
C THR C 68 50.67 12.18 6.87
N TRP C 69 50.54 11.95 8.18
CA TRP C 69 50.06 12.96 9.11
C TRP C 69 51.15 13.85 9.70
N MET C 70 52.39 13.41 9.59
CA MET C 70 53.54 14.17 10.07
C MET C 70 53.83 15.33 9.15
N VAL C 71 53.98 15.02 7.87
CA VAL C 71 54.14 16.06 6.87
C VAL C 71 52.90 17.02 6.94
N SER C 72 51.69 16.48 7.02
CA SER C 72 50.50 17.33 7.29
C SER C 72 50.64 18.17 8.57
N GLY C 73 51.09 17.54 9.64
CA GLY C 73 51.47 18.27 10.83
C GLY C 73 52.37 19.42 10.38
N LEU C 74 53.63 19.10 10.10
CA LEU C 74 54.65 20.08 9.77
C LEU C 74 54.16 21.23 8.86
N HIS C 75 53.26 20.93 7.93
CA HIS C 75 52.70 21.96 7.08
C HIS C 75 51.99 23.03 7.88
N ARG C 76 51.01 22.62 8.68
CA ARG C 76 50.30 23.51 9.59
C ARG C 76 51.24 24.21 10.59
N VAL C 77 52.08 23.42 11.25
CA VAL C 77 53.09 23.96 12.18
C VAL C 77 53.81 25.16 11.55
N THR C 78 54.57 24.91 10.47
CA THR C 78 55.30 25.98 9.77
C THR C 78 54.35 27.12 9.37
N GLY C 79 53.21 26.75 8.82
CA GLY C 79 52.23 27.74 8.43
C GLY C 79 52.07 28.75 9.54
N CYS C 80 51.48 28.29 10.63
CA CYS C 80 51.18 29.15 11.77
C CYS C 80 52.41 29.90 12.27
N ALA C 81 53.46 29.17 12.63
CA ALA C 81 54.71 29.79 13.04
C ALA C 81 55.08 31.01 12.19
N MET C 82 55.01 30.89 10.85
CA MET C 82 55.40 31.99 9.98
C MET C 82 54.46 33.19 10.06
N ALA C 83 53.17 32.89 10.08
CA ALA C 83 52.16 33.91 10.36
C ALA C 83 52.38 34.49 11.75
N GLY C 84 52.67 33.61 12.71
CA GLY C 84 53.03 34.03 14.06
C GLY C 84 54.07 35.12 14.05
N THR C 85 55.24 34.82 13.48
CA THR C 85 56.35 35.75 13.41
C THR C 85 55.88 37.05 12.75
N LEU C 86 55.32 36.93 11.55
CA LEU C 86 54.82 38.08 10.77
C LEU C 86 53.90 39.01 11.56
N LEU C 87 53.12 38.47 12.48
CA LEU C 87 52.29 39.29 13.36
C LEU C 87 53.14 39.94 14.47
N ILE C 88 53.77 39.10 15.31
CA ILE C 88 54.59 39.55 16.46
C ILE C 88 55.84 40.32 16.05
N GLY C 89 56.10 40.36 14.74
CA GLY C 89 57.25 41.06 14.16
C GLY C 89 56.77 42.33 13.49
N GLY C 90 55.72 42.19 12.70
CA GLY C 90 55.11 43.32 12.04
C GLY C 90 54.65 44.26 13.13
N VAL C 91 53.69 43.79 13.92
CA VAL C 91 53.11 44.54 15.02
C VAL C 91 54.12 44.85 16.10
N GLY C 92 54.93 43.85 16.46
CA GLY C 92 56.03 44.05 17.40
C GLY C 92 56.84 45.34 17.22
N PHE C 93 57.48 45.51 16.06
CA PHE C 93 58.39 46.63 15.79
C PHE C 93 57.69 47.96 15.66
N SER C 94 56.42 47.89 15.31
CA SER C 94 55.62 49.06 15.08
C SER C 94 55.25 49.71 16.40
N VAL C 95 54.59 48.98 17.28
CA VAL C 95 54.23 49.55 18.58
C VAL C 95 55.34 49.31 19.58
N LEU C 96 56.57 49.55 19.16
CA LEU C 96 57.71 49.44 20.07
C LEU C 96 58.81 50.43 19.70
N PRO C 97 59.35 51.14 20.72
CA PRO C 97 60.40 52.14 20.58
C PRO C 97 61.52 51.70 19.65
N LEU C 98 62.17 50.59 20.00
CA LEU C 98 63.46 50.25 19.42
C LEU C 98 63.32 49.47 18.10
N ASP C 99 63.45 50.19 16.98
CA ASP C 99 63.20 49.70 15.62
C ASP C 99 64.05 48.50 15.18
N PHE C 100 63.98 48.15 13.89
CA PHE C 100 64.59 46.92 13.37
C PHE C 100 66.08 47.04 13.00
N THR C 101 66.50 48.19 12.47
CA THR C 101 67.91 48.37 12.11
C THR C 101 68.79 48.18 13.34
N THR C 102 68.39 48.79 14.46
CA THR C 102 69.15 48.67 15.72
C THR C 102 68.93 47.32 16.41
N PHE C 103 68.06 46.48 15.85
CA PHE C 103 67.97 45.07 16.25
C PHE C 103 69.14 44.30 15.63
N VAL C 104 69.32 44.43 14.33
CA VAL C 104 70.46 43.87 13.60
C VAL C 104 71.80 44.14 14.33
N GLU C 105 71.90 45.28 15.00
CA GLU C 105 73.06 45.60 15.84
C GLU C 105 72.97 44.96 17.26
N PHE C 106 71.81 45.05 17.92
CA PHE C 106 71.60 44.47 19.26
C PHE C 106 71.89 42.97 19.27
N ILE C 107 72.39 42.45 18.14
CA ILE C 107 72.78 41.04 17.97
C ILE C 107 74.26 40.84 17.57
N ARG C 108 74.64 41.37 16.40
CA ARG C 108 75.99 41.19 15.86
C ARG C 108 77.05 41.54 16.89
N GLY C 109 76.85 42.65 17.58
CA GLY C 109 77.64 43.02 18.75
C GLY C 109 77.33 42.14 19.95
N LEU C 110 77.57 40.84 19.81
CA LEU C 110 77.59 39.90 20.95
C LEU C 110 78.70 38.83 20.88
N GLY C 111 79.28 38.65 19.69
CA GLY C 111 80.31 37.63 19.47
C GLY C 111 79.66 36.39 18.90
N ILE C 112 79.07 36.56 17.72
CA ILE C 112 78.20 35.54 17.08
C ILE C 112 78.94 34.56 16.15
N PRO C 113 79.10 33.29 16.60
CA PRO C 113 79.88 32.30 15.84
C PRO C 113 79.27 32.10 14.45
N TRP C 114 80.06 32.19 13.40
CA TRP C 114 79.51 32.09 12.05
C TRP C 114 78.77 30.75 11.83
N VAL C 115 79.24 29.69 12.49
CA VAL C 115 78.60 28.36 12.45
C VAL C 115 77.11 28.46 12.87
N ILE C 116 76.88 28.91 14.10
CA ILE C 116 75.53 29.07 14.66
C ILE C 116 74.70 30.12 13.92
N LEU C 117 75.37 30.98 13.15
CA LEU C 117 74.69 32.05 12.38
C LEU C 117 74.00 31.57 11.12
N ASP C 118 74.43 30.43 10.59
CA ASP C 118 73.76 29.88 9.43
C ASP C 118 73.01 28.59 9.77
N THR C 119 73.00 28.31 11.07
CA THR C 119 72.04 27.40 11.70
C THR C 119 70.75 28.17 11.89
N PHE C 120 70.91 29.46 12.17
CA PHE C 120 69.81 30.37 12.44
C PHE C 120 69.12 30.73 11.13
N LYS C 121 69.93 31.00 10.09
CA LYS C 121 69.42 31.38 8.79
C LYS C 121 68.75 30.20 8.11
N PHE C 122 69.18 28.99 8.46
CA PHE C 122 68.54 27.74 7.95
C PHE C 122 67.18 27.48 8.58
N ILE C 123 67.14 27.51 9.92
CA ILE C 123 65.91 27.53 10.71
C ILE C 123 64.83 28.49 10.17
N ILE C 124 65.23 29.48 9.36
CA ILE C 124 64.29 30.42 8.72
C ILE C 124 63.94 30.06 7.28
N ALA C 125 64.95 29.75 6.47
CA ALA C 125 64.72 29.42 5.07
C ALA C 125 63.74 28.24 4.91
N PHE C 126 63.95 27.21 5.72
CA PHE C 126 63.22 25.94 5.60
C PHE C 126 61.71 26.10 5.71
N PRO C 127 61.21 26.65 6.85
CA PRO C 127 59.77 26.74 6.98
C PRO C 127 59.10 27.44 5.80
N ILE C 128 59.84 28.30 5.10
CA ILE C 128 59.30 28.96 3.92
C ILE C 128 59.38 28.01 2.74
N ALA C 129 60.58 27.44 2.55
CA ALA C 129 60.89 26.55 1.43
C ALA C 129 60.01 25.29 1.39
N PHE C 130 59.83 24.68 2.56
CA PHE C 130 59.03 23.47 2.70
C PHE C 130 57.51 23.74 2.55
N HIS C 131 57.03 24.80 3.20
CA HIS C 131 55.60 25.09 3.21
C HIS C 131 55.16 25.39 1.80
N THR C 132 55.99 26.12 1.06
CA THR C 132 55.72 26.40 -0.36
C THR C 132 55.72 25.11 -1.18
N LEU C 133 56.80 24.34 -1.01
CA LEU C 133 56.94 23.09 -1.72
C LEU C 133 55.77 22.16 -1.37
N ASN C 134 55.66 21.76 -0.10
CA ASN C 134 54.53 20.95 0.34
C ASN C 134 53.21 21.53 -0.14
N GLY C 135 53.04 22.85 0.00
CA GLY C 135 51.83 23.54 -0.45
C GLY C 135 51.39 23.11 -1.84
N ILE C 136 52.30 23.26 -2.83
CA ILE C 136 51.97 22.90 -4.24
C ILE C 136 51.53 21.45 -4.28
N ARG C 137 52.14 20.64 -3.40
CA ARG C 137 51.82 19.22 -3.30
C ARG C 137 50.39 19.04 -2.93
N PHE C 138 49.95 19.70 -1.87
CA PHE C 138 48.58 19.51 -1.38
C PHE C 138 47.57 19.93 -2.43
N ILE C 139 47.88 20.97 -3.19
CA ILE C 139 46.99 21.33 -4.30
C ILE C 139 46.89 20.16 -5.32
N GLY C 140 47.96 19.36 -5.41
CA GLY C 140 47.94 18.11 -6.16
C GLY C 140 46.80 17.25 -5.64
N PHE C 141 46.86 16.95 -4.33
CA PHE C 141 45.81 16.20 -3.64
C PHE C 141 44.41 16.79 -3.73
N ASP C 142 44.27 18.10 -3.58
CA ASP C 142 42.96 18.71 -3.65
C ASP C 142 42.34 18.42 -4.98
N MET C 143 43.14 18.37 -6.03
CA MET C 143 42.61 17.96 -7.33
C MET C 143 42.95 16.50 -7.75
N ALA C 144 43.02 15.61 -6.78
CA ALA C 144 43.04 14.17 -7.02
C ALA C 144 44.31 13.61 -7.71
N LYS C 145 45.27 14.48 -8.01
CA LYS C 145 46.50 14.05 -8.67
C LYS C 145 47.49 13.45 -7.67
N GLY C 146 47.92 12.21 -7.95
CA GLY C 146 48.99 11.58 -7.17
C GLY C 146 48.65 11.20 -5.74
N THR C 147 47.52 10.54 -5.55
CA THR C 147 47.11 10.11 -4.21
C THR C 147 47.40 8.64 -3.91
N ASP C 148 48.02 7.92 -4.83
CA ASP C 148 48.37 6.54 -4.56
C ASP C 148 49.56 6.54 -3.63
N ILE C 149 49.56 5.59 -2.71
CA ILE C 149 50.58 5.45 -1.68
C ILE C 149 52.04 5.66 -2.08
N PRO C 150 52.46 5.25 -3.30
CA PRO C 150 53.79 5.69 -3.70
C PRO C 150 53.92 7.21 -3.95
N SER C 151 52.96 7.82 -4.64
CA SER C 151 53.06 9.26 -4.85
C SER C 151 52.92 10.01 -3.53
N ILE C 152 52.02 9.55 -2.68
CA ILE C 152 51.92 10.03 -1.30
C ILE C 152 53.30 10.00 -0.65
N TYR C 153 53.94 8.84 -0.70
CA TYR C 153 55.18 8.64 0.06
C TYR C 153 56.45 9.19 -0.60
N ARG C 154 56.45 9.38 -1.91
CA ARG C 154 57.61 9.98 -2.55
C ARG C 154 57.49 11.49 -2.41
N GLY C 155 56.32 12.02 -2.77
CA GLY C 155 56.01 13.45 -2.59
C GLY C 155 56.64 14.00 -1.32
N ALA C 156 56.33 13.32 -0.21
CA ALA C 156 56.82 13.68 1.10
C ALA C 156 58.34 13.72 1.14
N TYR C 157 58.99 12.70 0.58
CA TYR C 157 60.46 12.67 0.45
C TYR C 157 61.06 13.65 -0.58
N LEU C 158 60.39 13.81 -1.72
CA LEU C 158 60.81 14.76 -2.74
C LEU C 158 60.72 16.22 -2.26
N VAL C 159 59.64 16.54 -1.54
CA VAL C 159 59.39 17.88 -0.97
C VAL C 159 60.22 18.22 0.29
N LEU C 160 60.51 17.21 1.11
CA LEU C 160 61.30 17.42 2.33
C LEU C 160 62.75 17.73 1.99
N GLY C 161 63.40 16.79 1.33
CA GLY C 161 64.74 17.01 0.80
C GLY C 161 64.86 18.23 -0.12
N LEU C 162 63.87 18.46 -0.97
CA LEU C 162 63.92 19.63 -1.84
C LEU C 162 63.87 20.92 -1.02
N ALA C 163 63.16 20.91 0.10
CA ALA C 163 63.16 22.06 1.00
C ALA C 163 64.58 22.30 1.50
N ALA C 164 65.15 21.28 2.15
CA ALA C 164 66.51 21.34 2.71
C ALA C 164 67.60 21.68 1.69
N LEU C 165 67.34 21.44 0.42
CA LEU C 165 68.31 21.77 -0.60
C LEU C 165 68.28 23.25 -0.87
N ILE C 166 67.10 23.79 -1.15
CA ILE C 166 66.92 25.23 -1.45
C ILE C 166 67.01 26.06 -0.17
N SER C 167 66.91 25.38 0.96
CA SER C 167 67.15 26.02 2.23
C SER C 167 68.63 26.09 2.52
N LEU C 168 69.36 25.02 2.20
CA LEU C 168 70.80 24.98 2.42
C LEU C 168 71.47 25.91 1.41
N ALA C 169 71.30 25.61 0.14
CA ALA C 169 71.84 26.42 -0.94
C ALA C 169 71.13 27.79 -1.07
N VAL C 170 71.08 28.55 0.01
CA VAL C 170 70.55 29.91 0.00
C VAL C 170 71.12 30.55 1.25
N VAL C 171 71.61 29.71 2.14
CA VAL C 171 72.24 30.14 3.37
C VAL C 171 73.75 29.99 3.20
N VAL C 172 74.15 28.87 2.58
CA VAL C 172 75.58 28.54 2.34
C VAL C 172 76.10 29.08 0.99
N TYR C 173 75.18 29.35 0.06
CA TYR C 173 75.53 29.99 -1.21
C TYR C 173 75.97 31.47 -1.06
N PRO C 174 75.17 32.33 -0.37
CA PRO C 174 75.68 33.68 -0.09
C PRO C 174 76.86 33.75 0.90
N ARG C 175 77.18 32.65 1.57
CA ARG C 175 78.42 32.50 2.37
C ARG C 175 79.58 31.97 1.49
N TRP C 176 79.49 32.24 0.18
CA TRP C 176 80.61 32.03 -0.77
C TRP C 176 81.04 33.36 -1.40
N GLU C 177 80.13 34.32 -1.43
CA GLU C 177 80.47 35.73 -1.72
C GLU C 177 80.76 36.49 -0.41
N ARG C 178 81.19 35.74 0.63
CA ARG C 178 81.59 36.28 1.94
C ARG C 178 82.77 35.55 2.63
N HIS C 179 82.87 34.22 2.47
CA HIS C 179 84.01 33.49 3.06
C HIS C 179 84.98 32.94 2.02
N LYS C 180 84.71 33.23 0.75
CA LYS C 180 85.71 33.09 -0.31
C LYS C 180 86.48 34.41 -0.48
N LYS C 181 85.75 35.53 -0.31
CA LYS C 181 86.34 36.87 -0.32
C LYS C 181 86.84 37.25 1.09
N ALA C 182 87.71 36.40 1.64
CA ALA C 182 88.36 36.59 2.93
C ALA C 182 89.57 35.66 3.02
N THR C 183 89.94 35.06 1.90
CA THR C 183 90.99 34.02 1.82
C THR C 183 91.59 33.80 0.40
N LEU C 184 90.71 33.52 -0.59
CA LEU C 184 90.99 33.17 -2.02
C LEU C 184 92.43 33.21 -2.65
N PRO C 185 92.85 32.12 -3.37
CA PRO C 185 94.18 31.96 -4.04
C PRO C 185 94.47 32.84 -5.29
N THR C 186 94.57 32.22 -6.48
CA THR C 186 95.08 32.90 -7.71
C THR C 186 94.14 33.90 -8.41
N THR D 28 9.24 -7.29 33.32
CA THR D 28 8.51 -8.58 33.49
C THR D 28 7.10 -8.40 32.92
N SER D 29 6.23 -7.93 33.82
CA SER D 29 4.91 -7.36 33.56
C SER D 29 4.89 -6.11 34.43
N ALA D 30 5.77 -5.18 34.05
CA ALA D 30 6.04 -3.95 34.80
C ALA D 30 6.62 -2.93 33.81
N ALA D 31 6.62 -3.31 32.54
CA ALA D 31 7.33 -2.61 31.49
C ALA D 31 6.72 -1.26 31.10
N VAL D 32 7.58 -0.26 30.86
CA VAL D 32 7.14 1.00 30.23
C VAL D 32 7.18 0.89 28.68
N THR D 33 6.41 1.75 28.00
CA THR D 33 6.34 1.78 26.54
C THR D 33 7.52 2.58 26.01
N GLY D 34 8.16 2.05 24.96
CA GLY D 34 9.40 2.63 24.43
C GLY D 34 9.22 3.39 23.13
N ALA D 35 10.07 4.40 22.97
CA ALA D 35 10.16 5.18 21.74
C ALA D 35 11.13 4.52 20.76
N ALA D 36 11.08 4.93 19.49
CA ALA D 36 12.03 4.48 18.49
C ALA D 36 13.48 4.81 18.92
N PRO D 37 14.47 4.11 18.34
CA PRO D 37 15.86 4.55 18.51
C PRO D 37 16.16 5.83 17.70
N PRO D 38 16.92 6.79 18.28
CA PRO D 38 17.40 7.93 17.50
C PRO D 38 17.98 7.41 16.19
N GLN D 39 17.42 7.85 15.07
CA GLN D 39 17.79 7.32 13.78
C GLN D 39 17.63 8.47 12.81
N PHE D 40 18.52 8.59 11.83
CA PHE D 40 18.43 9.73 10.88
C PHE D 40 17.56 9.41 9.68
N ASP D 41 16.66 10.34 9.36
CA ASP D 41 15.67 10.14 8.30
C ASP D 41 16.07 10.83 6.99
N PRO D 42 16.75 10.10 6.12
CA PRO D 42 17.27 10.66 4.87
C PRO D 42 16.25 11.36 3.98
N ILE D 43 14.97 10.99 4.08
CA ILE D 43 13.96 11.64 3.27
C ILE D 43 13.42 12.88 3.96
N ALA D 44 12.43 12.70 4.85
CA ALA D 44 11.70 13.82 5.48
C ALA D 44 12.59 14.93 6.08
N ALA D 45 13.40 14.61 7.10
CA ALA D 45 14.37 15.58 7.68
C ALA D 45 15.39 16.09 6.64
N GLU D 46 15.21 15.69 5.37
CA GLU D 46 15.91 16.26 4.22
C GLU D 46 14.94 16.72 3.12
N LYS D 47 13.80 17.27 3.51
CA LYS D 47 12.93 17.98 2.55
C LYS D 47 12.38 19.32 3.03
N GLY D 48 12.56 19.60 4.33
CA GLY D 48 12.43 20.95 4.84
C GLY D 48 13.66 21.77 4.46
N PHE D 49 14.68 21.70 5.33
CA PHE D 49 15.99 22.39 5.13
C PHE D 49 16.57 22.15 3.72
N LYS D 50 17.07 23.25 3.11
CA LYS D 50 17.61 23.27 1.73
C LYS D 50 18.57 24.47 1.39
N PRO D 51 18.66 25.48 2.30
CA PRO D 51 19.39 26.74 2.10
C PRO D 51 20.52 26.74 1.08
N LEU D 52 20.41 27.64 0.10
CA LEU D 52 21.45 27.85 -0.92
C LEU D 52 22.53 28.82 -0.42
N HIS D 53 23.73 28.28 -0.23
CA HIS D 53 24.99 29.03 -0.05
C HIS D 53 26.19 28.08 -0.31
N SER D 54 26.88 28.27 -1.44
CA SER D 54 27.99 27.39 -1.80
C SER D 54 29.31 28.01 -1.41
N HIS D 55 30.10 27.18 -0.70
CA HIS D 55 31.47 27.43 -0.24
C HIS D 55 32.39 26.85 -1.30
N GLY D 56 31.78 26.24 -2.32
CA GLY D 56 32.52 25.71 -3.46
C GLY D 56 33.29 26.82 -4.14
N THR D 57 32.63 27.50 -5.07
CA THR D 57 33.09 28.77 -5.67
C THR D 57 34.25 29.47 -4.92
N LEU D 58 34.16 29.52 -3.59
CA LEU D 58 35.06 30.31 -2.74
C LEU D 58 36.37 29.58 -2.44
N PHE D 59 36.27 28.27 -2.27
CA PHE D 59 37.43 27.40 -2.03
C PHE D 59 38.38 27.45 -3.25
N LYS D 60 37.80 27.30 -4.46
CA LYS D 60 38.44 27.52 -5.77
C LYS D 60 39.38 28.73 -5.73
N ILE D 61 38.90 29.84 -5.16
CA ILE D 61 39.68 31.07 -5.18
C ILE D 61 40.83 31.02 -4.17
N GLU D 62 40.62 30.37 -3.03
CA GLU D 62 41.68 30.41 -2.05
C GLU D 62 42.85 29.51 -2.44
N ARG D 63 42.54 28.48 -3.24
CA ARG D 63 43.57 27.62 -3.84
C ARG D 63 44.37 28.36 -4.89
N TYR D 64 43.66 29.00 -5.80
CA TYR D 64 44.28 29.68 -6.93
C TYR D 64 45.21 30.78 -6.49
N PHE D 65 44.79 31.49 -5.44
CA PHE D 65 45.58 32.58 -4.92
C PHE D 65 46.87 32.01 -4.41
N ALA D 66 46.73 31.00 -3.56
CA ALA D 66 47.87 30.32 -2.94
C ALA D 66 48.85 29.80 -3.98
N ALA D 67 48.29 29.45 -5.13
CA ALA D 67 49.02 28.99 -6.28
C ALA D 67 49.72 30.18 -6.90
N ALA D 68 48.97 31.17 -7.37
CA ALA D 68 49.55 32.34 -8.00
C ALA D 68 50.71 32.88 -7.15
N MET D 69 50.58 32.68 -5.84
CA MET D 69 51.55 33.07 -4.83
C MET D 69 52.88 32.28 -4.90
N VAL D 70 53.06 31.46 -5.93
CA VAL D 70 54.32 30.72 -6.09
C VAL D 70 55.46 31.59 -6.65
N PRO D 71 55.37 32.03 -7.95
CA PRO D 71 56.41 32.89 -8.50
C PRO D 71 56.84 33.97 -7.50
N LEU D 72 55.88 34.51 -6.77
CA LEU D 72 56.10 35.62 -5.85
C LEU D 72 57.26 35.39 -4.89
N ILE D 73 57.31 34.22 -4.27
CA ILE D 73 58.29 33.92 -3.22
C ILE D 73 59.71 33.82 -3.77
N PRO D 74 59.90 33.06 -4.87
CA PRO D 74 61.08 33.22 -5.70
C PRO D 74 61.40 34.68 -6.07
N ALA D 75 60.51 35.34 -6.82
CA ALA D 75 60.73 36.73 -7.27
C ALA D 75 61.17 37.71 -6.16
N ALA D 76 60.62 37.54 -4.96
CA ALA D 76 60.97 38.36 -3.82
C ALA D 76 62.40 38.17 -3.34
N TYR D 77 62.97 36.99 -3.60
CA TYR D 77 64.38 36.70 -3.31
C TYR D 77 65.31 37.55 -4.20
N PHE D 78 64.74 38.10 -5.28
CA PHE D 78 65.50 38.97 -6.20
C PHE D 78 65.03 40.43 -6.22
N ILE D 79 63.91 40.68 -6.90
CA ILE D 79 63.42 42.04 -7.08
C ILE D 79 62.96 42.57 -5.71
N HIS D 80 63.25 43.84 -5.40
CA HIS D 80 62.97 44.43 -4.06
C HIS D 80 62.17 45.74 -4.08
N GLY D 81 62.23 46.47 -2.96
CA GLY D 81 61.67 47.83 -2.89
C GLY D 81 60.25 47.99 -2.34
N ARG D 82 59.79 49.22 -2.17
CA ARG D 82 58.47 49.49 -1.59
C ARG D 82 57.35 48.73 -2.28
N GLU D 83 57.44 48.65 -3.60
CA GLU D 83 56.46 47.97 -4.44
C GLU D 83 56.30 46.49 -4.09
N MET D 84 57.42 45.78 -3.95
CA MET D 84 57.38 44.37 -3.56
C MET D 84 56.83 44.24 -2.16
N ASP D 85 57.54 44.85 -1.21
CA ASP D 85 57.06 45.01 0.17
C ASP D 85 55.54 45.05 0.23
N LEU D 86 54.94 45.99 -0.49
CA LEU D 86 53.49 46.14 -0.58
C LEU D 86 52.76 44.85 -0.87
N CYS D 87 52.79 44.38 -2.11
CA CYS D 87 51.96 43.21 -2.51
C CYS D 87 52.34 41.89 -1.81
N LEU D 88 53.60 41.77 -1.44
CA LEU D 88 54.05 40.63 -0.66
C LEU D 88 53.30 40.58 0.66
N ALA D 89 53.24 41.71 1.35
CA ALA D 89 52.65 41.76 2.69
C ALA D 89 51.19 42.14 2.64
N LEU D 90 50.66 42.16 1.44
CA LEU D 90 49.26 42.40 1.29
C LEU D 90 48.65 41.02 1.04
N ALA D 91 49.25 40.28 0.10
CA ALA D 91 48.82 38.92 -0.22
C ALA D 91 49.03 38.01 0.98
N LEU D 92 50.16 38.14 1.64
CA LEU D 92 50.42 37.32 2.81
C LEU D 92 49.32 37.42 3.84
N THR D 93 48.81 38.64 4.03
CA THR D 93 47.74 38.92 4.99
C THR D 93 46.54 38.04 4.67
N LEU D 94 46.23 38.01 3.39
CA LEU D 94 45.10 37.26 2.89
C LEU D 94 45.35 35.76 3.06
N HIS D 95 46.52 35.28 2.70
CA HIS D 95 46.76 33.84 2.76
C HIS D 95 46.64 33.39 4.20
N VAL D 96 47.38 34.05 5.07
CA VAL D 96 47.25 33.84 6.49
C VAL D 96 45.82 34.06 7.00
N HIS D 97 45.12 35.12 6.55
CA HIS D 97 43.74 35.31 7.01
C HIS D 97 42.93 34.05 6.85
N TRP D 98 43.01 33.47 5.66
CA TRP D 98 42.27 32.25 5.31
C TRP D 98 42.78 31.06 6.14
N GLY D 99 44.09 31.05 6.32
CA GLY D 99 44.76 29.91 6.91
C GLY D 99 44.35 29.72 8.34
N VAL D 100 44.51 30.78 9.12
CA VAL D 100 44.18 30.76 10.55
C VAL D 100 42.71 30.44 10.66
N TRP D 101 41.89 31.08 9.84
CA TRP D 101 40.46 30.79 9.79
C TRP D 101 40.24 29.28 9.79
N GLY D 102 40.72 28.64 8.72
CA GLY D 102 40.83 27.19 8.65
C GLY D 102 41.27 26.57 9.96
N VAL D 103 42.44 26.96 10.47
CA VAL D 103 42.90 26.41 11.76
C VAL D 103 41.88 26.67 12.84
N VAL D 104 41.65 27.94 13.17
CA VAL D 104 40.72 28.37 14.24
C VAL D 104 39.40 27.61 14.20
N ASN D 105 38.88 27.45 13.00
CA ASN D 105 37.65 26.73 12.73
C ASN D 105 37.72 25.25 13.10
N ASP D 106 38.94 24.72 13.18
CA ASP D 106 39.15 23.28 13.33
C ASP D 106 39.09 22.97 14.81
N TYR D 107 40.04 23.56 15.54
CA TYR D 107 40.23 23.28 16.94
C TYR D 107 39.16 23.98 17.72
N GLY D 108 38.99 25.27 17.44
CA GLY D 108 38.00 26.09 18.15
C GLY D 108 36.60 25.54 18.00
N ARG D 109 36.36 24.38 18.58
CA ARG D 109 35.09 23.71 18.38
C ARG D 109 34.17 23.79 19.57
N PRO D 110 32.88 24.06 19.31
CA PRO D 110 31.86 24.28 20.33
C PRO D 110 31.70 23.12 21.30
N PHE D 111 31.85 21.88 20.84
CA PHE D 111 31.75 20.76 21.77
C PHE D 111 32.80 20.81 22.90
N VAL D 112 33.87 21.57 22.66
CA VAL D 112 34.96 21.70 23.63
C VAL D 112 34.95 23.04 24.38
N LEU D 113 34.54 24.13 23.74
CA LEU D 113 34.67 25.44 24.36
C LEU D 113 33.33 26.02 24.81
N GLY D 114 32.24 25.31 24.51
CA GLY D 114 30.89 25.83 24.76
C GLY D 114 30.60 26.89 23.73
N ASP D 115 29.35 27.02 23.32
CA ASP D 115 29.00 27.86 22.18
C ASP D 115 29.65 29.26 22.15
N THR D 116 29.61 29.98 23.27
CA THR D 116 30.02 31.40 23.30
C THR D 116 31.51 31.66 23.42
N LEU D 117 32.30 30.64 23.70
CA LEU D 117 33.76 30.82 23.57
C LEU D 117 34.21 30.57 22.12
N ALA D 118 33.60 29.59 21.47
CA ALA D 118 33.82 29.27 20.07
C ALA D 118 33.56 30.48 19.17
N ALA D 119 32.50 31.22 19.50
CA ALA D 119 32.21 32.46 18.78
C ALA D 119 33.34 33.47 18.98
N ALA D 120 33.84 33.55 20.22
CA ALA D 120 34.95 34.44 20.52
C ALA D 120 36.20 34.16 19.65
N VAL D 121 36.68 32.91 19.64
CA VAL D 121 37.88 32.59 18.88
C VAL D 121 37.72 32.89 17.39
N ARG D 122 36.52 32.66 16.86
CA ARG D 122 36.25 32.97 15.45
C ARG D 122 36.39 34.46 15.14
N VAL D 123 36.03 35.32 16.09
CA VAL D 123 36.25 36.76 15.96
C VAL D 123 37.76 37.03 15.98
N GLY D 124 38.45 36.46 16.95
CA GLY D 124 39.90 36.50 16.99
C GLY D 124 40.55 36.38 15.62
N ALA D 125 40.23 35.31 14.88
CA ALA D 125 40.82 35.04 13.55
C ALA D 125 40.77 36.19 12.57
N TYR D 126 39.78 37.08 12.74
CA TYR D 126 39.72 38.38 12.02
C TYR D 126 40.49 39.51 12.71
N ILE D 127 40.36 39.62 14.05
CA ILE D 127 41.15 40.61 14.82
C ILE D 127 42.62 40.36 14.46
N PHE D 128 43.01 39.08 14.52
CA PHE D 128 44.34 38.62 14.10
C PHE D 128 44.65 39.17 12.74
N THR D 129 43.82 38.81 11.77
CA THR D 129 44.01 39.24 10.39
C THR D 129 44.12 40.75 10.21
N ALA D 130 43.47 41.53 11.09
CA ALA D 130 43.59 42.99 11.04
C ALA D 130 44.98 43.49 11.53
N CYS D 131 45.41 43.06 12.71
CA CYS D 131 46.68 43.50 13.24
C CYS D 131 47.83 43.05 12.37
N LEU D 132 47.67 41.91 11.72
CA LEU D 132 48.71 41.41 10.87
C LEU D 132 48.94 42.41 9.75
N LEU D 133 47.85 42.91 9.18
CA LEU D 133 47.96 43.95 8.16
C LEU D 133 48.60 45.23 8.68
N ALA D 134 47.90 45.91 9.57
CA ALA D 134 48.41 47.09 10.24
C ALA D 134 49.90 46.95 10.49
N GLY D 135 50.25 45.90 11.23
CA GLY D 135 51.64 45.58 11.59
C GLY D 135 52.61 45.60 10.44
N LEU D 136 52.25 44.90 9.36
CA LEU D 136 53.06 44.84 8.14
C LEU D 136 53.07 46.16 7.42
N LEU D 137 51.90 46.77 7.29
CA LEU D 137 51.79 48.03 6.54
C LEU D 137 52.58 49.18 7.17
N TYR D 138 52.62 49.22 8.50
CA TYR D 138 53.50 50.10 9.23
C TYR D 138 54.96 49.78 8.90
N PHE D 139 55.38 48.56 9.24
CA PHE D 139 56.72 48.06 8.98
C PHE D 139 57.19 48.23 7.52
N ASN D 140 56.27 48.28 6.57
CA ASN D 140 56.63 48.61 5.20
C ASN D 140 56.91 50.09 5.05
N GLU D 141 55.93 50.92 5.43
CA GLU D 141 56.06 52.37 5.31
C GLU D 141 57.06 53.00 6.30
N HIS D 142 57.22 52.40 7.49
CA HIS D 142 58.01 53.07 8.54
C HIS D 142 59.32 52.46 9.02
N ASP D 143 59.49 51.14 8.92
CA ASP D 143 60.82 50.56 9.18
C ASP D 143 61.51 50.26 7.85
N VAL D 144 62.35 49.22 7.83
CA VAL D 144 63.20 48.89 6.66
C VAL D 144 62.43 48.45 5.40
N GLY D 145 61.18 48.00 5.59
CA GLY D 145 60.39 47.35 4.54
C GLY D 145 60.60 45.87 4.71
N LEU D 146 59.85 45.04 3.99
CA LEU D 146 60.02 43.60 4.13
C LEU D 146 61.24 43.09 3.43
N THR D 147 61.25 43.25 2.11
CA THR D 147 62.25 42.65 1.25
C THR D 147 63.65 42.93 1.77
N ARG D 148 63.88 44.18 2.16
CA ARG D 148 65.17 44.63 2.64
C ARG D 148 65.47 44.12 4.05
N ALA D 149 64.42 43.87 4.84
CA ALA D 149 64.60 43.37 6.20
C ALA D 149 65.14 41.93 6.18
N PHE D 150 65.16 41.33 5.00
CA PHE D 150 65.78 40.01 4.85
C PHE D 150 67.22 40.11 4.40
N GLU D 151 67.50 40.91 3.37
CA GLU D 151 68.89 41.27 3.05
C GLU D 151 69.55 41.59 4.39
N MET D 152 68.90 42.51 5.11
CA MET D 152 69.42 43.10 6.35
C MET D 152 69.50 42.09 7.53
N VAL D 153 69.39 40.79 7.20
CA VAL D 153 69.66 39.67 8.14
C VAL D 153 70.65 38.71 7.48
N TRP D 154 70.37 38.35 6.23
CA TRP D 154 71.10 37.31 5.48
C TRP D 154 72.59 37.65 5.30
N GLU D 155 72.99 38.77 5.92
CA GLU D 155 74.37 39.22 5.95
C GLU D 155 74.75 39.38 7.40
N LEU D 156 75.38 38.35 7.96
CA LEU D 156 76.14 38.44 9.23
C LEU D 156 76.85 37.12 9.56
N ALA E 33 -32.60 22.62 26.60
CA ALA E 33 -32.73 21.13 26.72
C ALA E 33 -31.40 20.42 26.96
N GLN E 34 -31.45 19.08 26.96
CA GLN E 34 -30.29 18.23 27.28
C GLN E 34 -29.83 17.39 26.09
N TYR E 35 -28.51 17.28 25.91
CA TYR E 35 -27.95 16.62 24.72
C TYR E 35 -26.87 15.60 25.00
N LYS E 36 -26.91 14.50 24.26
CA LYS E 36 -25.95 13.44 24.42
C LYS E 36 -24.90 13.59 23.33
N VAL E 37 -23.63 13.61 23.75
CA VAL E 37 -22.51 13.75 22.82
C VAL E 37 -21.66 12.49 22.85
N ILE E 38 -21.19 12.09 21.68
CA ILE E 38 -20.30 10.95 21.52
C ILE E 38 -19.04 11.40 20.81
N ASP E 39 -17.88 11.00 21.31
CA ASP E 39 -16.61 11.37 20.70
C ASP E 39 -16.00 10.18 20.01
N HIS E 40 -15.33 10.43 18.90
CA HIS E 40 -14.54 9.39 18.24
C HIS E 40 -13.23 10.03 17.86
N ALA E 41 -12.32 9.20 17.42
CA ALA E 41 -11.06 9.67 16.94
C ALA E 41 -10.70 8.84 15.73
N TYR E 42 -10.80 9.49 14.57
CA TYR E 42 -10.46 8.89 13.30
C TYR E 42 -9.27 9.60 12.74
N ASP E 43 -8.49 8.92 11.90
CA ASP E 43 -7.41 9.60 11.20
C ASP E 43 -8.05 10.74 10.44
N VAL E 44 -9.05 10.38 9.62
CA VAL E 44 -9.68 11.29 8.67
C VAL E 44 -11.21 11.13 8.63
N VAL E 45 -11.91 12.26 8.61
CA VAL E 45 -13.35 12.28 8.41
C VAL E 45 -13.68 12.85 7.01
N ILE E 46 -14.64 12.24 6.31
CA ILE E 46 -15.13 12.75 5.02
C ILE E 46 -16.61 13.10 5.10
N ILE E 47 -16.96 14.38 5.21
CA ILE E 47 -18.38 14.75 5.10
C ILE E 47 -18.83 14.66 3.64
N GLY E 48 -19.41 13.52 3.27
CA GLY E 48 -19.93 13.34 1.91
C GLY E 48 -19.68 11.97 1.30
N ALA E 49 -20.75 11.33 0.83
CA ALA E 49 -20.65 10.03 0.18
C ALA E 49 -21.07 10.15 -1.28
N GLY E 50 -20.73 11.28 -1.89
CA GLY E 50 -20.96 11.45 -3.33
C GLY E 50 -20.05 10.57 -4.18
N GLY E 51 -20.01 10.83 -5.49
CA GLY E 51 -19.01 10.22 -6.36
C GLY E 51 -17.63 10.57 -5.83
N ALA E 52 -17.44 11.85 -5.52
CA ALA E 52 -16.19 12.36 -5.01
C ALA E 52 -15.87 11.95 -3.56
N GLY E 53 -16.85 12.02 -2.67
CA GLY E 53 -16.67 11.51 -1.31
C GLY E 53 -16.21 10.05 -1.17
N LEU E 54 -16.67 9.19 -2.06
CA LEU E 54 -16.33 7.78 -2.01
C LEU E 54 -14.97 7.51 -2.63
N ARG E 55 -14.65 8.22 -3.72
CA ARG E 55 -13.39 7.98 -4.39
C ARG E 55 -12.22 8.25 -3.44
N ALA E 56 -12.41 9.21 -2.55
CA ALA E 56 -11.46 9.51 -1.51
C ALA E 56 -11.44 8.35 -0.53
N ALA E 57 -12.64 7.96 -0.11
CA ALA E 57 -12.80 6.92 0.90
C ALA E 57 -12.17 5.61 0.45
N MET E 58 -12.35 5.25 -0.82
CA MET E 58 -11.70 4.09 -1.37
C MET E 58 -10.19 4.22 -1.17
N GLY E 59 -9.57 5.18 -1.87
CA GLY E 59 -8.12 5.36 -1.87
C GLY E 59 -7.52 5.53 -0.48
N LEU E 60 -8.13 6.38 0.34
CA LEU E 60 -7.69 6.55 1.73
C LEU E 60 -7.75 5.27 2.54
N GLY E 61 -8.97 4.77 2.76
CA GLY E 61 -9.23 3.66 3.69
C GLY E 61 -8.44 2.39 3.45
N GLU E 62 -8.36 1.99 2.18
CA GLU E 62 -7.63 0.79 1.76
C GLU E 62 -6.14 0.96 1.94
N ALA E 63 -5.67 2.19 1.75
CA ALA E 63 -4.27 2.52 2.02
C ALA E 63 -3.98 2.73 3.54
N GLY E 64 -4.89 2.21 4.39
CA GLY E 64 -4.60 2.01 5.81
C GLY E 64 -5.38 2.75 6.87
N PHE E 65 -5.79 3.98 6.60
CA PHE E 65 -6.23 4.89 7.68
C PHE E 65 -7.58 4.58 8.33
N LYS E 66 -7.70 4.98 9.60
CA LYS E 66 -8.98 4.97 10.33
C LYS E 66 -9.85 6.10 9.76
N THR E 67 -10.71 5.72 8.82
CA THR E 67 -11.43 6.67 7.99
C THR E 67 -12.90 6.67 8.32
N ALA E 68 -13.43 7.82 8.70
CA ALA E 68 -14.86 7.93 8.96
C ALA E 68 -15.56 8.70 7.85
N VAL E 69 -16.56 8.06 7.24
CA VAL E 69 -17.36 8.63 6.13
C VAL E 69 -18.71 9.09 6.68
N VAL E 70 -19.03 10.37 6.52
CA VAL E 70 -20.26 10.94 7.10
C VAL E 70 -21.17 11.51 6.01
N THR E 71 -22.43 11.04 5.98
CA THR E 71 -23.37 11.40 4.91
C THR E 71 -24.81 11.41 5.39
N LYS E 72 -25.51 12.50 5.11
CA LYS E 72 -26.89 12.69 5.57
C LYS E 72 -27.91 11.86 4.77
N MET E 73 -27.43 11.18 3.74
CA MET E 73 -28.25 10.18 3.09
C MET E 73 -27.45 8.92 2.90
N PHE E 74 -28.15 7.84 2.62
CA PHE E 74 -27.48 6.61 2.26
C PHE E 74 -26.67 6.93 1.00
N PRO E 75 -25.39 6.51 0.97
CA PRO E 75 -24.49 6.77 -0.14
C PRO E 75 -25.09 6.66 -1.54
N THR E 76 -25.96 5.71 -1.83
CA THR E 76 -26.59 5.73 -3.14
C THR E 76 -27.51 6.96 -3.39
N ARG E 77 -28.28 7.37 -2.39
CA ARG E 77 -29.24 8.51 -2.50
C ARG E 77 -28.60 9.82 -3.04
N SER E 78 -27.27 9.85 -3.09
CA SER E 78 -26.52 11.04 -3.44
C SER E 78 -26.70 11.50 -4.87
N HIS E 79 -26.34 12.75 -5.12
CA HIS E 79 -26.70 13.34 -6.39
C HIS E 79 -26.02 12.72 -7.59
N THR E 80 -24.75 12.39 -7.44
CA THR E 80 -24.01 11.72 -8.49
C THR E 80 -24.85 10.67 -9.23
N THR E 81 -25.67 9.93 -8.48
CA THR E 81 -26.49 8.86 -9.06
C THR E 81 -27.52 9.39 -10.07
N ALA E 82 -27.79 10.69 -10.02
CA ALA E 82 -28.81 11.26 -10.89
C ALA E 82 -28.16 11.77 -12.15
N ALA E 83 -26.85 11.62 -12.22
CA ALA E 83 -26.09 12.02 -13.42
C ALA E 83 -26.40 11.08 -14.59
N GLN E 84 -26.25 11.62 -15.80
CA GLN E 84 -26.86 11.03 -16.97
C GLN E 84 -25.93 10.84 -18.15
N GLY E 85 -25.37 11.96 -18.61
CA GLY E 85 -24.73 12.06 -19.91
C GLY E 85 -23.43 11.31 -20.04
N GLY E 86 -22.60 11.39 -19.00
CA GLY E 86 -21.31 10.73 -19.05
C GLY E 86 -20.16 11.46 -18.40
N ILE E 87 -18.98 10.86 -18.53
CA ILE E 87 -17.77 11.46 -17.98
C ILE E 87 -16.74 11.47 -19.08
N ASN E 88 -16.07 12.62 -19.20
CA ASN E 88 -15.11 12.83 -20.27
C ASN E 88 -13.80 12.19 -19.93
N ALA E 89 -13.26 11.52 -20.92
CA ALA E 89 -11.89 11.03 -20.90
C ALA E 89 -11.42 10.84 -22.33
N ALA E 90 -10.10 10.93 -22.51
CA ALA E 90 -9.50 10.97 -23.83
C ALA E 90 -9.28 9.60 -24.51
N LEU E 91 -10.13 8.61 -24.24
CA LEU E 91 -9.85 7.21 -24.66
C LEU E 91 -9.91 6.93 -26.15
N GLY E 92 -10.64 7.77 -26.88
CA GLY E 92 -10.83 7.58 -28.33
C GLY E 92 -11.18 6.17 -28.74
N SER E 93 -12.22 5.62 -28.17
CA SER E 93 -12.65 4.32 -28.59
C SER E 93 -13.49 4.52 -29.84
N MET E 94 -13.59 5.77 -30.29
CA MET E 94 -14.36 6.10 -31.49
C MET E 94 -13.50 6.63 -32.65
N ASN E 95 -12.27 7.05 -32.34
CA ASN E 95 -11.44 7.86 -33.24
C ASN E 95 -10.32 8.47 -32.40
N PRO E 96 -9.11 8.64 -32.98
CA PRO E 96 -7.98 9.30 -32.32
C PRO E 96 -8.35 10.47 -31.37
N ASP E 97 -7.64 10.59 -30.25
CA ASP E 97 -7.82 11.67 -29.29
C ASP E 97 -6.54 11.88 -28.49
N ASP E 98 -6.35 13.09 -27.98
CA ASP E 98 -5.15 13.39 -27.21
C ASP E 98 -5.62 14.20 -26.01
N TRP E 99 -5.21 13.77 -24.80
CA TRP E 99 -5.68 14.39 -23.56
C TRP E 99 -5.48 15.91 -23.52
N LYS E 100 -4.56 16.41 -24.34
CA LYS E 100 -4.30 17.84 -24.41
C LYS E 100 -5.42 18.62 -25.12
N TRP E 101 -6.05 18.01 -26.12
CA TRP E 101 -7.26 18.58 -26.74
C TRP E 101 -8.34 18.84 -25.68
N HIS E 102 -8.50 17.88 -24.76
CA HIS E 102 -9.44 17.96 -23.63
C HIS E 102 -9.04 19.10 -22.70
N PHE E 103 -7.74 19.24 -22.47
CA PHE E 103 -7.23 20.34 -21.69
C PHE E 103 -7.68 21.66 -22.27
N TYR E 104 -7.70 21.71 -23.60
CA TYR E 104 -8.02 22.94 -24.30
C TYR E 104 -9.49 23.32 -24.09
N ASP E 105 -10.38 22.39 -24.40
CA ASP E 105 -11.81 22.65 -24.38
C ASP E 105 -12.24 22.98 -22.96
N THR E 106 -11.48 22.48 -22.00
CA THR E 106 -11.71 22.73 -20.60
C THR E 106 -11.31 24.15 -20.25
N ALA E 107 -10.11 24.55 -20.68
CA ALA E 107 -9.64 25.94 -20.49
C ALA E 107 -10.54 26.94 -21.22
N LYS E 108 -11.06 26.55 -22.38
CA LYS E 108 -11.93 27.46 -23.13
C LYS E 108 -13.31 27.54 -22.49
N GLY E 109 -13.90 26.38 -22.23
CA GLY E 109 -15.14 26.31 -21.46
C GLY E 109 -15.07 27.12 -20.17
N SER E 110 -13.92 27.13 -19.52
CA SER E 110 -13.75 27.89 -18.32
C SER E 110 -13.88 29.41 -18.53
N ASP E 111 -13.80 29.83 -19.80
CA ASP E 111 -13.77 31.26 -20.18
C ASP E 111 -12.66 32.03 -19.45
N TRP E 112 -11.53 31.36 -19.32
CA TRP E 112 -10.30 31.90 -18.73
C TRP E 112 -10.43 32.42 -17.33
N LEU E 113 -11.39 31.86 -16.60
CA LEU E 113 -11.45 32.03 -15.16
C LEU E 113 -10.85 30.80 -14.50
N GLY E 114 -10.90 29.67 -15.20
CA GLY E 114 -10.41 28.41 -14.71
C GLY E 114 -8.92 28.47 -14.42
N ASP E 115 -8.54 28.04 -13.22
CA ASP E 115 -7.13 27.97 -12.83
C ASP E 115 -6.53 26.82 -13.59
N GLN E 116 -5.50 27.10 -14.40
CA GLN E 116 -5.03 26.20 -15.45
C GLN E 116 -4.28 24.96 -14.92
N ASN E 117 -3.51 25.14 -13.84
CA ASN E 117 -2.91 24.02 -13.11
C ASN E 117 -3.95 22.95 -12.75
N ALA E 118 -5.09 23.40 -12.20
CA ALA E 118 -6.24 22.56 -11.77
C ALA E 118 -6.86 21.79 -12.92
N MET E 119 -6.90 22.42 -14.10
CA MET E 119 -7.48 21.82 -15.29
C MET E 119 -6.43 20.92 -15.93
N HIS E 120 -5.17 21.18 -15.59
CA HIS E 120 -4.08 20.30 -16.01
C HIS E 120 -4.28 18.99 -15.30
N TYR E 121 -4.37 19.06 -13.97
CA TYR E 121 -4.51 17.87 -13.11
C TYR E 121 -5.63 16.99 -13.65
N LEU E 122 -6.83 17.57 -13.67
CA LEU E 122 -8.02 16.90 -14.19
C LEU E 122 -7.73 16.14 -15.49
N THR E 123 -7.42 16.87 -16.56
CA THR E 123 -7.43 16.31 -17.92
C THR E 123 -6.36 15.27 -18.26
N ARG E 124 -5.20 15.35 -17.60
CA ARG E 124 -4.19 14.31 -17.77
C ARG E 124 -4.70 13.01 -17.19
N ASN E 125 -5.06 13.11 -15.91
CA ASN E 125 -5.47 11.99 -15.09
C ASN E 125 -6.84 11.43 -15.49
N ALA E 126 -7.41 11.94 -16.59
CA ALA E 126 -8.75 11.55 -17.04
C ALA E 126 -8.81 10.11 -17.48
N VAL E 127 -7.92 9.74 -18.39
CA VAL E 127 -7.90 8.41 -18.97
C VAL E 127 -7.71 7.35 -17.89
N GLU E 128 -6.83 7.65 -16.95
CA GLU E 128 -6.62 6.73 -15.86
C GLU E 128 -7.93 6.62 -15.04
N ALA E 129 -8.43 7.76 -14.56
CA ALA E 129 -9.60 7.77 -13.67
C ALA E 129 -10.77 6.99 -14.26
N VAL E 130 -11.11 7.27 -15.51
CA VAL E 130 -12.21 6.57 -16.14
C VAL E 130 -11.90 5.08 -16.33
N THR E 131 -10.72 4.76 -16.87
CA THR E 131 -10.36 3.37 -17.09
C THR E 131 -10.44 2.65 -15.78
N GLU E 132 -9.84 3.28 -14.78
CA GLU E 132 -9.87 2.83 -13.40
C GLU E 132 -11.29 2.40 -13.03
N LEU E 133 -12.24 3.35 -13.10
CA LEU E 133 -13.66 3.09 -12.90
C LEU E 133 -14.17 1.87 -13.67
N GLU E 134 -13.64 1.61 -14.87
CA GLU E 134 -14.05 0.42 -15.62
C GLU E 134 -13.46 -0.79 -14.93
N ASN E 135 -12.21 -0.66 -14.51
CA ASN E 135 -11.50 -1.76 -13.89
C ASN E 135 -12.15 -2.18 -12.56
N PHE E 136 -12.84 -1.25 -11.90
CA PHE E 136 -13.65 -1.53 -10.72
C PHE E 136 -14.90 -2.38 -10.99
N GLY E 137 -15.55 -2.17 -12.13
CA GLY E 137 -16.75 -2.94 -12.47
C GLY E 137 -17.85 -2.18 -13.18
N MET E 138 -17.74 -0.85 -13.22
CA MET E 138 -18.74 0.00 -13.83
C MET E 138 -18.91 -0.36 -15.31
N PRO E 139 -20.12 -0.79 -15.72
CA PRO E 139 -20.42 -1.39 -17.01
C PRO E 139 -20.67 -0.45 -18.18
N PHE E 140 -19.70 0.37 -18.59
CA PHE E 140 -19.87 1.27 -19.73
C PHE E 140 -20.45 0.57 -20.94
N SER E 141 -21.32 1.25 -21.68
CA SER E 141 -21.78 0.71 -22.98
C SER E 141 -20.55 0.36 -23.82
N ARG E 142 -20.68 -0.56 -24.74
CA ARG E 142 -19.48 -1.04 -25.42
C ARG E 142 -19.43 -0.78 -26.94
N THR E 143 -18.20 -0.60 -27.46
CA THR E 143 -17.95 -0.51 -28.93
C THR E 143 -17.54 -1.87 -29.46
N PRO E 144 -18.06 -2.27 -30.64
CA PRO E 144 -17.71 -3.48 -31.36
C PRO E 144 -16.37 -4.17 -31.03
N GLU E 145 -15.26 -3.43 -30.97
CA GLU E 145 -13.97 -4.01 -30.49
C GLU E 145 -13.83 -3.95 -28.95
N GLY E 146 -14.98 -3.99 -28.27
CA GLY E 146 -15.05 -4.14 -26.82
C GLY E 146 -14.66 -2.96 -25.96
N LYS E 147 -14.40 -1.80 -26.56
CA LYS E 147 -13.97 -0.63 -25.80
C LYS E 147 -15.14 0.19 -25.24
N ILE E 148 -14.82 1.19 -24.43
CA ILE E 148 -15.83 1.99 -23.78
C ILE E 148 -16.52 2.91 -24.80
N TYR E 149 -17.81 2.71 -25.01
CA TYR E 149 -18.57 3.63 -25.87
C TYR E 149 -18.33 5.10 -25.52
N GLN E 150 -18.34 5.95 -26.55
CA GLN E 150 -18.25 7.40 -26.39
C GLN E 150 -19.23 8.15 -27.27
N ARG E 151 -19.44 9.41 -26.93
CA ARG E 151 -20.49 10.21 -27.52
C ARG E 151 -20.08 11.66 -27.43
N SER E 152 -20.57 12.42 -28.40
CA SER E 152 -20.31 13.83 -28.49
C SER E 152 -20.98 14.55 -27.33
N PHE E 153 -20.37 15.64 -26.85
CA PHE E 153 -21.02 16.42 -25.81
C PHE E 153 -20.91 17.91 -26.13
N GLY E 154 -21.53 18.71 -25.27
CA GLY E 154 -21.50 20.16 -25.41
C GLY E 154 -20.15 20.80 -25.14
N GLY E 155 -19.59 21.41 -26.20
CA GLY E 155 -18.47 22.32 -26.08
C GLY E 155 -17.14 21.64 -26.23
N GLN E 156 -17.13 20.51 -26.93
CA GLN E 156 -15.91 19.71 -27.11
C GLN E 156 -15.45 19.51 -28.54
N SER E 157 -14.13 19.55 -28.73
CA SER E 157 -13.48 19.64 -30.04
C SER E 157 -12.13 18.94 -30.12
N ASN E 158 -11.85 18.37 -31.29
CA ASN E 158 -10.52 17.87 -31.66
C ASN E 158 -9.58 18.95 -32.19
N ASN E 159 -8.29 18.80 -31.95
CA ASN E 159 -7.25 19.64 -32.56
C ASN E 159 -6.95 20.99 -31.90
N TYR E 160 -7.28 21.13 -30.61
CA TYR E 160 -7.23 22.44 -29.95
C TYR E 160 -8.07 23.40 -30.76
N GLY E 161 -9.32 23.05 -31.01
CA GLY E 161 -10.24 24.01 -31.61
C GLY E 161 -10.46 23.90 -33.10
N LYS E 162 -9.41 23.58 -33.86
CA LYS E 162 -9.56 23.50 -35.33
C LYS E 162 -10.47 22.35 -35.80
N GLY E 163 -10.21 21.13 -35.31
CA GLY E 163 -10.83 19.91 -35.84
C GLY E 163 -12.33 19.66 -35.64
N GLY E 164 -12.69 18.37 -35.66
CA GLY E 164 -14.08 17.93 -35.57
C GLY E 164 -14.71 18.05 -34.18
N VAL E 165 -15.98 17.71 -34.08
CA VAL E 165 -16.68 17.81 -32.80
C VAL E 165 -16.48 16.49 -32.02
N ALA E 166 -15.89 16.63 -30.83
CA ALA E 166 -15.35 15.52 -30.05
C ALA E 166 -16.26 14.32 -29.79
N LYS E 167 -15.63 13.15 -29.66
CA LYS E 167 -16.23 11.91 -29.18
C LYS E 167 -15.46 11.45 -27.93
N ARG E 168 -15.69 12.17 -26.84
CA ARG E 168 -14.88 12.04 -25.61
C ARG E 168 -15.70 11.61 -24.40
N THR E 169 -17.01 11.60 -24.54
CA THR E 169 -17.87 11.38 -23.41
C THR E 169 -18.21 9.91 -23.19
N CYS E 170 -17.57 9.35 -22.17
CA CYS E 170 -17.80 7.98 -21.76
C CYS E 170 -19.06 7.93 -20.94
N CYS E 171 -19.91 6.95 -21.25
CA CYS E 171 -21.23 6.87 -20.65
C CYS E 171 -21.70 5.45 -20.45
N VAL E 172 -22.46 5.23 -19.37
CA VAL E 172 -23.22 3.99 -19.22
C VAL E 172 -24.60 4.29 -19.78
N ALA E 173 -24.67 4.29 -21.10
CA ALA E 173 -25.81 4.81 -21.85
C ALA E 173 -26.38 6.09 -21.19
N ASP E 174 -27.62 5.98 -20.72
CA ASP E 174 -28.40 7.14 -20.25
C ASP E 174 -28.16 7.57 -18.81
N ARG E 175 -27.52 6.68 -18.06
CA ARG E 175 -27.45 6.78 -16.62
C ARG E 175 -26.05 6.56 -16.09
N THR E 176 -25.10 7.21 -16.72
CA THR E 176 -23.71 7.12 -16.33
C THR E 176 -23.50 7.32 -14.84
N GLY E 177 -24.02 8.42 -14.28
CA GLY E 177 -23.80 8.76 -12.88
C GLY E 177 -24.36 7.71 -11.94
N HIS E 178 -25.59 7.29 -12.23
CA HIS E 178 -26.20 6.21 -11.49
C HIS E 178 -25.21 5.08 -11.32
N SER E 179 -24.85 4.46 -12.45
CA SER E 179 -23.91 3.36 -12.48
C SER E 179 -22.60 3.72 -11.79
N MET E 180 -22.07 4.92 -12.03
CA MET E 180 -20.78 5.27 -11.45
C MET E 180 -20.84 5.23 -9.94
N LEU E 181 -21.79 5.96 -9.33
CA LEU E 181 -21.95 5.97 -7.86
C LEU E 181 -22.13 4.60 -7.23
N HIS E 182 -23.11 3.84 -7.69
CA HIS E 182 -23.24 2.45 -7.31
C HIS E 182 -21.96 1.63 -7.38
N THR E 183 -21.15 1.81 -8.40
CA THR E 183 -19.89 1.13 -8.43
C THR E 183 -19.00 1.58 -7.26
N LEU E 184 -18.62 2.86 -7.24
CA LEU E 184 -17.89 3.44 -6.12
C LEU E 184 -18.46 3.10 -4.73
N TYR E 185 -19.78 2.92 -4.59
CA TYR E 185 -20.33 2.54 -3.31
C TYR E 185 -19.96 1.10 -3.05
N GLY E 186 -20.23 0.26 -4.04
CA GLY E 186 -19.89 -1.15 -3.99
C GLY E 186 -18.42 -1.34 -3.69
N ASN E 187 -17.55 -0.73 -4.49
CA ASN E 187 -16.13 -0.90 -4.28
C ASN E 187 -15.65 -0.36 -2.95
N SER E 188 -16.36 0.59 -2.35
CA SER E 188 -15.91 1.14 -1.07
C SER E 188 -16.11 0.16 0.06
N LEU E 189 -16.99 -0.80 -0.14
CA LEU E 189 -17.28 -1.76 0.91
C LEU E 189 -16.06 -2.59 1.34
N ARG E 190 -15.07 -2.69 0.45
CA ARG E 190 -13.82 -3.39 0.76
C ARG E 190 -12.62 -2.49 1.14
N CYS E 191 -12.90 -1.37 1.80
CA CYS E 191 -11.87 -0.40 2.22
C CYS E 191 -11.96 0.05 3.67
N HIS E 192 -12.73 -0.68 4.46
CA HIS E 192 -12.71 -0.56 5.93
C HIS E 192 -12.81 0.89 6.37
N CYS E 193 -13.93 1.50 6.00
CA CYS E 193 -14.27 2.82 6.40
C CYS E 193 -15.52 2.63 7.21
N THR E 194 -15.62 3.34 8.31
CA THR E 194 -16.82 3.27 9.09
C THR E 194 -17.85 4.29 8.59
N PHE E 195 -18.85 3.81 7.86
CA PHE E 195 -19.92 4.68 7.35
C PHE E 195 -20.85 5.11 8.45
N PHE E 196 -20.95 6.42 8.65
CA PHE E 196 -21.94 6.98 9.56
C PHE E 196 -23.06 7.62 8.72
N ILE E 197 -23.99 6.77 8.27
CA ILE E 197 -25.09 7.17 7.39
C ILE E 197 -26.28 7.77 8.15
N GLU E 198 -26.91 8.78 7.56
CA GLU E 198 -27.96 9.55 8.24
C GLU E 198 -27.44 10.11 9.55
N TYR E 199 -26.27 10.74 9.40
CA TYR E 199 -25.68 11.70 10.31
C TYR E 199 -25.50 13.00 9.50
N PHE E 200 -25.93 14.11 10.07
CA PHE E 200 -26.00 15.39 9.37
C PHE E 200 -24.95 16.29 10.01
N ALA E 201 -24.04 16.86 9.22
CA ALA E 201 -22.91 17.65 9.74
C ALA E 201 -23.36 19.04 10.06
N LEU E 202 -23.06 19.46 11.27
CA LEU E 202 -23.51 20.75 11.72
C LEU E 202 -22.42 21.77 11.44
N ASP E 203 -21.19 21.48 11.83
CA ASP E 203 -20.06 22.40 11.68
C ASP E 203 -18.71 21.74 11.55
N LEU E 204 -17.71 22.56 11.32
CA LEU E 204 -16.35 22.10 11.34
C LEU E 204 -15.74 22.33 12.71
N LEU E 205 -14.84 21.44 13.11
CA LEU E 205 -14.17 21.60 14.39
C LEU E 205 -12.86 22.39 14.29
N MET E 206 -12.98 23.69 14.58
CA MET E 206 -11.92 24.66 14.32
C MET E 206 -11.11 25.04 15.56
N ASP E 207 -9.80 24.78 15.52
CA ASP E 207 -8.86 25.20 16.58
C ASP E 207 -7.73 26.09 16.06
N LYS E 208 -7.89 27.40 16.29
CA LYS E 208 -7.01 28.45 15.74
C LYS E 208 -6.50 28.18 14.31
N GLY E 209 -7.44 28.20 13.36
CA GLY E 209 -7.14 28.01 11.95
C GLY E 209 -6.64 26.63 11.57
N ARG E 210 -6.94 25.64 12.41
CA ARG E 210 -6.62 24.23 12.12
C ARG E 210 -7.89 23.35 12.29
N CYS E 211 -8.12 22.42 11.35
CA CYS E 211 -9.31 21.57 11.42
C CYS E 211 -9.12 20.23 12.10
N VAL E 212 -9.78 20.12 13.25
CA VAL E 212 -9.68 18.95 14.11
C VAL E 212 -10.80 17.90 13.90
N GLY E 213 -11.77 18.25 13.05
CA GLY E 213 -12.79 17.30 12.63
C GLY E 213 -14.16 17.90 12.39
N VAL E 214 -15.19 17.09 12.63
CA VAL E 214 -16.57 17.45 12.36
C VAL E 214 -17.49 17.10 13.54
N ILE E 215 -18.58 17.85 13.64
CA ILE E 215 -19.59 17.62 14.65
C ILE E 215 -20.88 17.38 13.89
N ALA E 216 -21.58 16.30 14.24
CA ALA E 216 -22.77 15.86 13.48
C ALA E 216 -23.94 15.40 14.35
N LEU E 217 -25.15 15.54 13.84
CA LEU E 217 -26.32 14.98 14.50
C LEU E 217 -26.59 13.55 14.00
N CYS E 218 -26.89 12.62 14.91
CA CYS E 218 -27.37 11.30 14.49
C CYS E 218 -28.89 11.29 14.34
N LEU E 219 -29.38 11.08 13.11
CA LEU E 219 -30.80 11.23 12.85
C LEU E 219 -31.56 10.14 13.51
N GLU E 220 -30.99 8.93 13.42
CA GLU E 220 -31.63 7.74 13.98
C GLU E 220 -31.97 7.89 15.48
N ASP E 221 -30.93 7.83 16.31
CA ASP E 221 -31.11 7.85 17.75
C ASP E 221 -31.12 9.24 18.32
N GLY E 222 -30.87 10.27 17.50
CA GLY E 222 -30.90 11.66 17.95
C GLY E 222 -29.79 12.09 18.91
N THR E 223 -28.58 11.63 18.66
CA THR E 223 -27.44 12.00 19.49
C THR E 223 -26.49 12.84 18.64
N ILE E 224 -25.47 13.41 19.29
CA ILE E 224 -24.51 14.34 18.68
C ILE E 224 -23.11 13.77 18.68
N HIS E 225 -22.39 13.95 17.58
CA HIS E 225 -21.06 13.33 17.40
C HIS E 225 -19.94 14.29 17.08
N ARG E 226 -18.81 14.11 17.73
CA ARG E 226 -17.65 14.90 17.44
C ARG E 226 -16.56 13.96 17.03
N PHE E 227 -15.88 14.32 15.94
CA PHE E 227 -14.93 13.40 15.31
C PHE E 227 -13.54 13.96 15.32
N ARG E 228 -12.72 13.50 16.27
CA ARG E 228 -11.32 13.89 16.28
C ARG E 228 -10.74 13.33 14.98
N SER E 229 -10.09 14.17 14.22
CA SER E 229 -9.40 13.72 13.02
C SER E 229 -8.26 14.63 12.65
N LYS E 230 -7.15 13.98 12.29
CA LYS E 230 -6.00 14.64 11.67
C LYS E 230 -6.49 15.45 10.45
N ARG E 231 -7.13 14.74 9.49
CA ARG E 231 -7.63 15.35 8.25
C ARG E 231 -9.13 15.27 8.09
N THR E 232 -9.70 16.26 7.40
CA THR E 232 -11.13 16.41 7.27
C THR E 232 -11.42 16.89 5.86
N ILE E 233 -11.97 16.03 5.02
CA ILE E 233 -12.33 16.36 3.62
C ILE E 233 -13.79 16.81 3.52
N VAL E 234 -14.11 17.72 2.62
CA VAL E 234 -15.49 18.20 2.46
C VAL E 234 -16.00 17.90 1.04
N ALA E 235 -16.92 16.93 0.93
CA ALA E 235 -17.48 16.50 -0.37
C ALA E 235 -19.01 16.54 -0.44
N THR E 236 -19.56 17.71 -0.08
CA THR E 236 -20.98 17.87 0.24
C THR E 236 -21.82 18.34 -0.92
N GLY E 237 -21.27 18.31 -2.14
CA GLY E 237 -22.00 18.70 -3.35
C GLY E 237 -22.63 20.09 -3.37
N GLY E 238 -23.33 20.39 -4.45
CA GLY E 238 -23.80 21.75 -4.75
C GLY E 238 -24.98 22.27 -3.97
N TYR E 239 -25.45 23.48 -4.35
CA TYR E 239 -26.53 24.20 -3.65
C TYR E 239 -27.69 24.62 -4.60
N GLY E 240 -27.81 23.90 -5.71
CA GLY E 240 -28.85 24.16 -6.71
C GLY E 240 -30.21 24.56 -6.18
N ARG E 241 -30.53 24.16 -4.95
CA ARG E 241 -31.84 24.46 -4.38
C ARG E 241 -31.86 25.82 -3.73
N ALA E 242 -30.90 26.68 -4.05
CA ALA E 242 -31.04 28.10 -3.72
C ALA E 242 -32.06 28.73 -4.66
N TYR E 243 -32.30 28.08 -5.80
CA TYR E 243 -33.23 28.59 -6.79
C TYR E 243 -34.57 27.91 -6.78
N PHE E 244 -35.61 28.64 -7.19
CA PHE E 244 -36.94 28.09 -7.23
C PHE E 244 -36.91 26.82 -8.05
N SER E 245 -36.51 26.95 -9.30
CA SER E 245 -36.46 25.81 -10.18
C SER E 245 -35.02 25.40 -10.45
N CYS E 246 -34.74 24.11 -10.28
CA CYS E 246 -33.41 23.53 -10.52
C CYS E 246 -33.47 22.03 -10.64
N THR E 247 -32.45 21.46 -11.27
CA THR E 247 -32.37 20.04 -11.61
C THR E 247 -31.67 19.18 -10.57
N THR E 248 -31.11 19.79 -9.53
CA THR E 248 -30.47 19.08 -8.42
C THR E 248 -31.51 18.39 -7.56
N ALA E 249 -31.07 17.42 -6.77
CA ALA E 249 -31.95 16.82 -5.77
C ALA E 249 -32.28 17.77 -4.60
N HIS E 250 -33.36 17.48 -3.88
CA HIS E 250 -33.84 18.27 -2.74
C HIS E 250 -32.73 18.51 -1.74
N MET E 251 -31.69 17.68 -1.83
CA MET E 251 -30.70 17.55 -0.77
C MET E 251 -29.51 18.46 -0.93
N ASN E 252 -29.37 19.05 -2.12
CA ASN E 252 -28.29 19.97 -2.42
C ASN E 252 -28.59 21.33 -1.80
N THR E 253 -28.28 21.43 -0.53
CA THR E 253 -28.58 22.63 0.23
C THR E 253 -27.27 23.39 0.47
N GLY E 254 -26.17 22.82 -0.07
CA GLY E 254 -24.80 23.37 0.05
C GLY E 254 -24.38 23.58 1.50
N ASP E 255 -24.25 22.48 2.21
CA ASP E 255 -24.03 22.53 3.64
C ASP E 255 -22.56 22.77 3.94
N GLY E 256 -21.68 22.27 3.07
CA GLY E 256 -20.23 22.33 3.27
C GLY E 256 -19.76 23.77 3.17
N THR E 257 -20.27 24.47 2.16
CA THR E 257 -19.92 25.86 1.94
C THR E 257 -20.42 26.72 3.10
N ALA E 258 -21.43 26.23 3.81
CA ALA E 258 -21.92 26.82 5.05
C ALA E 258 -21.03 26.50 6.27
N LEU E 259 -20.63 25.25 6.40
CA LEU E 259 -19.67 24.77 7.42
C LEU E 259 -18.34 25.52 7.34
N ALA E 260 -17.99 25.94 6.12
CA ALA E 260 -16.74 26.62 5.85
C ALA E 260 -16.88 28.11 6.18
N THR E 261 -17.98 28.67 5.72
CA THR E 261 -18.37 30.02 6.05
C THR E 261 -18.50 30.23 7.59
N ARG E 262 -18.99 29.21 8.29
CA ARG E 262 -19.02 29.21 9.74
C ARG E 262 -17.64 28.93 10.41
N ALA E 263 -16.69 28.42 9.62
CA ALA E 263 -15.30 28.26 10.04
C ALA E 263 -14.51 29.49 9.63
N GLY E 264 -15.16 30.38 8.88
CA GLY E 264 -14.59 31.66 8.52
C GLY E 264 -13.74 31.59 7.28
N ILE E 265 -13.97 30.59 6.45
CA ILE E 265 -13.27 30.51 5.17
C ILE E 265 -14.09 31.29 4.17
N ALA E 266 -13.42 32.17 3.44
CA ALA E 266 -14.04 32.88 2.34
C ALA E 266 -14.28 31.90 1.22
N LEU E 267 -15.42 32.09 0.53
CA LEU E 267 -15.85 31.25 -0.62
C LEU E 267 -15.57 31.88 -1.98
N GLU E 268 -15.45 31.02 -2.99
CA GLU E 268 -15.01 31.45 -4.32
C GLU E 268 -16.06 31.30 -5.40
N ASP E 269 -16.19 32.33 -6.25
CA ASP E 269 -16.89 32.26 -7.55
C ASP E 269 -18.39 31.95 -7.56
N LEU E 270 -19.02 32.10 -6.39
CA LEU E 270 -20.41 31.69 -6.20
C LEU E 270 -21.38 32.24 -7.25
N GLU E 271 -21.01 33.34 -7.90
CA GLU E 271 -21.88 33.95 -8.91
C GLU E 271 -21.99 33.09 -10.17
N PHE E 272 -21.00 32.24 -10.41
CA PHE E 272 -21.05 31.40 -11.58
C PHE E 272 -21.90 30.16 -11.29
N ILE E 273 -23.16 30.25 -11.74
CA ILE E 273 -24.15 29.18 -11.65
C ILE E 273 -24.47 28.71 -13.05
N GLN E 274 -24.00 27.52 -13.42
CA GLN E 274 -24.33 26.93 -14.73
C GLN E 274 -25.83 26.67 -14.86
N PHE E 275 -26.45 27.14 -15.93
CA PHE E 275 -27.87 26.87 -16.16
C PHE E 275 -27.91 25.83 -17.26
N HIS E 276 -28.33 24.61 -16.95
CA HIS E 276 -28.32 23.54 -17.94
C HIS E 276 -29.42 23.86 -18.94
N PRO E 277 -29.08 23.82 -20.25
CA PRO E 277 -30.04 24.17 -21.31
C PRO E 277 -31.40 23.47 -21.19
N THR E 278 -31.38 22.14 -21.05
CA THR E 278 -32.58 21.29 -21.13
C THR E 278 -32.95 20.60 -19.82
N GLY E 279 -33.74 21.30 -19.00
CA GLY E 279 -34.45 20.70 -17.87
C GLY E 279 -35.93 20.69 -18.25
N ILE E 280 -36.70 19.69 -17.82
CA ILE E 280 -38.13 19.62 -18.17
C ILE E 280 -38.89 20.84 -17.63
N TYR E 281 -39.73 21.43 -18.47
CA TYR E 281 -40.35 22.75 -18.21
C TYR E 281 -41.22 22.78 -16.94
N GLY E 282 -42.11 21.80 -16.81
CA GLY E 282 -42.96 21.74 -15.63
C GLY E 282 -42.18 21.53 -14.34
N VAL E 283 -41.42 20.44 -14.29
CA VAL E 283 -40.86 19.94 -13.02
C VAL E 283 -39.39 20.31 -12.78
N GLY E 284 -38.62 20.48 -13.86
CA GLY E 284 -37.24 20.96 -13.76
C GLY E 284 -36.18 19.90 -13.51
N CYS E 285 -36.44 18.67 -13.95
CA CYS E 285 -35.43 17.62 -13.92
C CYS E 285 -34.82 17.46 -15.30
N LEU E 286 -33.63 16.88 -15.33
CA LEU E 286 -32.67 17.13 -16.37
C LEU E 286 -32.80 16.19 -17.57
N ILE E 287 -32.70 16.75 -18.77
CA ILE E 287 -32.61 15.96 -20.02
C ILE E 287 -31.23 16.13 -20.66
N THR E 288 -30.35 15.17 -20.36
CA THR E 288 -28.92 15.24 -20.62
C THR E 288 -28.50 15.92 -21.92
N GLU E 289 -27.44 16.71 -21.83
CA GLU E 289 -26.70 17.20 -23.01
C GLU E 289 -26.35 16.05 -23.97
N GLY E 290 -26.31 14.83 -23.43
CA GLY E 290 -26.18 13.62 -24.21
C GLY E 290 -27.24 13.52 -25.29
N SER E 291 -28.49 13.80 -24.96
CA SER E 291 -29.55 13.76 -25.97
C SER E 291 -29.27 14.67 -27.19
N ARG E 292 -28.55 15.78 -26.98
CA ARG E 292 -28.07 16.65 -28.06
C ARG E 292 -26.84 16.10 -28.81
N GLY E 293 -25.84 15.60 -28.06
CA GLY E 293 -24.66 14.96 -28.66
C GLY E 293 -25.02 13.71 -29.47
N GLU E 294 -26.21 13.19 -29.21
CA GLU E 294 -26.67 11.98 -29.85
C GLU E 294 -27.68 12.28 -30.95
N GLY E 295 -27.66 13.50 -31.47
CA GLY E 295 -28.49 13.86 -32.63
C GLY E 295 -29.66 14.85 -32.50
N GLY E 296 -30.04 15.21 -31.29
CA GLY E 296 -31.15 16.14 -31.10
C GLY E 296 -30.73 17.60 -31.18
N PHE E 297 -31.69 18.46 -31.52
CA PHE E 297 -31.42 19.90 -31.61
C PHE E 297 -32.58 20.73 -31.02
N LEU E 298 -32.34 22.02 -30.82
CA LEU E 298 -33.39 22.90 -30.29
C LEU E 298 -34.26 23.57 -31.37
N VAL E 299 -35.56 23.68 -31.08
CA VAL E 299 -36.56 24.15 -32.04
C VAL E 299 -37.52 25.20 -31.45
N ASN E 300 -37.63 26.37 -32.10
CA ASN E 300 -38.49 27.50 -31.66
C ASN E 300 -39.89 27.48 -32.29
N SER E 301 -40.70 28.51 -32.02
CA SER E 301 -42.13 28.53 -32.46
C SER E 301 -42.28 28.44 -33.97
N GLU E 302 -41.19 28.76 -34.67
CA GLU E 302 -41.18 28.79 -36.12
C GLU E 302 -40.84 27.43 -36.72
N GLY E 303 -40.15 26.60 -35.97
CA GLY E 303 -39.76 25.29 -36.46
C GLY E 303 -38.37 25.38 -37.05
N GLU E 304 -37.76 26.54 -36.91
CA GLU E 304 -36.37 26.72 -37.28
C GLU E 304 -35.49 25.92 -36.32
N ARG E 305 -34.39 25.36 -36.84
CA ARG E 305 -33.37 24.76 -35.99
C ARG E 305 -32.38 25.83 -35.55
N PHE E 306 -32.75 26.57 -34.49
CA PHE E 306 -32.24 27.93 -34.25
C PHE E 306 -30.81 28.12 -33.73
N MET E 307 -30.20 27.07 -33.21
CA MET E 307 -28.82 27.21 -32.73
C MET E 307 -27.81 27.48 -33.86
N GLU E 308 -28.13 27.05 -35.08
CA GLU E 308 -27.28 27.31 -36.25
C GLU E 308 -26.99 28.81 -36.43
N ARG E 309 -27.78 29.63 -35.72
CA ARG E 309 -27.67 31.08 -35.78
C ARG E 309 -26.79 31.67 -34.70
N TYR E 310 -26.85 31.10 -33.48
CA TYR E 310 -26.10 31.61 -32.33
C TYR E 310 -24.68 31.05 -32.23
N ALA E 311 -24.45 29.97 -32.98
CA ALA E 311 -23.17 29.27 -33.04
C ALA E 311 -23.20 28.48 -34.34
N PRO E 312 -22.53 28.98 -35.39
CA PRO E 312 -22.62 28.34 -36.71
C PRO E 312 -21.85 27.01 -36.82
N LYS E 313 -20.91 26.79 -35.91
CA LYS E 313 -19.97 25.65 -36.00
C LYS E 313 -20.24 24.51 -35.02
N ALA E 314 -20.33 24.81 -33.72
CA ALA E 314 -20.72 23.79 -32.75
C ALA E 314 -22.23 23.50 -32.82
N LYS E 315 -22.97 24.51 -33.28
CA LYS E 315 -24.44 24.49 -33.33
C LYS E 315 -25.10 24.18 -31.98
N ASP E 316 -25.90 23.13 -31.91
CA ASP E 316 -26.59 22.81 -30.66
C ASP E 316 -25.64 22.29 -29.57
N LEU E 317 -24.50 21.71 -29.97
CA LEU E 317 -23.50 21.24 -29.02
C LEU E 317 -22.49 22.32 -28.64
N ALA E 318 -22.95 23.56 -28.61
CA ALA E 318 -22.15 24.66 -28.08
C ALA E 318 -22.11 24.56 -26.56
N SER E 319 -21.25 25.35 -25.93
CA SER E 319 -21.13 25.33 -24.47
C SER E 319 -22.47 25.61 -23.78
N ARG E 320 -22.66 25.05 -22.59
CA ARG E 320 -23.92 25.16 -21.84
C ARG E 320 -24.28 26.61 -21.49
N ASP E 321 -23.27 27.46 -21.28
CA ASP E 321 -23.61 28.82 -20.87
C ASP E 321 -24.14 29.67 -22.02
N VAL E 322 -23.65 29.37 -23.21
CA VAL E 322 -24.03 30.07 -24.44
C VAL E 322 -25.39 29.61 -24.92
N VAL E 323 -25.67 28.31 -24.83
CA VAL E 323 -26.93 27.73 -25.36
C VAL E 323 -28.13 28.07 -24.50
N SER E 324 -27.93 28.11 -23.19
CA SER E 324 -28.96 28.61 -22.28
C SER E 324 -29.35 30.05 -22.64
N ARG E 325 -28.37 30.95 -22.59
CA ARG E 325 -28.57 32.31 -23.10
C ARG E 325 -29.31 32.32 -24.44
N ALA E 326 -28.90 31.46 -25.38
CA ALA E 326 -29.52 31.36 -26.69
C ALA E 326 -31.01 31.11 -26.60
N GLU E 327 -31.39 30.16 -25.75
CA GLU E 327 -32.78 29.81 -25.54
C GLU E 327 -33.50 30.97 -24.90
N THR E 328 -32.91 31.55 -23.87
CA THR E 328 -33.56 32.57 -23.04
C THR E 328 -33.96 33.82 -23.84
N ILE E 329 -33.10 34.18 -24.80
CA ILE E 329 -33.34 35.26 -25.73
C ILE E 329 -34.55 34.89 -26.59
N GLU E 330 -34.43 33.81 -27.37
CA GLU E 330 -35.52 33.33 -28.23
C GLU E 330 -36.91 33.37 -27.60
N ILE E 331 -36.97 33.14 -26.30
CA ILE E 331 -38.20 33.26 -25.50
C ILE E 331 -38.65 34.72 -25.44
N MET E 332 -37.82 35.57 -24.83
CA MET E 332 -38.16 36.97 -24.50
C MET E 332 -38.31 37.89 -25.73
N GLU E 333 -37.88 37.40 -26.90
CA GLU E 333 -38.21 38.07 -28.17
C GLU E 333 -39.62 37.70 -28.60
N GLY E 334 -39.89 36.41 -28.76
CA GLY E 334 -41.25 35.96 -29.06
C GLY E 334 -41.34 34.60 -29.74
N ARG E 335 -40.21 33.90 -29.81
CA ARG E 335 -40.13 32.60 -30.47
C ARG E 335 -40.23 31.41 -29.51
N GLY E 336 -40.55 31.72 -28.25
CA GLY E 336 -40.87 30.71 -27.25
C GLY E 336 -42.05 29.86 -27.67
N VAL E 337 -42.22 28.72 -27.02
CA VAL E 337 -43.17 27.73 -27.49
C VAL E 337 -44.22 27.38 -26.45
N GLY E 338 -45.30 26.73 -26.90
CA GLY E 338 -46.39 26.30 -26.04
C GLY E 338 -47.45 27.34 -25.73
N PRO E 339 -48.42 26.97 -24.85
CA PRO E 339 -49.57 27.81 -24.49
C PRO E 339 -49.22 29.10 -23.74
N GLU E 340 -47.97 29.23 -23.28
CA GLU E 340 -47.54 30.45 -22.62
C GLU E 340 -46.31 31.06 -23.27
N LYS E 341 -45.83 30.43 -24.36
CA LYS E 341 -44.68 30.90 -25.19
C LYS E 341 -43.37 31.19 -24.42
N ASP E 342 -43.04 30.32 -23.45
CA ASP E 342 -42.00 30.55 -22.41
C ASP E 342 -40.94 29.44 -22.19
N HIS E 343 -41.06 28.35 -22.96
CA HIS E 343 -40.08 27.27 -23.00
C HIS E 343 -39.83 26.92 -24.48
N ILE E 344 -38.85 26.07 -24.78
CA ILE E 344 -38.67 25.64 -26.19
C ILE E 344 -38.72 24.12 -26.36
N TYR E 345 -38.88 23.65 -27.59
CA TYR E 345 -38.89 22.21 -27.89
C TYR E 345 -37.49 21.58 -28.15
N LEU E 346 -37.18 20.50 -27.44
CA LEU E 346 -36.01 19.69 -27.74
C LEU E 346 -36.52 18.49 -28.54
N GLN E 347 -36.13 18.41 -29.81
CA GLN E 347 -36.73 17.44 -30.71
C GLN E 347 -35.88 16.19 -30.85
N LEU E 348 -36.48 15.03 -30.63
CA LEU E 348 -35.75 13.76 -30.67
C LEU E 348 -36.38 12.68 -31.53
N HIS E 349 -37.68 12.83 -31.81
CA HIS E 349 -38.45 11.87 -32.63
C HIS E 349 -37.79 11.45 -33.95
N HIS E 350 -37.00 12.36 -34.53
CA HIS E 350 -36.38 12.18 -35.83
C HIS E 350 -35.20 11.21 -35.84
N LEU E 351 -34.86 10.64 -34.68
CA LEU E 351 -33.81 9.63 -34.57
C LEU E 351 -34.39 8.23 -34.58
N PRO E 352 -33.59 7.25 -35.08
CA PRO E 352 -33.90 5.80 -35.08
C PRO E 352 -34.35 5.25 -33.72
N ALA E 353 -35.54 4.66 -33.68
CA ALA E 353 -36.14 4.27 -32.40
C ALA E 353 -35.28 3.26 -31.62
N GLU E 354 -34.31 2.67 -32.30
CA GLU E 354 -33.36 1.74 -31.67
C GLU E 354 -32.19 2.50 -31.02
N GLN E 355 -31.75 3.55 -31.69
CA GLN E 355 -30.68 4.43 -31.21
C GLN E 355 -31.16 5.17 -29.96
N LEU E 356 -32.47 5.46 -29.94
CA LEU E 356 -33.15 6.08 -28.82
C LEU E 356 -33.39 5.15 -27.62
N HIS E 357 -33.37 3.84 -27.87
CA HIS E 357 -33.55 2.85 -26.81
C HIS E 357 -32.22 2.52 -26.14
N GLN E 358 -31.18 2.30 -26.94
CA GLN E 358 -29.94 1.89 -26.34
C GLN E 358 -29.14 3.06 -25.76
N ARG E 359 -29.31 4.25 -26.32
CA ARG E 359 -28.45 5.38 -25.93
C ARG E 359 -29.12 6.45 -25.07
N LEU E 360 -30.46 6.39 -25.00
CA LEU E 360 -31.27 7.29 -24.18
C LEU E 360 -32.49 6.61 -23.51
N PRO E 361 -32.26 5.48 -22.80
CA PRO E 361 -33.42 4.79 -22.20
C PRO E 361 -34.00 5.52 -21.00
N GLY E 362 -33.14 6.10 -20.17
CA GLY E 362 -33.55 6.71 -18.90
C GLY E 362 -34.33 7.99 -19.04
N ILE E 363 -33.93 8.84 -19.98
CA ILE E 363 -34.69 10.06 -20.28
C ILE E 363 -36.02 9.73 -20.97
N SER E 364 -35.96 8.95 -22.06
CA SER E 364 -37.16 8.39 -22.70
C SER E 364 -38.22 8.09 -21.67
N GLU E 365 -37.82 7.51 -20.54
CA GLU E 365 -38.78 7.20 -19.51
C GLU E 365 -39.18 8.44 -18.70
N THR E 366 -38.23 9.16 -18.09
CA THR E 366 -38.64 10.31 -17.27
C THR E 366 -39.38 11.40 -18.06
N ALA E 367 -39.15 11.44 -19.37
CA ALA E 367 -39.91 12.31 -20.26
C ALA E 367 -41.38 11.89 -20.32
N LYS E 368 -41.64 10.59 -20.39
CA LYS E 368 -43.00 10.06 -20.46
C LYS E 368 -43.73 10.26 -19.13
N ILE E 369 -42.98 10.16 -18.05
CA ILE E 369 -43.54 10.23 -16.72
C ILE E 369 -43.90 11.65 -16.32
N PHE E 370 -43.01 12.60 -16.62
CA PHE E 370 -43.18 13.94 -16.11
C PHE E 370 -43.78 14.94 -17.11
N ALA E 371 -43.75 14.62 -18.39
CA ALA E 371 -44.32 15.53 -19.37
C ALA E 371 -45.22 14.84 -20.37
N GLY E 372 -45.57 13.58 -20.11
CA GLY E 372 -46.47 12.80 -20.99
C GLY E 372 -46.12 12.69 -22.48
N VAL E 373 -44.84 12.88 -22.80
CA VAL E 373 -44.31 12.88 -24.16
C VAL E 373 -43.87 11.48 -24.57
N ASP E 374 -44.05 11.12 -25.84
CA ASP E 374 -43.33 9.98 -26.40
C ASP E 374 -42.18 10.45 -27.31
N VAL E 375 -40.96 10.34 -26.81
CA VAL E 375 -39.79 10.91 -27.49
C VAL E 375 -39.54 10.43 -28.93
N THR E 376 -40.28 9.42 -29.40
CA THR E 376 -40.21 8.96 -30.81
C THR E 376 -41.32 9.56 -31.68
N LYS E 377 -42.10 10.49 -31.11
CA LYS E 377 -43.24 11.06 -31.82
C LYS E 377 -43.39 12.57 -31.61
N GLU E 378 -42.91 13.08 -30.48
CA GLU E 378 -43.11 14.50 -30.11
C GLU E 378 -41.82 15.09 -29.55
N PRO E 379 -41.80 16.40 -29.25
CA PRO E 379 -40.64 16.94 -28.55
C PRO E 379 -40.88 17.21 -27.05
N ILE E 380 -39.78 17.49 -26.33
CA ILE E 380 -39.80 17.71 -24.89
C ILE E 380 -39.81 19.22 -24.57
N PRO E 381 -40.79 19.64 -23.76
CA PRO E 381 -40.81 20.96 -23.09
C PRO E 381 -39.58 21.19 -22.18
N VAL E 382 -38.56 21.86 -22.71
CA VAL E 382 -37.36 22.20 -21.97
C VAL E 382 -37.19 23.71 -21.80
N ILE E 383 -36.52 24.11 -20.71
CA ILE E 383 -36.12 25.50 -20.47
C ILE E 383 -34.80 25.54 -19.68
N PRO E 384 -33.90 26.50 -19.98
CA PRO E 384 -32.66 26.57 -19.15
C PRO E 384 -32.98 26.48 -17.63
N THR E 385 -32.30 25.58 -16.91
CA THR E 385 -32.58 25.38 -15.46
C THR E 385 -31.33 25.40 -14.57
N VAL E 386 -31.45 25.96 -13.37
CA VAL E 386 -30.34 25.94 -12.39
C VAL E 386 -29.91 24.50 -12.12
N HIS E 387 -28.62 24.22 -12.28
CA HIS E 387 -28.17 22.84 -12.45
C HIS E 387 -26.86 22.41 -11.74
N TYR E 388 -25.79 23.20 -11.81
CA TYR E 388 -24.50 22.86 -11.20
C TYR E 388 -23.86 24.14 -10.68
N ASN E 389 -22.92 24.03 -9.73
CA ASN E 389 -22.14 25.19 -9.28
C ASN E 389 -20.63 25.08 -9.48
N MET E 390 -20.06 25.88 -10.38
CA MET E 390 -18.59 25.89 -10.41
C MET E 390 -18.09 26.38 -9.04
N GLY E 391 -18.74 27.41 -8.52
CA GLY E 391 -18.42 27.96 -7.20
C GLY E 391 -18.29 26.94 -6.08
N GLY E 392 -17.60 27.35 -5.01
CA GLY E 392 -17.43 26.52 -3.83
C GLY E 392 -16.30 26.93 -2.90
N ILE E 393 -15.68 25.95 -2.27
CA ILE E 393 -14.60 26.19 -1.32
C ILE E 393 -13.24 26.29 -2.07
N PRO E 394 -12.48 27.38 -1.85
CA PRO E 394 -11.24 27.61 -2.59
C PRO E 394 -10.16 26.60 -2.26
N THR E 395 -9.66 25.91 -3.27
CA THR E 395 -8.55 24.97 -3.08
C THR E 395 -7.50 25.08 -4.17
N ASN E 396 -6.25 24.78 -3.78
CA ASN E 396 -5.13 24.68 -4.70
C ASN E 396 -5.20 23.38 -5.47
N TYR E 397 -4.26 23.18 -6.38
CA TYR E 397 -4.20 21.97 -7.22
C TYR E 397 -4.10 20.67 -6.40
N LYS E 398 -3.57 20.81 -5.17
CA LYS E 398 -3.42 19.72 -4.19
C LYS E 398 -4.76 19.29 -3.55
N ALA E 399 -5.81 20.07 -3.80
CA ALA E 399 -7.18 19.89 -3.27
C ALA E 399 -7.36 20.38 -1.82
N GLN E 400 -6.44 21.25 -1.40
CA GLN E 400 -6.40 21.77 -0.04
C GLN E 400 -7.01 23.14 0.04
N VAL E 401 -7.80 23.35 1.10
CA VAL E 401 -8.53 24.60 1.32
C VAL E 401 -7.58 25.80 1.55
N ILE E 402 -7.87 26.94 0.93
CA ILE E 402 -6.98 28.10 1.08
C ILE E 402 -7.64 29.42 1.47
N LYS E 403 -7.00 30.10 2.40
CA LYS E 403 -7.28 31.50 2.68
C LYS E 403 -6.14 32.34 2.03
N TYR E 404 -6.54 33.36 1.26
CA TYR E 404 -5.64 34.23 0.46
C TYR E 404 -5.73 35.68 0.94
N THR E 405 -4.58 36.31 1.17
CA THR E 405 -4.53 37.75 1.47
C THR E 405 -3.84 38.51 0.30
N LYS E 406 -3.98 39.83 0.25
CA LYS E 406 -3.23 40.65 -0.70
C LYS E 406 -1.72 40.55 -0.41
N GLU E 407 -1.39 40.82 0.86
CA GLU E 407 -0.03 40.91 1.37
C GLU E 407 0.78 39.61 1.26
N GLY E 408 0.24 38.52 1.77
CA GLY E 408 0.92 37.22 1.76
C GLY E 408 0.17 36.13 1.02
N GLY E 409 0.70 35.72 -0.14
CA GLY E 409 0.05 34.78 -1.06
C GLY E 409 -1.26 34.18 -0.58
N ASP E 410 -1.27 32.85 -0.45
CA ASP E 410 -2.41 32.10 0.10
C ASP E 410 -1.93 31.00 1.06
N LYS E 411 -2.44 31.01 2.30
CA LYS E 411 -2.10 29.96 3.29
C LYS E 411 -3.16 28.89 3.49
N ILE E 412 -2.72 27.65 3.33
CA ILE E 412 -3.48 26.43 3.59
C ILE E 412 -4.06 26.39 5.02
N VAL E 413 -5.36 26.20 5.15
CA VAL E 413 -5.97 25.90 6.44
C VAL E 413 -5.61 24.45 6.81
N PRO E 414 -4.75 24.25 7.84
CA PRO E 414 -4.25 22.88 8.12
C PRO E 414 -5.33 21.86 8.53
N GLY E 415 -5.28 20.69 7.93
CA GLY E 415 -6.23 19.62 8.23
C GLY E 415 -7.45 19.56 7.32
N LEU E 416 -7.69 20.64 6.57
CA LEU E 416 -8.89 20.79 5.73
C LEU E 416 -8.66 20.40 4.26
N TYR E 417 -9.72 19.95 3.60
CA TYR E 417 -9.70 19.55 2.19
C TYR E 417 -11.10 19.67 1.58
N ALA E 418 -11.20 19.72 0.25
CA ALA E 418 -12.53 19.79 -0.36
C ALA E 418 -12.54 19.37 -1.83
N CYS E 419 -13.59 18.64 -2.26
CA CYS E 419 -13.73 18.23 -3.68
C CYS E 419 -15.16 18.07 -4.26
N GLY E 420 -15.23 17.85 -5.58
CA GLY E 420 -16.49 17.74 -6.32
C GLY E 420 -17.21 19.05 -6.66
N GLU E 421 -18.55 19.03 -6.66
CA GLU E 421 -19.40 20.22 -6.82
C GLU E 421 -19.09 21.23 -5.72
N CYS E 422 -18.81 20.72 -4.52
CA CYS E 422 -18.74 21.59 -3.35
C CYS E 422 -17.44 22.38 -3.27
N ALA E 423 -16.46 21.99 -4.08
CA ALA E 423 -15.18 22.69 -4.13
C ALA E 423 -15.11 23.74 -5.24
N CYS E 424 -14.05 24.55 -5.18
CA CYS E 424 -13.64 25.42 -6.28
C CYS E 424 -12.12 25.47 -6.42
N HIS E 425 -11.56 24.49 -7.12
CA HIS E 425 -10.16 24.55 -7.54
C HIS E 425 -10.09 25.58 -8.68
N SER E 426 -11.29 26.06 -9.02
CA SER E 426 -11.77 26.24 -10.40
C SER E 426 -11.07 25.35 -11.42
N VAL E 427 -11.73 24.25 -11.74
CA VAL E 427 -11.41 23.51 -12.94
C VAL E 427 -12.45 23.82 -14.02
N HIS E 428 -13.47 24.61 -13.67
CA HIS E 428 -14.56 24.92 -14.58
C HIS E 428 -14.62 26.40 -14.83
N GLY E 429 -13.88 27.12 -14.01
CA GLY E 429 -13.79 28.55 -14.12
C GLY E 429 -15.14 29.21 -13.95
N ALA E 430 -15.71 29.57 -15.09
CA ALA E 430 -16.87 30.45 -15.18
C ALA E 430 -17.94 29.76 -15.99
N ASN E 431 -17.58 28.60 -16.51
CA ASN E 431 -18.56 27.76 -17.14
C ASN E 431 -18.13 26.30 -17.06
N ARG E 432 -18.83 25.51 -16.25
CA ARG E 432 -18.55 24.09 -16.19
C ARG E 432 -18.69 23.40 -17.56
N LEU E 433 -17.65 22.67 -17.94
CA LEU E 433 -17.75 21.91 -19.14
C LEU E 433 -18.57 20.64 -18.87
N GLY E 434 -19.53 20.34 -19.74
CA GLY E 434 -20.38 19.16 -19.56
C GLY E 434 -19.61 17.84 -19.55
N ALA E 435 -19.99 16.95 -18.64
CA ALA E 435 -19.32 15.67 -18.41
C ALA E 435 -17.98 15.81 -17.70
N ASN E 436 -17.82 16.89 -16.95
CA ASN E 436 -16.59 17.09 -16.21
C ASN E 436 -16.71 17.04 -14.70
N SER E 437 -17.93 16.97 -14.20
CA SER E 437 -18.12 16.99 -12.75
C SER E 437 -17.94 15.60 -12.19
N LEU E 438 -18.36 14.61 -12.97
CA LEU E 438 -17.98 13.24 -12.69
C LEU E 438 -16.46 13.11 -12.67
N LEU E 439 -15.78 13.79 -13.59
CA LEU E 439 -14.33 13.70 -13.66
C LEU E 439 -13.67 14.34 -12.44
N ASP E 440 -13.92 15.64 -12.22
CA ASP E 440 -13.32 16.36 -11.09
C ASP E 440 -13.84 15.81 -9.76
N ALA E 441 -14.98 15.11 -9.81
CA ALA E 441 -15.48 14.39 -8.64
C ALA E 441 -14.51 13.28 -8.26
N VAL E 442 -14.21 12.43 -9.24
CA VAL E 442 -13.30 11.31 -9.03
C VAL E 442 -11.84 11.77 -8.94
N VAL E 443 -11.40 12.47 -9.97
CA VAL E 443 -10.00 12.83 -10.10
C VAL E 443 -9.48 13.43 -8.80
N PHE E 444 -10.28 14.32 -8.22
CA PHE E 444 -9.87 15.10 -7.06
C PHE E 444 -10.19 14.46 -5.75
N GLY E 445 -11.21 13.62 -5.73
CA GLY E 445 -11.40 12.70 -4.63
C GLY E 445 -10.21 11.73 -4.57
N ARG E 446 -9.90 11.10 -5.71
CA ARG E 446 -8.78 10.17 -5.83
C ARG E 446 -7.49 10.94 -5.59
N ALA E 447 -7.51 12.22 -5.96
CA ALA E 447 -6.36 13.09 -5.67
C ALA E 447 -6.35 13.63 -4.24
N CYS E 448 -7.37 13.34 -3.44
CA CYS E 448 -7.35 13.67 -2.01
C CYS E 448 -6.64 12.61 -1.18
N SER E 449 -6.63 11.39 -1.70
CA SER E 449 -5.95 10.29 -1.04
C SER E 449 -4.51 10.45 -1.41
N ILE E 450 -4.22 10.59 -2.70
CA ILE E 450 -2.84 10.71 -3.12
C ILE E 450 -2.18 11.86 -2.36
N ASN E 451 -2.74 13.05 -2.46
CA ASN E 451 -2.12 14.22 -1.85
C ASN E 451 -2.23 14.28 -0.30
N ILE E 452 -2.89 13.28 0.30
CA ILE E 452 -2.92 13.15 1.76
C ILE E 452 -1.94 12.10 2.29
N LYS E 453 -1.78 11.00 1.54
CA LYS E 453 -0.81 9.96 1.92
C LYS E 453 0.64 10.46 1.76
N GLU E 454 0.84 11.55 1.04
CA GLU E 454 2.12 12.25 1.05
C GLU E 454 2.33 12.95 2.38
N GLU E 455 1.46 13.93 2.65
CA GLU E 455 1.71 14.93 3.68
C GLU E 455 1.22 14.59 5.09
N LEU E 456 0.68 13.39 5.26
CA LEU E 456 0.43 12.86 6.61
C LEU E 456 1.64 12.02 6.99
N LYS E 457 2.31 12.44 8.06
CA LYS E 457 3.42 11.68 8.62
C LYS E 457 2.97 10.95 9.89
N PRO E 458 3.29 9.63 10.00
CA PRO E 458 2.73 8.77 11.04
C PRO E 458 3.22 9.05 12.48
N ASP E 459 3.92 10.17 12.69
CA ASP E 459 4.22 10.66 14.04
C ASP E 459 3.27 11.79 14.44
N GLU E 460 2.55 12.31 13.45
CA GLU E 460 1.41 13.20 13.69
C GLU E 460 0.23 12.36 14.20
N LYS E 461 -0.27 12.77 15.36
CA LYS E 461 -1.25 12.03 16.19
C LYS E 461 -2.66 12.65 16.07
N ILE E 462 -3.70 11.86 16.36
CA ILE E 462 -5.07 12.36 16.31
C ILE E 462 -5.16 13.58 17.25
N PRO E 463 -5.55 14.74 16.69
CA PRO E 463 -5.63 16.00 17.42
C PRO E 463 -6.55 15.92 18.62
N GLU E 464 -6.17 16.61 19.69
CA GLU E 464 -7.04 16.75 20.83
C GLU E 464 -8.11 17.79 20.46
N LEU E 465 -9.28 17.70 21.07
CA LEU E 465 -10.31 18.72 20.85
C LEU E 465 -10.22 19.80 21.91
N PRO E 466 -10.20 21.09 21.49
CA PRO E 466 -10.19 22.21 22.43
C PRO E 466 -11.38 22.15 23.35
N GLU E 467 -11.29 22.85 24.48
CA GLU E 467 -12.38 22.80 25.44
C GLU E 467 -13.60 23.55 24.90
N GLY E 468 -14.72 22.83 24.80
CA GLY E 468 -15.97 23.36 24.28
C GLY E 468 -16.19 23.12 22.79
N ALA E 469 -15.33 22.32 22.17
CA ALA E 469 -15.35 22.00 20.72
C ALA E 469 -16.77 21.96 20.11
N GLY E 470 -17.08 22.97 19.31
CA GLY E 470 -18.38 23.08 18.63
C GLY E 470 -19.59 23.06 19.55
N GLU E 471 -19.40 23.50 20.79
CA GLU E 471 -20.51 23.77 21.69
C GLU E 471 -21.48 24.74 21.00
N GLU E 472 -20.92 25.69 20.25
CA GLU E 472 -21.72 26.70 19.59
C GLU E 472 -22.63 26.11 18.52
N SER E 473 -22.18 25.04 17.88
CA SER E 473 -23.03 24.30 16.94
C SER E 473 -24.25 23.74 17.67
N ILE E 474 -24.00 23.00 18.74
CA ILE E 474 -25.07 22.33 19.49
C ILE E 474 -26.02 23.34 20.16
N ALA E 475 -25.46 24.48 20.58
CA ALA E 475 -26.22 25.60 21.12
C ALA E 475 -27.02 26.35 20.03
N ASN E 476 -26.60 26.29 18.76
CA ASN E 476 -27.44 26.74 17.63
C ASN E 476 -28.53 25.74 17.29
N LEU E 477 -28.17 24.47 17.19
CA LEU E 477 -29.15 23.43 16.92
C LEU E 477 -30.34 23.63 17.85
N ASP E 478 -30.06 23.76 19.15
CA ASP E 478 -31.09 23.98 20.15
C ASP E 478 -32.08 25.05 19.69
N ALA E 479 -31.61 26.27 19.42
CA ALA E 479 -32.51 27.38 19.09
C ALA E 479 -33.47 27.02 17.94
N VAL E 480 -32.89 26.55 16.83
CA VAL E 480 -33.61 26.12 15.61
C VAL E 480 -34.69 25.08 15.88
N ARG E 481 -34.43 24.21 16.86
CA ARG E 481 -35.33 23.15 17.26
C ARG E 481 -36.55 23.71 17.97
N TYR E 482 -36.33 24.53 19.01
CA TYR E 482 -37.43 25.15 19.77
C TYR E 482 -37.95 26.46 19.18
N ALA E 483 -37.42 26.79 18.00
CA ALA E 483 -37.81 27.97 17.20
C ALA E 483 -39.25 28.43 17.38
N ASN E 484 -39.40 29.41 18.25
CA ASN E 484 -40.68 29.99 18.61
C ASN E 484 -41.02 31.25 17.78
N GLY E 485 -40.51 31.35 16.55
CA GLY E 485 -40.73 32.53 15.70
C GLY E 485 -42.16 32.62 15.17
N ASP E 486 -42.41 33.53 14.24
CA ASP E 486 -43.72 33.60 13.59
C ASP E 486 -43.63 33.40 12.07
N VAL E 487 -42.45 33.01 11.60
CA VAL E 487 -42.25 32.71 10.18
C VAL E 487 -41.66 31.30 9.92
N PRO E 488 -42.52 30.40 9.36
CA PRO E 488 -42.23 29.00 9.02
C PRO E 488 -41.05 28.78 8.07
N THR E 489 -40.13 27.96 8.55
CA THR E 489 -39.00 27.47 7.78
C THR E 489 -39.41 27.14 6.35
N ALA E 490 -40.51 26.42 6.21
CA ALA E 490 -40.97 25.89 4.94
C ALA E 490 -41.25 26.96 3.86
N GLU E 491 -41.36 28.19 4.31
CA GLU E 491 -41.97 29.21 3.52
C GLU E 491 -41.04 30.40 3.36
N LEU E 492 -40.08 30.50 4.27
CA LEU E 492 -38.97 31.42 4.09
C LEU E 492 -38.21 30.99 2.83
N ARG E 493 -37.72 29.76 2.88
CA ARG E 493 -37.20 29.02 1.73
C ARG E 493 -37.89 29.45 0.45
N LEU E 494 -39.21 29.22 0.41
CA LEU E 494 -40.04 29.55 -0.72
C LEU E 494 -39.79 30.95 -1.29
N THR E 495 -39.76 31.98 -0.45
CA THR E 495 -39.52 33.32 -0.96
C THR E 495 -38.06 33.47 -1.39
N MET E 496 -37.13 33.08 -0.52
CA MET E 496 -35.72 33.04 -0.90
C MET E 496 -35.52 32.44 -2.30
N GLN E 497 -36.06 31.25 -2.50
CA GLN E 497 -35.85 30.54 -3.76
C GLN E 497 -36.40 31.35 -4.92
N LYS E 498 -37.55 31.98 -4.70
CA LYS E 498 -38.18 32.78 -5.75
C LYS E 498 -37.42 34.11 -5.99
N THR E 499 -36.96 34.72 -4.90
CA THR E 499 -36.12 35.92 -4.97
C THR E 499 -34.91 35.56 -5.80
N MET E 500 -34.14 34.61 -5.31
CA MET E 500 -33.01 34.13 -6.03
C MET E 500 -33.36 33.97 -7.48
N GLN E 501 -34.47 33.31 -7.76
CA GLN E 501 -34.87 32.99 -9.14
C GLN E 501 -35.05 34.20 -10.06
N LYS E 502 -35.61 35.28 -9.53
CA LYS E 502 -35.92 36.48 -10.31
C LYS E 502 -34.73 37.47 -10.47
N HIS E 503 -33.74 37.39 -9.58
CA HIS E 503 -32.62 38.34 -9.62
C HIS E 503 -31.32 37.81 -10.17
N ALA E 504 -31.03 36.54 -9.94
CA ALA E 504 -29.81 35.94 -10.43
C ALA E 504 -30.07 34.94 -11.57
N GLY E 505 -31.05 35.24 -12.42
CA GLY E 505 -31.34 34.44 -13.64
C GLY E 505 -30.22 34.44 -14.67
N VAL E 506 -30.48 33.87 -15.84
CA VAL E 506 -29.47 33.90 -16.92
C VAL E 506 -28.88 35.30 -17.06
N PHE E 507 -29.78 36.26 -17.28
CA PHE E 507 -29.46 37.68 -17.47
C PHE E 507 -29.69 38.52 -16.20
N ARG E 508 -28.68 39.34 -15.88
CA ARG E 508 -28.62 40.10 -14.63
C ARG E 508 -28.19 41.54 -14.96
N ARG E 509 -28.99 42.51 -14.50
CA ARG E 509 -28.65 43.96 -14.63
C ARG E 509 -28.29 44.60 -13.27
N GLY E 510 -27.37 45.57 -13.29
CA GLY E 510 -26.89 46.25 -12.07
C GLY E 510 -27.96 46.63 -11.06
N ASP E 511 -29.10 47.09 -11.59
CA ASP E 511 -30.24 47.59 -10.80
C ASP E 511 -31.14 46.47 -10.28
N ILE E 512 -31.37 45.45 -11.10
CA ILE E 512 -32.13 44.24 -10.73
C ILE E 512 -31.36 43.46 -9.65
N LEU E 513 -30.03 43.52 -9.70
CA LEU E 513 -29.16 42.82 -8.75
C LEU E 513 -29.13 43.50 -7.40
N ALA E 514 -28.91 44.81 -7.40
CA ALA E 514 -28.85 45.60 -6.17
C ALA E 514 -30.19 45.58 -5.46
N GLU E 515 -31.26 45.56 -6.26
CA GLU E 515 -32.62 45.46 -5.77
C GLU E 515 -32.82 44.05 -5.19
N GLY E 516 -32.13 43.09 -5.80
CA GLY E 516 -32.18 41.69 -5.37
C GLY E 516 -31.34 41.39 -4.15
N VAL E 517 -30.17 42.00 -4.05
CA VAL E 517 -29.32 41.83 -2.88
C VAL E 517 -30.05 42.41 -1.71
N LYS E 518 -30.59 43.61 -1.93
CA LYS E 518 -31.32 44.32 -0.91
C LYS E 518 -32.49 43.47 -0.36
N LYS E 519 -33.14 42.72 -1.26
CA LYS E 519 -34.23 41.82 -0.84
C LYS E 519 -33.70 40.62 -0.08
N MET E 520 -32.54 40.12 -0.51
CA MET E 520 -31.97 38.86 0.00
C MET E 520 -31.45 39.07 1.42
N MET E 521 -30.82 40.23 1.59
CA MET E 521 -30.25 40.66 2.86
C MET E 521 -31.30 41.05 3.88
N ASP E 522 -32.54 41.21 3.42
CA ASP E 522 -33.72 41.33 4.29
C ASP E 522 -34.20 39.95 4.77
N LEU E 523 -33.77 38.91 4.06
CA LEU E 523 -34.07 37.54 4.46
C LEU E 523 -33.10 36.94 5.46
N SER E 524 -31.81 37.26 5.38
CA SER E 524 -30.88 36.83 6.45
C SER E 524 -31.37 37.44 7.78
N LYS E 525 -32.24 38.45 7.66
CA LYS E 525 -32.88 39.08 8.79
C LYS E 525 -34.01 38.20 9.32
N GLU E 526 -35.01 37.95 8.47
CA GLU E 526 -36.23 37.19 8.87
C GLU E 526 -35.93 35.87 9.61
N LEU E 527 -34.76 35.31 9.33
CA LEU E 527 -34.26 34.03 9.86
C LEU E 527 -34.27 34.02 11.40
N LYS E 528 -34.37 35.21 11.98
CA LYS E 528 -34.39 35.43 13.41
C LYS E 528 -35.78 35.20 13.94
N ARG E 529 -36.74 35.20 13.03
CA ARG E 529 -38.14 34.93 13.36
C ARG E 529 -38.57 33.50 12.93
N LEU E 530 -37.63 32.55 13.01
CA LEU E 530 -37.86 31.20 12.47
C LEU E 530 -38.91 30.41 13.24
N LYS E 531 -39.62 29.54 12.51
CA LYS E 531 -40.71 28.73 13.08
C LYS E 531 -40.61 27.25 12.75
N THR E 532 -40.24 26.46 13.75
CA THR E 532 -40.36 25.01 13.63
C THR E 532 -41.47 24.46 14.53
N THR E 533 -41.91 23.24 14.21
CA THR E 533 -43.03 22.62 14.88
C THR E 533 -42.58 21.33 15.57
N ASP E 534 -41.78 20.54 14.85
CA ASP E 534 -41.34 19.23 15.31
C ASP E 534 -40.31 19.34 16.40
N ARG E 535 -40.76 19.26 17.64
CA ARG E 535 -39.87 19.48 18.77
C ARG E 535 -38.85 18.36 18.98
N SER E 536 -39.01 17.24 18.30
CA SER E 536 -38.26 16.02 18.65
C SER E 536 -36.78 16.01 18.20
N LEU E 537 -36.00 15.05 18.69
CA LEU E 537 -34.61 14.90 18.28
C LEU E 537 -34.47 13.76 17.30
N ILE E 538 -35.30 12.74 17.48
CA ILE E 538 -35.24 11.56 16.63
C ILE E 538 -35.84 11.86 15.27
N TRP E 539 -35.13 11.42 14.23
CA TRP E 539 -35.43 11.67 12.82
C TRP E 539 -36.27 12.91 12.61
N ASN E 540 -35.68 14.07 12.93
CA ASN E 540 -36.40 15.32 12.79
C ASN E 540 -36.12 15.99 11.47
N SER E 541 -37.12 15.93 10.59
CA SER E 541 -36.99 16.40 9.23
C SER E 541 -37.17 17.89 9.18
N ASP E 542 -38.14 18.39 9.96
CA ASP E 542 -38.38 19.82 10.14
C ASP E 542 -37.18 20.56 10.68
N LEU E 543 -36.49 19.91 11.61
CA LEU E 543 -35.24 20.44 12.15
C LEU E 543 -34.15 20.53 11.10
N THR E 544 -33.81 19.40 10.46
CA THR E 544 -32.67 19.40 9.53
C THR E 544 -32.98 20.30 8.33
N GLU E 545 -34.23 20.29 7.90
CA GLU E 545 -34.60 21.16 6.80
C GLU E 545 -34.43 22.62 7.20
N SER E 546 -34.95 23.00 8.36
CA SER E 546 -34.56 24.27 8.99
C SER E 546 -33.05 24.49 8.89
N LEU E 547 -32.29 23.63 9.55
CA LEU E 547 -30.82 23.71 9.57
C LEU E 547 -30.24 24.05 8.23
N GLU E 548 -30.78 23.39 7.20
CA GLU E 548 -30.38 23.59 5.81
C GLU E 548 -30.69 25.02 5.31
N LEU E 549 -31.89 25.51 5.60
CA LEU E 549 -32.27 26.87 5.21
C LEU E 549 -31.36 27.92 5.83
N GLN E 550 -30.77 27.60 6.97
CA GLN E 550 -29.74 28.44 7.55
C GLN E 550 -28.59 28.53 6.56
N ASN E 551 -28.22 27.38 6.00
CA ASN E 551 -27.05 27.23 5.13
C ASN E 551 -27.27 27.79 3.76
N LEU E 552 -28.41 27.47 3.18
CA LEU E 552 -28.74 27.98 1.87
C LEU E 552 -28.75 29.50 1.87
N MET E 553 -29.36 30.08 2.88
CA MET E 553 -29.40 31.54 3.04
C MET E 553 -27.99 32.12 2.92
N LEU E 554 -27.04 31.51 3.64
CA LEU E 554 -25.62 31.92 3.57
C LEU E 554 -25.10 31.87 2.11
N ASN E 555 -25.10 30.67 1.51
CA ASN E 555 -24.82 30.47 0.05
C ASN E 555 -25.51 31.49 -0.86
N ALA E 556 -26.82 31.59 -0.70
CA ALA E 556 -27.67 32.37 -1.59
C ALA E 556 -27.25 33.82 -1.58
N THR E 557 -27.29 34.46 -0.41
CA THR E 557 -26.80 35.84 -0.22
C THR E 557 -25.42 36.03 -0.85
N GLN E 558 -24.46 35.18 -0.48
CA GLN E 558 -23.11 35.38 -0.96
C GLN E 558 -23.04 35.41 -2.48
N THR E 559 -23.69 34.43 -3.11
CA THR E 559 -23.87 34.36 -4.56
C THR E 559 -24.35 35.70 -5.13
N ILE E 560 -25.57 36.09 -4.80
CA ILE E 560 -26.18 37.30 -5.39
C ILE E 560 -25.29 38.54 -5.30
N VAL E 561 -24.67 38.80 -4.14
CA VAL E 561 -23.79 39.98 -3.97
C VAL E 561 -22.55 39.90 -4.86
N ALA E 562 -22.05 38.68 -5.05
CA ALA E 562 -20.88 38.47 -5.87
C ALA E 562 -21.21 38.65 -7.35
N ALA E 563 -22.47 38.42 -7.70
CA ALA E 563 -22.92 38.54 -9.08
C ALA E 563 -23.34 39.95 -9.33
N GLU E 564 -23.61 40.69 -8.25
CA GLU E 564 -24.10 42.06 -8.35
C GLU E 564 -22.92 43.02 -8.53
N ASN E 565 -21.84 42.76 -7.79
CA ASN E 565 -20.63 43.53 -7.96
C ASN E 565 -19.82 43.20 -9.23
N ARG E 566 -20.08 42.05 -9.85
CA ARG E 566 -19.36 41.72 -11.10
C ARG E 566 -19.95 42.39 -12.35
N LYS E 567 -19.22 43.39 -12.85
CA LYS E 567 -19.64 44.20 -14.02
C LYS E 567 -19.01 43.70 -15.34
N GLU E 568 -19.43 42.50 -15.75
CA GLU E 568 -18.92 41.89 -16.96
C GLU E 568 -19.76 40.69 -17.37
N SER E 569 -19.43 40.11 -18.53
CA SER E 569 -20.07 38.91 -19.02
C SER E 569 -19.06 37.84 -19.43
N ARG E 570 -18.90 36.86 -18.54
CA ARG E 570 -18.00 35.74 -18.70
C ARG E 570 -18.72 34.50 -18.16
N GLY E 571 -18.83 33.45 -18.99
CA GLY E 571 -19.62 32.26 -18.66
C GLY E 571 -21.03 32.49 -18.12
N ALA E 572 -21.44 31.61 -17.20
CA ALA E 572 -22.76 31.63 -16.57
C ALA E 572 -23.23 33.00 -16.16
N HIS E 573 -22.27 33.82 -15.77
CA HIS E 573 -22.58 35.16 -15.36
C HIS E 573 -22.61 36.05 -16.58
N ALA E 574 -23.75 36.71 -16.79
CA ALA E 574 -23.94 37.55 -17.96
C ALA E 574 -24.81 38.77 -17.67
N ARG E 575 -24.17 39.94 -17.69
CA ARG E 575 -24.86 41.22 -17.55
C ARG E 575 -25.45 41.69 -18.88
N ASP E 576 -26.59 42.38 -18.80
CA ASP E 576 -27.18 43.06 -19.97
C ASP E 576 -26.51 44.42 -20.14
N ASP E 577 -26.06 44.99 -19.03
CA ASP E 577 -25.47 46.31 -19.04
C ASP E 577 -23.93 46.30 -19.10
N PHE E 578 -23.33 45.11 -19.20
CA PHE E 578 -21.87 44.96 -19.42
C PHE E 578 -21.61 43.72 -20.26
N PRO E 579 -22.02 43.73 -21.55
CA PRO E 579 -22.00 42.52 -22.36
C PRO E 579 -20.59 42.09 -22.76
N LYS E 580 -19.61 42.92 -22.46
CA LYS E 580 -18.22 42.67 -22.79
C LYS E 580 -17.50 41.89 -21.68
N ARG E 581 -16.60 40.98 -22.06
CA ARG E 581 -15.76 40.27 -21.08
C ARG E 581 -14.51 41.07 -20.76
N GLU E 582 -14.35 41.41 -19.48
CA GLU E 582 -13.28 42.31 -19.08
C GLU E 582 -12.02 41.58 -18.63
N ASP E 583 -11.03 41.54 -19.52
CA ASP E 583 -9.75 40.93 -19.18
C ASP E 583 -8.67 41.99 -18.93
N GLU E 584 -7.42 41.53 -18.80
CA GLU E 584 -6.24 42.41 -18.67
C GLU E 584 -6.05 43.23 -19.95
N TYR E 585 -5.91 42.52 -21.07
CA TYR E 585 -5.90 43.13 -22.36
C TYR E 585 -7.33 43.16 -22.92
N ASP E 586 -7.47 43.81 -24.06
CA ASP E 586 -8.59 43.55 -24.98
C ASP E 586 -8.12 42.51 -26.03
N TYR E 587 -8.45 41.25 -25.76
CA TYR E 587 -8.04 40.11 -26.58
C TYR E 587 -8.80 40.00 -27.89
N SER E 588 -9.60 41.01 -28.19
CA SER E 588 -10.17 41.14 -29.53
C SER E 588 -9.07 41.65 -30.46
N LYS E 589 -8.34 42.65 -29.94
CA LYS E 589 -7.19 43.31 -30.61
C LYS E 589 -5.91 42.44 -30.68
N PRO E 590 -4.99 42.75 -31.61
CA PRO E 590 -3.80 41.91 -31.69
C PRO E 590 -2.75 42.12 -30.57
N ILE E 591 -3.18 42.62 -29.41
CA ILE E 591 -2.36 42.60 -28.16
C ILE E 591 -1.11 43.49 -28.16
N GLU E 592 -0.18 43.20 -29.08
CA GLU E 592 1.09 43.92 -29.24
C GLU E 592 0.94 45.46 -29.19
N GLY E 593 1.67 46.08 -28.25
CA GLY E 593 1.57 47.52 -28.05
C GLY E 593 0.18 47.85 -27.58
N GLN E 594 -0.15 47.38 -26.38
CA GLN E 594 -1.43 47.62 -25.74
C GLN E 594 -1.13 47.73 -24.26
N THR E 595 -1.56 48.82 -23.63
CA THR E 595 -1.24 49.01 -22.21
C THR E 595 -2.12 48.14 -21.32
N LYS E 596 -1.62 46.92 -21.08
CA LYS E 596 -2.27 45.91 -20.24
C LYS E 596 -2.85 46.54 -18.97
N ARG E 597 -4.15 46.38 -18.75
CA ARG E 597 -4.82 47.00 -17.60
C ARG E 597 -4.37 46.43 -16.25
N PRO E 598 -4.57 47.18 -15.15
CA PRO E 598 -4.13 46.68 -13.85
C PRO E 598 -5.12 45.70 -13.23
N PHE E 599 -4.66 44.88 -12.28
CA PHE E 599 -5.51 43.92 -11.56
C PHE E 599 -6.80 44.58 -11.05
N GLU E 600 -6.68 45.72 -10.37
CA GLU E 600 -7.83 46.47 -9.89
C GLU E 600 -8.90 46.73 -10.94
N LYS E 601 -8.48 47.09 -12.15
CA LYS E 601 -9.40 47.62 -13.17
C LYS E 601 -10.09 46.59 -14.07
N HIS E 602 -9.66 45.32 -14.01
CA HIS E 602 -10.32 44.29 -14.82
C HIS E 602 -10.93 43.13 -14.00
N TRP E 603 -11.67 42.24 -14.68
CA TRP E 603 -12.45 41.17 -14.02
C TRP E 603 -12.00 39.73 -14.31
N ARG E 604 -10.75 39.53 -14.73
CA ARG E 604 -10.18 38.18 -14.77
C ARG E 604 -9.55 37.81 -13.42
N LYS E 605 -10.41 37.85 -12.41
CA LYS E 605 -10.05 37.52 -11.04
C LYS E 605 -11.16 36.66 -10.45
N HIS E 606 -10.86 35.90 -9.40
CA HIS E 606 -11.89 35.13 -8.72
C HIS E 606 -12.56 36.03 -7.71
N THR E 607 -13.88 36.00 -7.71
CA THR E 607 -14.64 36.70 -6.69
C THR E 607 -14.50 35.83 -5.48
N LEU E 608 -14.36 36.49 -4.34
CA LEU E 608 -13.93 35.82 -3.13
C LEU E 608 -14.63 36.46 -1.95
N THR E 609 -15.81 35.95 -1.64
CA THR E 609 -16.69 36.48 -0.60
C THR E 609 -16.40 35.92 0.79
N LYS E 610 -16.38 36.80 1.79
CA LYS E 610 -16.16 36.42 3.19
C LYS E 610 -17.40 36.89 3.95
N GLN E 611 -17.99 36.02 4.77
CA GLN E 611 -19.23 36.39 5.44
C GLN E 611 -19.25 36.09 6.93
N ASP E 612 -19.74 37.06 7.70
CA ASP E 612 -19.95 36.84 9.12
C ASP E 612 -21.22 36.03 9.27
N PRO E 613 -21.12 34.86 9.93
CA PRO E 613 -22.28 33.97 9.98
C PRO E 613 -23.41 34.50 10.85
N ARG E 614 -23.06 35.28 11.87
CA ARG E 614 -24.05 35.74 12.84
C ARG E 614 -24.82 36.94 12.31
N THR E 615 -24.11 37.89 11.69
CA THR E 615 -24.75 39.10 11.18
C THR E 615 -25.15 38.93 9.72
N GLY E 616 -24.32 38.23 8.97
CA GLY E 616 -24.61 37.98 7.57
C GLY E 616 -24.03 39.05 6.66
N HIS E 617 -23.02 39.78 7.14
CA HIS E 617 -22.35 40.79 6.33
C HIS E 617 -21.22 40.17 5.51
N ILE E 618 -21.19 40.50 4.22
CA ILE E 618 -20.24 39.94 3.26
C ILE E 618 -19.18 41.00 2.80
N THR E 619 -17.96 40.57 2.53
CA THR E 619 -16.90 41.50 2.10
C THR E 619 -15.99 40.84 1.07
N LEU E 620 -15.72 41.56 -0.02
CA LEU E 620 -15.11 40.95 -1.19
C LEU E 620 -13.62 41.28 -1.34
N ASP E 621 -12.79 40.24 -1.48
CA ASP E 621 -11.41 40.39 -1.95
C ASP E 621 -11.45 39.77 -3.34
N TYR E 622 -10.32 39.73 -4.04
CA TYR E 622 -10.23 39.00 -5.31
C TYR E 622 -8.88 38.31 -5.44
N ARG E 623 -8.87 37.19 -6.17
CA ARG E 623 -7.71 36.28 -6.17
C ARG E 623 -7.20 36.00 -7.58
N PRO E 624 -5.93 36.32 -7.85
CA PRO E 624 -5.28 36.08 -9.13
C PRO E 624 -5.63 34.72 -9.70
N VAL E 625 -6.13 34.73 -10.94
CA VAL E 625 -6.40 33.51 -11.67
C VAL E 625 -5.08 32.78 -11.96
N ILE E 626 -4.82 31.72 -11.21
CA ILE E 626 -3.58 30.96 -11.37
C ILE E 626 -3.43 30.47 -12.82
N ASP E 627 -2.31 30.84 -13.43
CA ASP E 627 -2.18 30.73 -14.88
C ASP E 627 -1.30 29.64 -15.49
N LYS E 628 -0.15 29.34 -14.89
CA LYS E 628 0.75 28.33 -15.46
C LYS E 628 0.15 26.92 -15.42
N THR E 629 0.52 26.06 -16.37
CA THR E 629 0.25 24.63 -16.24
C THR E 629 1.18 24.06 -15.17
N LEU E 630 0.93 22.85 -14.70
CA LEU E 630 1.73 22.28 -13.60
C LEU E 630 3.17 21.99 -14.02
N ASP E 631 3.30 21.30 -15.15
CA ASP E 631 4.60 21.10 -15.79
C ASP E 631 4.64 21.82 -17.15
N PRO E 632 5.30 23.01 -17.20
CA PRO E 632 5.42 23.76 -18.45
C PRO E 632 6.08 22.92 -19.55
N ALA E 633 6.89 21.96 -19.12
CA ALA E 633 7.56 21.02 -20.01
C ALA E 633 6.56 20.09 -20.69
N GLU E 634 5.66 19.51 -19.91
CA GLU E 634 4.67 18.53 -20.42
C GLU E 634 3.70 19.18 -21.42
N VAL E 635 2.95 20.17 -20.94
CA VAL E 635 2.13 21.05 -21.77
C VAL E 635 2.11 22.48 -21.24
N ASP E 636 2.02 23.43 -22.17
CA ASP E 636 2.23 24.86 -21.95
C ASP E 636 0.89 25.60 -21.95
N TRP E 637 0.76 26.60 -21.08
CA TRP E 637 -0.51 27.31 -20.91
C TRP E 637 -1.05 27.78 -22.26
N ILE E 638 -2.35 27.65 -22.45
CA ILE E 638 -2.95 28.13 -23.68
C ILE E 638 -3.76 29.41 -23.38
N PRO E 639 -3.30 30.56 -23.92
CA PRO E 639 -3.69 31.89 -23.46
C PRO E 639 -4.98 32.44 -24.11
N PRO E 640 -5.67 33.36 -23.40
CA PRO E 640 -7.06 33.79 -23.61
C PRO E 640 -7.39 34.25 -25.00
N ILE E 641 -8.51 33.77 -25.53
CA ILE E 641 -9.01 34.24 -26.82
C ILE E 641 -10.48 34.71 -26.69
N ILE E 642 -11.09 35.12 -27.78
CA ILE E 642 -12.51 35.46 -27.82
C ILE E 642 -13.37 34.20 -27.78
N ARG E 643 -14.50 34.27 -27.10
CA ARG E 643 -15.30 33.06 -26.88
C ARG E 643 -16.38 32.75 -27.93
N SER E 644 -15.97 32.08 -29.01
CA SER E 644 -16.87 31.76 -30.11
C SER E 644 -17.16 30.29 -30.09
N TYR E 645 -18.43 29.94 -30.28
CA TYR E 645 -18.77 28.53 -30.44
C TYR E 645 -19.38 28.21 -31.82
N LYS F 33 -64.55 22.31 -4.85
CA LYS F 33 -63.19 22.13 -5.44
C LYS F 33 -62.67 20.70 -5.20
N ARG F 34 -61.46 20.40 -5.73
CA ARG F 34 -60.91 19.04 -5.73
C ARG F 34 -60.10 18.76 -4.48
N ILE F 35 -60.69 17.99 -3.57
CA ILE F 35 -60.01 17.62 -2.32
C ILE F 35 -59.71 16.11 -2.27
N LYS F 36 -58.42 15.78 -2.18
CA LYS F 36 -57.98 14.41 -1.95
C LYS F 36 -57.78 14.20 -0.46
N THR F 37 -58.09 13.01 0.00
CA THR F 37 -57.82 12.69 1.38
C THR F 37 -56.86 11.49 1.50
N PHE F 38 -55.71 11.71 2.14
CA PHE F 38 -54.71 10.67 2.33
C PHE F 38 -54.70 10.23 3.78
N GLU F 39 -54.58 8.92 4.02
CA GLU F 39 -54.34 8.37 5.37
C GLU F 39 -52.91 7.89 5.47
N ILE F 40 -52.14 8.45 6.39
CA ILE F 40 -50.72 8.13 6.47
C ILE F 40 -50.30 7.55 7.82
N TYR F 41 -49.67 6.40 7.77
CA TYR F 41 -49.06 5.75 8.92
C TYR F 41 -48.21 6.70 9.75
N ARG F 42 -48.67 7.04 10.94
CA ARG F 42 -47.81 7.85 11.77
C ARG F 42 -47.22 6.98 12.84
N PHE F 43 -46.05 7.38 13.34
CA PHE F 43 -45.40 6.79 14.49
C PHE F 43 -44.33 7.72 15.05
N ASN F 44 -44.15 7.71 16.36
CA ASN F 44 -43.19 8.61 16.99
C ASN F 44 -42.50 7.97 18.18
N PRO F 45 -41.20 7.64 18.02
CA PRO F 45 -40.54 6.84 19.05
C PRO F 45 -40.34 7.56 20.39
N GLU F 46 -40.10 8.86 20.38
CA GLU F 46 -39.69 9.57 21.61
C GLU F 46 -40.76 9.68 22.70
N GLU F 47 -42.02 9.65 22.29
CA GLU F 47 -43.14 9.57 23.24
C GLU F 47 -43.43 8.11 23.65
N PRO F 48 -43.40 7.84 24.98
CA PRO F 48 -43.55 6.46 25.44
C PRO F 48 -45.02 6.01 25.54
N GLY F 49 -45.22 4.69 25.53
CA GLY F 49 -46.55 4.09 25.39
C GLY F 49 -47.14 4.30 24.00
N ALA F 50 -46.27 4.48 23.01
CA ALA F 50 -46.64 4.99 21.71
C ALA F 50 -47.07 3.90 20.75
N LYS F 51 -48.26 4.04 20.19
CA LYS F 51 -48.76 3.10 19.18
C LYS F 51 -48.79 3.76 17.79
N PRO F 52 -48.56 2.97 16.71
CA PRO F 52 -48.83 3.49 15.37
C PRO F 52 -50.27 3.97 15.23
N LYS F 53 -50.52 4.88 14.30
CA LYS F 53 -51.88 5.29 13.97
C LYS F 53 -51.93 5.67 12.50
N LEU F 54 -53.13 5.81 11.96
CA LEU F 54 -53.30 6.44 10.66
C LEU F 54 -53.76 7.86 10.93
N GLN F 55 -53.24 8.80 10.12
CA GLN F 55 -53.62 10.21 10.21
C GLN F 55 -54.19 10.63 8.88
N LYS F 56 -55.28 11.39 8.95
CA LYS F 56 -56.00 11.84 7.77
C LYS F 56 -55.68 13.29 7.41
N PHE F 57 -55.27 13.51 6.16
CA PHE F 57 -54.91 14.83 5.65
C PHE F 57 -55.66 15.12 4.37
N ASP F 58 -56.16 16.34 4.28
CA ASP F 58 -56.92 16.78 3.11
C ASP F 58 -56.08 17.72 2.27
N VAL F 59 -56.14 17.55 0.95
CA VAL F 59 -55.20 18.22 0.07
C VAL F 59 -55.84 18.81 -1.17
N ASP F 60 -55.68 20.11 -1.36
CA ASP F 60 -56.23 20.75 -2.53
C ASP F 60 -55.50 20.34 -3.80
N LEU F 61 -56.01 19.32 -4.49
CA LEU F 61 -55.34 18.77 -5.67
C LEU F 61 -54.85 19.82 -6.65
N ASP F 62 -55.64 20.88 -6.82
CA ASP F 62 -55.37 21.97 -7.77
C ASP F 62 -54.29 22.94 -7.30
N LYS F 63 -54.28 23.24 -6.00
CA LYS F 63 -53.14 23.89 -5.37
C LYS F 63 -52.06 22.85 -5.07
N CYS F 64 -51.96 21.80 -5.88
CA CYS F 64 -50.91 20.79 -5.68
C CYS F 64 -50.36 20.08 -6.94
N GLY F 65 -49.06 19.76 -6.89
CA GLY F 65 -48.37 18.93 -7.87
C GLY F 65 -49.04 17.60 -8.20
N THR F 66 -48.45 16.90 -9.16
CA THR F 66 -49.05 15.73 -9.80
C THR F 66 -48.71 14.35 -9.16
N MET F 67 -47.49 14.16 -8.65
CA MET F 67 -47.08 12.91 -7.97
C MET F 67 -47.30 12.96 -6.45
N VAL F 68 -47.35 11.77 -5.84
CA VAL F 68 -47.67 11.67 -4.42
C VAL F 68 -46.65 12.38 -3.52
N LEU F 69 -45.38 12.23 -3.87
CA LEU F 69 -44.30 12.90 -3.11
C LEU F 69 -44.63 14.39 -2.88
N ASP F 70 -45.21 15.03 -3.89
CA ASP F 70 -45.63 16.43 -3.81
C ASP F 70 -46.67 16.62 -2.70
N ALA F 71 -47.61 15.68 -2.64
CA ALA F 71 -48.71 15.75 -1.71
C ALA F 71 -48.20 15.55 -0.30
N LEU F 72 -47.15 14.74 -0.18
CA LEU F 72 -46.47 14.62 1.09
C LEU F 72 -45.77 15.93 1.45
N ILE F 73 -44.79 16.35 0.66
CA ILE F 73 -44.11 17.64 0.88
C ILE F 73 -45.11 18.77 1.19
N LYS F 74 -46.23 18.74 0.49
CA LYS F 74 -47.26 19.75 0.67
C LYS F 74 -47.77 19.76 2.11
N ILE F 75 -48.13 18.59 2.63
CA ILE F 75 -48.83 18.56 3.93
C ILE F 75 -47.88 18.73 5.13
N LYS F 76 -46.59 18.77 4.85
CA LYS F 76 -45.57 18.92 5.88
C LYS F 76 -45.30 20.39 6.00
N ASN F 77 -45.27 21.04 4.84
CA ASN F 77 -44.93 22.45 4.77
C ASN F 77 -46.08 23.34 5.16
N GLU F 78 -47.29 22.90 4.81
CA GLU F 78 -48.49 23.68 4.99
C GLU F 78 -49.47 23.17 6.07
N VAL F 79 -49.27 21.96 6.61
CA VAL F 79 -50.19 21.45 7.63
C VAL F 79 -49.50 21.04 8.95
N ASP F 80 -48.55 20.12 8.82
CA ASP F 80 -47.90 19.52 9.98
C ASP F 80 -46.45 19.20 9.61
N PRO F 81 -45.54 20.12 9.90
CA PRO F 81 -44.14 19.84 9.60
C PRO F 81 -43.55 18.58 10.25
N THR F 82 -44.31 17.92 11.13
CA THR F 82 -43.78 16.76 11.92
C THR F 82 -43.98 15.43 11.22
N LEU F 83 -44.64 15.48 10.06
CA LEU F 83 -44.71 14.36 9.13
C LEU F 83 -43.35 14.14 8.49
N THR F 84 -42.78 12.95 8.69
CA THR F 84 -41.39 12.72 8.43
C THR F 84 -41.29 11.66 7.37
N PHE F 85 -40.35 11.81 6.42
CA PHE F 85 -40.03 10.78 5.38
C PHE F 85 -38.67 10.99 4.68
N ARG F 86 -38.29 10.03 3.85
CA ARG F 86 -37.08 10.16 3.00
C ARG F 86 -37.41 10.62 1.59
N ARG F 87 -36.58 11.49 1.02
CA ARG F 87 -36.74 11.94 -0.37
C ARG F 87 -35.52 12.69 -0.87
N SER F 88 -35.21 12.51 -2.15
CA SER F 88 -34.17 13.33 -2.79
C SER F 88 -34.39 13.56 -4.30
N CYS F 89 -33.89 12.66 -5.15
CA CYS F 89 -33.89 12.89 -6.58
C CYS F 89 -35.13 13.54 -7.15
N ARG F 90 -36.29 13.27 -6.59
CA ARG F 90 -37.54 13.81 -7.14
C ARG F 90 -37.91 13.31 -8.57
N GLU F 91 -36.95 12.66 -9.25
CA GLU F 91 -37.09 12.14 -10.64
C GLU F 91 -37.09 10.59 -10.76
N GLY F 92 -37.17 9.91 -9.60
CA GLY F 92 -37.24 8.45 -9.52
C GLY F 92 -35.96 7.69 -9.82
N ILE F 93 -34.84 8.15 -9.29
CA ILE F 93 -33.52 7.53 -9.55
C ILE F 93 -32.64 7.35 -8.32
N CYS F 94 -33.10 7.81 -7.16
CA CYS F 94 -32.33 7.62 -5.92
C CYS F 94 -32.92 6.56 -4.99
N GLY F 95 -34.18 6.16 -5.27
CA GLY F 95 -34.94 5.21 -4.45
C GLY F 95 -35.10 5.52 -2.97
N SER F 96 -34.93 6.79 -2.59
CA SER F 96 -34.98 7.17 -1.17
C SER F 96 -36.38 7.00 -0.59
N CYS F 97 -37.36 7.36 -1.41
CA CYS F 97 -38.71 7.57 -0.96
C CYS F 97 -39.62 6.34 -0.94
N ALA F 98 -39.05 5.14 -1.05
CA ALA F 98 -39.88 3.94 -1.25
C ALA F 98 -40.93 3.83 -0.16
N MET F 99 -42.16 3.50 -0.55
CA MET F 99 -43.29 3.34 0.38
C MET F 99 -44.49 2.52 -0.18
N ASN F 100 -45.40 2.13 0.70
CA ASN F 100 -46.65 1.53 0.27
C ASN F 100 -47.75 2.57 0.01
N ILE F 101 -48.12 2.72 -1.26
CA ILE F 101 -49.11 3.69 -1.72
C ILE F 101 -50.25 2.92 -2.39
N ALA F 102 -51.47 3.09 -1.88
CA ALA F 102 -52.67 2.49 -2.49
C ALA F 102 -52.46 0.99 -2.63
N GLY F 103 -51.98 0.38 -1.55
CA GLY F 103 -51.76 -1.04 -1.52
C GLY F 103 -50.36 -1.50 -1.91
N GLU F 104 -49.80 -1.00 -3.00
CA GLU F 104 -48.50 -1.54 -3.45
C GLU F 104 -47.27 -0.71 -3.07
N ASN F 105 -46.13 -1.36 -3.09
CA ASN F 105 -44.87 -0.71 -2.80
C ASN F 105 -44.29 -0.04 -4.05
N THR F 106 -44.08 1.27 -3.98
CA THR F 106 -43.56 2.06 -5.09
C THR F 106 -42.82 3.31 -4.56
N LEU F 107 -42.35 4.15 -5.47
CA LEU F 107 -41.62 5.36 -5.12
C LEU F 107 -42.60 6.52 -5.08
N ALA F 108 -42.60 7.28 -4.00
CA ALA F 108 -43.58 8.35 -3.92
C ALA F 108 -43.46 9.34 -5.11
N CYS F 109 -42.23 9.61 -5.55
CA CYS F 109 -41.96 10.67 -6.51
C CYS F 109 -42.23 10.39 -7.96
N ILE F 110 -42.54 9.15 -8.32
CA ILE F 110 -42.97 8.86 -9.69
C ILE F 110 -44.27 8.06 -9.69
N CYS F 111 -45.00 8.18 -8.60
CA CYS F 111 -46.36 7.65 -8.44
C CYS F 111 -47.39 8.78 -8.44
N ASN F 112 -48.36 8.71 -9.35
CA ASN F 112 -49.38 9.76 -9.49
C ASN F 112 -50.48 9.70 -8.47
N ILE F 113 -50.92 10.86 -8.04
CA ILE F 113 -52.01 10.93 -7.09
C ILE F 113 -53.24 10.40 -7.81
N ASP F 114 -54.01 9.53 -7.13
CA ASP F 114 -55.25 8.97 -7.72
C ASP F 114 -56.36 10.02 -7.80
N GLN F 115 -56.63 10.47 -9.03
CA GLN F 115 -57.45 11.66 -9.28
C GLN F 115 -58.87 11.61 -8.70
N ASN F 116 -59.40 10.41 -8.51
CA ASN F 116 -60.74 10.16 -7.94
C ASN F 116 -60.90 10.54 -6.45
N THR F 117 -61.29 11.80 -6.22
CA THR F 117 -61.42 12.39 -4.87
C THR F 117 -62.38 11.63 -3.94
N SER F 118 -63.11 10.66 -4.48
CA SER F 118 -64.07 9.90 -3.68
C SER F 118 -63.39 8.73 -2.96
N LYS F 119 -62.45 8.06 -3.65
CA LYS F 119 -61.53 7.10 -3.02
C LYS F 119 -60.58 7.81 -2.04
N THR F 120 -60.15 7.11 -1.00
CA THR F 120 -59.19 7.66 -0.02
C THR F 120 -57.82 6.91 -0.05
N THR F 121 -56.86 7.46 -0.82
CA THR F 121 -55.50 6.92 -1.01
C THR F 121 -54.73 6.81 0.31
N LYS F 122 -54.12 5.65 0.59
CA LYS F 122 -53.44 5.47 1.89
C LYS F 122 -52.03 4.87 1.86
N ILE F 123 -51.24 5.36 2.83
CA ILE F 123 -49.78 5.35 2.74
C ILE F 123 -49.08 4.72 3.94
N TYR F 124 -48.40 3.62 3.68
CA TYR F 124 -47.67 2.90 4.70
C TYR F 124 -46.21 2.79 4.33
N PRO F 125 -45.34 2.67 5.35
CA PRO F 125 -43.92 2.47 5.09
C PRO F 125 -43.74 1.08 4.55
N LEU F 126 -42.66 0.86 3.79
CA LEU F 126 -42.37 -0.48 3.27
C LEU F 126 -42.79 -1.56 4.31
N PRO F 127 -43.48 -2.61 3.84
CA PRO F 127 -44.03 -3.60 4.75
C PRO F 127 -42.99 -4.47 5.48
N HIS F 128 -43.32 -4.80 6.74
CA HIS F 128 -42.56 -5.68 7.63
C HIS F 128 -41.15 -5.15 7.76
N MET F 129 -41.03 -3.84 7.91
CA MET F 129 -39.73 -3.23 8.26
C MET F 129 -39.88 -2.56 9.62
N PHE F 130 -38.82 -2.55 10.41
CA PHE F 130 -38.88 -1.81 11.65
C PHE F 130 -38.95 -0.35 11.29
N VAL F 131 -39.97 0.33 11.79
CA VAL F 131 -40.07 1.78 11.54
C VAL F 131 -39.25 2.56 12.59
N ILE F 132 -38.45 3.51 12.09
CA ILE F 132 -37.68 4.41 12.93
C ILE F 132 -38.66 5.45 13.46
N LYS F 133 -39.41 6.05 12.53
CA LYS F 133 -40.41 7.07 12.80
C LYS F 133 -41.19 7.26 11.51
N ASP F 134 -42.43 7.74 11.64
CA ASP F 134 -43.31 8.01 10.50
C ASP F 134 -43.14 7.05 9.33
N LEU F 135 -42.72 7.52 8.17
CA LEU F 135 -42.59 6.63 7.01
C LEU F 135 -41.15 6.17 6.74
N VAL F 136 -40.35 6.15 7.79
CA VAL F 136 -38.92 5.91 7.67
C VAL F 136 -38.52 4.55 8.23
N PRO F 137 -38.50 3.51 7.38
CA PRO F 137 -38.14 2.17 7.82
C PRO F 137 -36.69 2.13 8.29
N ASP F 138 -36.30 1.09 9.01
CA ASP F 138 -34.89 0.92 9.24
C ASP F 138 -34.30 0.08 8.13
N MET F 139 -33.51 0.72 7.29
CA MET F 139 -33.02 0.06 6.12
C MET F 139 -31.78 -0.80 6.37
N ASN F 140 -31.28 -0.79 7.59
CA ASN F 140 -29.94 -1.30 7.86
C ASN F 140 -29.68 -2.76 7.64
N LEU F 141 -30.72 -3.59 7.77
CA LEU F 141 -30.56 -5.00 7.46
C LEU F 141 -30.34 -5.17 5.96
N PHE F 142 -31.18 -4.51 5.17
CA PHE F 142 -31.07 -4.46 3.70
C PHE F 142 -29.66 -4.11 3.25
N TYR F 143 -29.12 -3.01 3.79
CA TYR F 143 -27.82 -2.53 3.37
C TYR F 143 -26.75 -3.53 3.67
N ALA F 144 -26.85 -4.11 4.87
CA ALA F 144 -25.94 -5.13 5.34
C ALA F 144 -25.89 -6.32 4.38
N GLN F 145 -27.05 -6.88 4.06
CA GLN F 145 -27.14 -8.00 3.16
C GLN F 145 -26.54 -7.69 1.81
N TYR F 146 -26.68 -6.44 1.34
CA TYR F 146 -26.09 -6.05 0.06
C TYR F 146 -24.60 -6.20 0.17
N ALA F 147 -24.04 -5.56 1.19
CA ALA F 147 -22.61 -5.64 1.45
C ALA F 147 -22.11 -7.08 1.42
N SER F 148 -23.01 -8.04 1.66
CA SER F 148 -22.62 -9.44 1.86
C SER F 148 -22.31 -10.19 0.58
N ILE F 149 -22.61 -9.60 -0.57
CA ILE F 149 -22.48 -10.30 -1.84
C ILE F 149 -21.25 -9.83 -2.65
N GLN F 150 -20.49 -8.92 -2.03
CA GLN F 150 -19.33 -8.25 -2.61
C GLN F 150 -19.66 -7.62 -3.96
N PRO F 151 -20.31 -6.44 -3.93
CA PRO F 151 -20.65 -5.71 -5.14
C PRO F 151 -19.46 -4.91 -5.60
N TRP F 152 -18.39 -5.61 -5.92
CA TRP F 152 -17.32 -5.06 -6.71
C TRP F 152 -16.78 -6.15 -7.59
N LEU F 153 -16.30 -5.73 -8.76
CA LEU F 153 -15.62 -6.62 -9.70
C LEU F 153 -14.39 -7.18 -9.05
N GLN F 154 -14.14 -8.45 -9.28
CA GLN F 154 -12.92 -9.03 -8.77
C GLN F 154 -12.27 -9.99 -9.77
N LYS F 155 -10.97 -9.85 -9.84
CA LYS F 155 -10.12 -10.56 -10.78
C LYS F 155 -9.49 -11.79 -10.10
N LYS F 156 -9.09 -12.75 -10.92
CA LYS F 156 -8.31 -13.92 -10.48
C LYS F 156 -6.82 -13.58 -10.68
N THR F 157 -6.46 -13.20 -11.92
CA THR F 157 -5.14 -12.68 -12.34
C THR F 157 -4.94 -11.20 -11.95
N LYS F 158 -4.44 -10.91 -10.73
CA LYS F 158 -4.30 -9.52 -10.19
C LYS F 158 -3.85 -8.49 -11.24
N ILE F 159 -4.59 -7.37 -11.34
CA ILE F 159 -4.51 -6.46 -12.51
C ILE F 159 -4.07 -5.00 -12.21
N ASN F 160 -3.49 -4.35 -13.22
CA ASN F 160 -3.04 -2.95 -13.12
C ASN F 160 -4.17 -1.92 -13.23
N LEU F 161 -4.33 -1.11 -12.18
CA LEU F 161 -5.54 -0.28 -12.00
C LEU F 161 -5.82 0.78 -13.04
N GLY F 162 -5.04 1.85 -13.07
CA GLY F 162 -5.22 2.82 -14.14
C GLY F 162 -4.80 2.35 -15.55
N GLU F 163 -4.48 1.05 -15.70
CA GLU F 163 -3.73 0.60 -16.88
C GLU F 163 -4.51 0.30 -18.16
N LYS F 164 -5.57 -0.50 -18.12
CA LYS F 164 -6.38 -0.66 -19.36
C LYS F 164 -7.73 -1.36 -19.25
N GLN F 165 -8.67 -0.93 -20.06
CA GLN F 165 -10.03 -1.44 -20.01
C GLN F 165 -10.09 -2.91 -20.33
N GLN F 166 -10.56 -3.73 -19.39
CA GLN F 166 -10.85 -5.12 -19.73
C GLN F 166 -11.79 -5.14 -20.91
N TYR F 167 -11.51 -6.05 -21.85
CA TYR F 167 -12.41 -6.34 -22.94
C TYR F 167 -13.80 -6.67 -22.39
N GLN F 168 -14.79 -6.39 -23.22
CA GLN F 168 -16.11 -6.99 -23.10
C GLN F 168 -16.89 -6.71 -24.37
N SER F 169 -17.43 -7.77 -24.98
CA SER F 169 -18.28 -7.65 -26.17
C SER F 169 -19.45 -6.73 -25.84
N ILE F 170 -20.18 -6.26 -26.85
CA ILE F 170 -21.44 -5.56 -26.58
C ILE F 170 -22.47 -6.56 -26.05
N LYS F 171 -22.39 -7.79 -26.57
CA LYS F 171 -23.36 -8.84 -26.31
C LYS F 171 -23.42 -9.23 -24.84
N GLU F 172 -22.25 -9.28 -24.22
CA GLU F 172 -22.16 -9.71 -22.84
C GLU F 172 -22.28 -8.55 -21.87
N GLN F 173 -22.23 -7.32 -22.38
CA GLN F 173 -22.55 -6.17 -21.52
C GLN F 173 -24.06 -5.93 -21.53
N GLU F 174 -24.74 -6.22 -22.64
CA GLU F 174 -26.22 -6.22 -22.68
C GLU F 174 -26.84 -7.29 -21.74
N LYS F 175 -26.09 -8.37 -21.47
CA LYS F 175 -26.45 -9.35 -20.45
C LYS F 175 -26.71 -8.68 -19.09
N LEU F 176 -26.14 -7.49 -18.90
CA LEU F 176 -26.28 -6.73 -17.67
C LEU F 176 -27.51 -5.80 -17.64
N ASP F 177 -28.13 -5.56 -18.79
CA ASP F 177 -29.33 -4.72 -18.84
C ASP F 177 -30.47 -5.39 -18.09
N GLY F 178 -31.26 -4.58 -17.38
CA GLY F 178 -32.27 -5.08 -16.46
C GLY F 178 -31.71 -5.40 -15.07
N LEU F 179 -30.42 -5.17 -14.89
CA LEU F 179 -29.74 -5.61 -13.71
C LEU F 179 -28.96 -4.47 -13.05
N TYR F 180 -28.26 -3.66 -13.83
CA TYR F 180 -27.54 -2.51 -13.24
C TYR F 180 -28.43 -1.33 -12.92
N GLU F 181 -29.64 -1.31 -13.47
CA GLU F 181 -30.55 -0.17 -13.34
C GLU F 181 -31.06 0.04 -11.91
N CYS F 182 -31.18 -1.05 -11.17
CA CYS F 182 -31.57 -1.10 -9.75
C CYS F 182 -31.14 0.10 -8.91
N ILE F 183 -32.10 0.74 -8.25
CA ILE F 183 -31.83 1.91 -7.36
C ILE F 183 -31.60 1.54 -5.90
N LEU F 184 -31.67 0.22 -5.61
CA LEU F 184 -31.62 -0.30 -4.25
C LEU F 184 -32.68 0.37 -3.38
N CYS F 185 -33.93 0.32 -3.86
CA CYS F 185 -35.02 1.07 -3.23
C CYS F 185 -35.70 0.19 -2.19
N ALA F 186 -35.61 -1.11 -2.40
CA ALA F 186 -36.16 -2.12 -1.48
C ALA F 186 -37.66 -2.29 -1.59
N CYS F 187 -38.25 -1.83 -2.70
CA CYS F 187 -39.67 -2.06 -2.89
C CYS F 187 -39.91 -3.54 -3.02
N CYS F 188 -39.05 -4.17 -3.81
CA CYS F 188 -39.27 -5.55 -4.19
C CYS F 188 -39.15 -6.45 -2.98
N SER F 189 -38.04 -6.31 -2.27
CA SER F 189 -37.84 -7.04 -1.02
C SER F 189 -38.96 -6.77 -0.02
N ALA F 190 -39.33 -5.52 0.22
CA ALA F 190 -40.40 -5.27 1.18
C ALA F 190 -41.79 -5.83 0.81
N SER F 191 -41.88 -6.52 -0.33
CA SER F 191 -43.16 -7.04 -0.83
C SER F 191 -43.23 -8.56 -0.83
N CYS F 192 -42.07 -9.20 -0.75
CA CYS F 192 -42.00 -10.64 -0.73
C CYS F 192 -42.29 -11.14 0.67
N PRO F 193 -43.41 -11.87 0.81
CA PRO F 193 -43.85 -12.41 2.12
C PRO F 193 -42.73 -13.26 2.78
N SER F 194 -42.03 -14.05 1.97
CA SER F 194 -40.93 -14.88 2.45
C SER F 194 -39.93 -14.02 3.21
N TYR F 195 -39.50 -12.94 2.56
CA TYR F 195 -38.59 -12.03 3.19
C TYR F 195 -39.25 -11.29 4.36
N TRP F 196 -40.59 -11.23 4.41
CA TRP F 196 -41.20 -10.72 5.64
C TRP F 196 -40.81 -11.63 6.80
N TRP F 197 -41.13 -12.92 6.65
CA TRP F 197 -40.91 -13.91 7.71
C TRP F 197 -39.47 -14.35 7.94
N ASN F 198 -38.61 -14.26 6.93
CA ASN F 198 -37.24 -14.81 7.08
C ASN F 198 -36.09 -13.88 6.79
N ALA F 199 -36.42 -12.60 6.60
CA ALA F 199 -35.46 -11.53 6.34
C ALA F 199 -34.04 -11.82 6.84
N ASP F 200 -33.90 -12.39 8.04
CA ASP F 200 -32.56 -12.63 8.54
C ASP F 200 -31.77 -13.59 7.62
N LYS F 201 -32.32 -14.78 7.38
CA LYS F 201 -31.59 -15.80 6.64
C LYS F 201 -31.72 -15.62 5.12
N TYR F 202 -32.96 -15.58 4.65
CA TYR F 202 -33.30 -15.28 3.26
C TYR F 202 -32.89 -13.89 2.85
N LEU F 203 -32.18 -13.79 1.72
CA LEU F 203 -31.55 -12.53 1.30
C LEU F 203 -32.50 -11.51 0.70
N GLY F 204 -33.59 -11.98 0.07
CA GLY F 204 -34.54 -11.09 -0.63
C GLY F 204 -34.21 -10.78 -2.10
N PRO F 205 -35.25 -10.56 -2.93
CA PRO F 205 -35.16 -10.24 -4.35
C PRO F 205 -34.18 -9.16 -4.74
N ALA F 206 -33.89 -8.20 -3.87
CA ALA F 206 -33.12 -7.05 -4.30
C ALA F 206 -31.69 -7.45 -4.41
N VAL F 207 -31.17 -7.85 -3.26
CA VAL F 207 -29.80 -8.25 -3.09
C VAL F 207 -29.46 -9.41 -4.03
N LEU F 208 -30.35 -10.38 -4.13
CA LEU F 208 -30.20 -11.51 -5.03
C LEU F 208 -30.01 -11.11 -6.48
N MET F 209 -30.83 -10.19 -6.97
CA MET F 209 -30.69 -9.77 -8.35
C MET F 209 -29.30 -9.22 -8.57
N GLN F 210 -28.89 -8.40 -7.61
CA GLN F 210 -27.60 -7.74 -7.66
C GLN F 210 -26.49 -8.78 -7.61
N ALA F 211 -26.64 -9.75 -6.72
CA ALA F 211 -25.65 -10.79 -6.54
C ALA F 211 -25.45 -11.55 -7.86
N TYR F 212 -26.57 -11.75 -8.58
CA TYR F 212 -26.57 -12.34 -9.93
C TYR F 212 -25.97 -11.40 -10.97
N ARG F 213 -26.26 -10.10 -10.84
CA ARG F 213 -25.68 -9.10 -11.73
C ARG F 213 -24.19 -9.35 -11.82
N TRP F 214 -23.59 -9.63 -10.68
CA TRP F 214 -22.17 -9.82 -10.65
C TRP F 214 -21.68 -11.16 -11.24
N ILE F 215 -22.47 -12.22 -11.14
CA ILE F 215 -21.94 -13.51 -11.56
C ILE F 215 -21.86 -13.61 -13.10
N ILE F 216 -22.84 -12.99 -13.78
CA ILE F 216 -22.90 -13.03 -15.26
C ILE F 216 -22.17 -11.90 -15.89
N ASP F 217 -21.55 -11.04 -15.09
CA ASP F 217 -20.70 -9.98 -15.64
C ASP F 217 -19.38 -10.59 -16.10
N SER F 218 -19.27 -10.85 -17.40
CA SER F 218 -18.14 -11.56 -18.02
C SER F 218 -16.72 -11.10 -17.62
N ARG F 219 -16.62 -9.95 -16.97
CA ARG F 219 -15.32 -9.48 -16.46
C ARG F 219 -14.98 -10.00 -15.04
N ASP F 220 -15.91 -10.73 -14.44
CA ASP F 220 -15.74 -11.19 -13.06
C ASP F 220 -15.42 -12.71 -12.95
N ASP F 221 -14.26 -13.02 -12.37
CA ASP F 221 -13.77 -14.40 -12.24
C ASP F 221 -14.37 -15.19 -11.07
N SER F 222 -14.89 -14.46 -10.09
CA SER F 222 -15.44 -15.01 -8.85
C SER F 222 -16.75 -15.77 -9.00
N ALA F 223 -17.36 -15.72 -10.18
CA ALA F 223 -18.65 -16.37 -10.41
C ALA F 223 -18.87 -17.63 -9.54
N ALA F 224 -17.86 -18.49 -9.47
CA ALA F 224 -17.96 -19.77 -8.77
C ALA F 224 -18.18 -19.67 -7.25
N GLU F 225 -17.27 -19.02 -6.54
CA GLU F 225 -17.44 -18.87 -5.09
C GLU F 225 -18.34 -17.70 -4.68
N ARG F 226 -18.94 -17.05 -5.67
CA ARG F 226 -19.98 -16.06 -5.43
C ARG F 226 -21.27 -16.82 -5.27
N LEU F 227 -21.37 -17.98 -5.94
CA LEU F 227 -22.47 -18.91 -5.68
C LEU F 227 -22.33 -19.65 -4.33
N ALA F 228 -21.07 -19.96 -3.99
CA ALA F 228 -20.68 -20.60 -2.74
C ALA F 228 -21.30 -19.90 -1.54
N ARG F 229 -21.16 -18.57 -1.49
CA ARG F 229 -21.76 -17.73 -0.44
C ARG F 229 -23.25 -18.00 -0.17
N MET F 230 -23.99 -18.56 -1.13
CA MET F 230 -25.45 -18.74 -0.99
C MET F 230 -26.05 -20.09 -1.44
N GLN F 231 -25.40 -21.19 -1.03
CA GLN F 231 -25.72 -22.55 -1.52
C GLN F 231 -26.79 -23.22 -0.73
N ASP F 232 -27.00 -22.74 0.50
CA ASP F 232 -27.92 -23.37 1.44
C ASP F 232 -29.37 -23.09 1.12
N GLY F 233 -30.22 -23.91 1.71
CA GLY F 233 -31.65 -23.80 1.48
C GLY F 233 -32.34 -22.61 2.13
N PHE F 234 -31.56 -21.70 2.71
CA PHE F 234 -32.15 -20.44 3.13
C PHE F 234 -31.78 -19.25 2.26
N SER F 235 -30.51 -18.82 2.33
CA SER F 235 -30.11 -17.52 1.75
C SER F 235 -30.70 -17.16 0.37
N ALA F 236 -30.78 -18.14 -0.53
CA ALA F 236 -31.35 -17.88 -1.85
C ALA F 236 -32.54 -18.75 -2.14
N PHE F 237 -32.45 -20.05 -1.85
CA PHE F 237 -33.49 -21.02 -2.20
C PHE F 237 -34.84 -20.85 -1.49
N LYS F 238 -34.91 -19.97 -0.50
CA LYS F 238 -36.19 -19.72 0.18
C LYS F 238 -37.09 -18.73 -0.58
N CYS F 239 -36.78 -18.49 -1.87
CA CYS F 239 -37.76 -17.94 -2.78
C CYS F 239 -38.77 -19.00 -3.11
N HIS F 240 -40.03 -18.67 -2.90
CA HIS F 240 -41.10 -19.57 -3.29
C HIS F 240 -41.80 -19.08 -4.51
N THR F 241 -41.02 -18.50 -5.42
CA THR F 241 -41.52 -18.25 -6.74
C THR F 241 -42.90 -17.55 -6.69
N ILE F 242 -43.16 -16.80 -5.61
CA ILE F 242 -44.44 -16.12 -5.37
C ILE F 242 -44.81 -15.22 -6.55
N MET F 243 -43.96 -14.20 -6.72
CA MET F 243 -43.96 -13.23 -7.83
C MET F 243 -44.48 -11.84 -7.49
N ASN F 244 -44.18 -11.37 -6.27
CA ASN F 244 -44.34 -9.95 -5.93
C ASN F 244 -43.19 -9.09 -6.48
N CYS F 245 -41.95 -9.30 -6.03
CA CYS F 245 -40.77 -8.59 -6.57
C CYS F 245 -40.94 -7.93 -7.96
N THR F 246 -40.97 -8.74 -9.03
CA THR F 246 -41.08 -8.29 -10.44
C THR F 246 -42.29 -7.39 -10.74
N LYS F 247 -43.47 -7.79 -10.28
CA LYS F 247 -44.67 -6.97 -10.43
C LYS F 247 -44.54 -5.59 -9.78
N THR F 248 -44.05 -5.49 -8.54
CA THR F 248 -44.00 -4.17 -7.90
C THR F 248 -42.89 -3.22 -8.37
N CYS F 249 -41.76 -3.77 -8.82
CA CYS F 249 -40.53 -2.96 -9.09
C CYS F 249 -40.80 -1.72 -9.94
N PRO F 250 -40.67 -0.53 -9.34
CA PRO F 250 -40.91 0.76 -10.00
C PRO F 250 -40.01 0.97 -11.22
N LYS F 251 -38.75 0.54 -11.15
CA LYS F 251 -37.83 0.60 -12.31
C LYS F 251 -38.01 -0.53 -13.35
N HIS F 252 -39.17 -1.20 -13.33
CA HIS F 252 -39.56 -2.24 -14.31
C HIS F 252 -38.65 -3.42 -14.51
N LEU F 253 -37.64 -3.55 -13.67
CA LEU F 253 -36.73 -4.68 -13.77
C LEU F 253 -37.49 -5.90 -13.27
N ASN F 254 -36.81 -7.02 -13.24
CA ASN F 254 -37.43 -8.30 -12.97
C ASN F 254 -36.40 -9.21 -12.30
N PRO F 255 -36.33 -9.17 -10.94
CA PRO F 255 -35.56 -10.09 -10.10
C PRO F 255 -35.98 -11.55 -10.21
N ALA F 256 -37.28 -11.82 -10.20
CA ALA F 256 -37.71 -13.21 -10.35
C ALA F 256 -36.87 -13.96 -11.41
N ARG F 257 -36.69 -13.35 -12.58
CA ARG F 257 -35.86 -13.93 -13.62
C ARG F 257 -34.49 -14.28 -13.03
N ALA F 258 -33.79 -13.26 -12.54
CA ALA F 258 -32.47 -13.47 -11.96
C ALA F 258 -32.47 -14.64 -10.97
N ILE F 259 -33.33 -14.53 -9.96
CA ILE F 259 -33.48 -15.59 -8.97
C ILE F 259 -33.67 -16.97 -9.65
N GLY F 260 -34.58 -17.05 -10.61
CA GLY F 260 -34.72 -18.25 -11.44
C GLY F 260 -33.40 -18.73 -12.05
N GLU F 261 -32.63 -17.80 -12.61
CA GLU F 261 -31.34 -18.16 -13.19
C GLU F 261 -30.36 -18.67 -12.13
N ILE F 262 -30.35 -17.99 -10.98
CA ILE F 262 -29.48 -18.36 -9.87
C ILE F 262 -29.81 -19.77 -9.43
N LYS F 263 -31.10 -20.06 -9.23
CA LYS F 263 -31.58 -21.40 -8.86
C LYS F 263 -30.99 -22.46 -9.77
N MET F 264 -31.19 -22.24 -11.09
CA MET F 264 -30.61 -23.02 -12.17
C MET F 264 -29.12 -23.22 -11.96
N LEU F 265 -28.39 -22.12 -11.83
CA LEU F 265 -26.94 -22.15 -11.64
C LEU F 265 -26.45 -22.93 -10.44
N LEU F 266 -27.22 -22.92 -9.35
CA LEU F 266 -26.90 -23.74 -8.18
C LEU F 266 -27.19 -25.20 -8.51
N THR F 267 -26.89 -25.62 -9.74
CA THR F 267 -27.17 -26.99 -10.22
C THR F 267 -26.68 -27.29 -11.67
N LYS F 268 -27.40 -26.72 -12.64
CA LYS F 268 -27.61 -27.29 -14.00
C LYS F 268 -27.75 -26.28 -15.15
N MET F 269 -26.73 -25.43 -15.30
CA MET F 269 -26.64 -24.35 -16.28
C MET F 269 -25.46 -23.62 -15.68
N LYS F 270 -24.42 -23.37 -16.47
CA LYS F 270 -23.19 -22.77 -15.92
C LYS F 270 -22.89 -21.42 -16.58
N THR F 271 -22.22 -20.51 -15.86
CA THR F 271 -21.87 -19.19 -16.42
C THR F 271 -20.99 -19.39 -17.64
N LYS F 272 -21.45 -18.92 -18.79
CA LYS F 272 -20.72 -19.03 -20.04
C LYS F 272 -19.26 -18.57 -19.87
N PRO F 273 -18.35 -18.87 -20.83
CA PRO F 273 -16.95 -18.40 -20.69
C PRO F 273 -16.75 -16.98 -21.19
N ALA F 274 -15.79 -16.27 -20.63
CA ALA F 274 -15.50 -14.94 -21.14
C ALA F 274 -14.96 -15.07 -22.60
N PRO F 275 -15.67 -14.51 -23.63
CA PRO F 275 -15.09 -14.45 -24.97
C PRO F 275 -13.73 -13.74 -24.95
N LEU F 276 -12.79 -14.20 -25.78
CA LEU F 276 -11.42 -13.73 -25.58
C LEU F 276 -11.12 -12.39 -26.22
N PRO F 277 -10.44 -11.49 -25.45
CA PRO F 277 -9.96 -10.15 -25.84
C PRO F 277 -9.07 -10.16 -27.07
N THR F 278 -9.69 -10.06 -28.24
CA THR F 278 -9.03 -10.28 -29.55
C THR F 278 -7.80 -9.33 -29.83
N PRO F 279 -7.10 -9.50 -30.99
CA PRO F 279 -5.73 -8.96 -31.19
C PRO F 279 -5.57 -7.42 -31.13
N ALA F 280 -4.61 -6.97 -30.31
CA ALA F 280 -4.35 -5.55 -30.00
C ALA F 280 -5.59 -4.82 -29.43
N ASN F 281 -5.69 -4.82 -28.10
CA ASN F 281 -6.84 -4.30 -27.37
C ASN F 281 -6.45 -3.15 -26.43
N GLU G 34 -23.43 -24.46 9.44
CA GLU G 34 -24.54 -23.91 10.27
C GLU G 34 -25.21 -22.66 9.65
N LYS G 35 -24.59 -21.48 9.80
CA LYS G 35 -25.13 -20.22 9.25
C LYS G 35 -24.03 -19.46 8.50
N THR G 36 -24.33 -18.91 7.32
CA THR G 36 -23.36 -17.99 6.69
C THR G 36 -23.23 -16.77 7.59
N PRO G 37 -22.06 -16.12 7.59
CA PRO G 37 -21.83 -15.02 8.54
C PRO G 37 -22.85 -13.87 8.43
N ILE G 38 -23.42 -13.65 7.24
CA ILE G 38 -24.50 -12.65 7.08
C ILE G 38 -25.76 -12.97 7.91
N GLN G 39 -26.13 -14.26 7.95
CA GLN G 39 -27.31 -14.72 8.67
C GLN G 39 -27.08 -14.51 10.15
N VAL G 40 -25.83 -14.61 10.57
CA VAL G 40 -25.48 -14.29 11.94
C VAL G 40 -25.75 -12.83 12.16
N TRP G 41 -25.25 -11.98 11.27
CA TRP G 41 -25.45 -10.54 11.37
C TRP G 41 -26.94 -10.21 11.45
N GLY G 42 -27.70 -10.84 10.54
CA GLY G 42 -29.14 -10.69 10.46
C GLY G 42 -29.85 -11.12 11.73
N TRP G 43 -29.38 -12.20 12.35
CA TRP G 43 -29.93 -12.55 13.63
C TRP G 43 -29.61 -11.42 14.59
N ASP G 44 -28.33 -11.19 14.86
CA ASP G 44 -27.92 -10.06 15.71
C ASP G 44 -28.85 -8.84 15.55
N TYR G 45 -29.20 -8.53 14.29
CA TYR G 45 -30.06 -7.41 13.91
C TYR G 45 -31.48 -7.48 14.50
N LEU G 46 -32.22 -8.52 14.12
CA LEU G 46 -33.57 -8.68 14.60
C LEU G 46 -33.57 -8.40 16.07
N MET G 47 -32.67 -9.07 16.76
CA MET G 47 -32.46 -8.91 18.19
C MET G 47 -32.36 -7.46 18.69
N ARG G 48 -31.38 -6.71 18.16
CA ARG G 48 -31.28 -5.26 18.38
C ARG G 48 -32.61 -4.55 18.13
N GLN G 49 -33.28 -4.90 17.05
CA GLN G 49 -34.51 -4.23 16.68
C GLN G 49 -35.65 -4.57 17.61
N ARG G 50 -35.55 -5.75 18.21
CA ARG G 50 -36.45 -6.17 19.30
C ARG G 50 -36.16 -5.25 20.48
N ALA G 51 -34.87 -5.16 20.83
CA ALA G 51 -34.39 -4.34 21.96
C ALA G 51 -35.02 -2.97 21.96
N LEU G 52 -34.92 -2.27 20.84
CA LEU G 52 -35.34 -0.87 20.77
C LEU G 52 -36.87 -0.74 20.72
N LYS G 53 -37.54 -1.88 20.65
CA LYS G 53 -39.00 -1.97 20.79
C LYS G 53 -39.71 -1.15 19.73
N ARG G 54 -39.07 -1.08 18.58
CA ARG G 54 -39.69 -0.52 17.38
C ARG G 54 -40.81 -1.45 16.92
N PRO G 55 -41.80 -0.91 16.21
CA PRO G 55 -42.86 -1.73 15.63
C PRO G 55 -42.49 -2.26 14.26
N ILE G 56 -43.31 -3.18 13.75
CA ILE G 56 -43.09 -3.76 12.42
C ILE G 56 -44.13 -3.19 11.49
N ALA G 57 -43.65 -2.62 10.38
CA ALA G 57 -44.51 -2.01 9.36
C ALA G 57 -45.59 -3.00 8.88
N PRO G 58 -46.88 -2.57 8.82
CA PRO G 58 -47.93 -3.50 8.43
C PRO G 58 -47.65 -4.12 7.06
N HIS G 59 -48.12 -5.35 6.89
CA HIS G 59 -47.81 -6.13 5.71
C HIS G 59 -49.08 -6.66 5.07
N LEU G 60 -49.61 -7.76 5.62
CA LEU G 60 -50.68 -8.47 4.94
C LEU G 60 -52.02 -7.80 5.21
N THR G 61 -52.15 -7.16 6.37
CA THR G 61 -53.31 -6.32 6.66
C THR G 61 -53.46 -5.26 5.58
N ILE G 62 -52.34 -4.82 4.98
CA ILE G 62 -52.35 -3.61 4.12
C ILE G 62 -51.93 -3.75 2.65
N TYR G 63 -51.19 -4.81 2.33
CA TYR G 63 -50.74 -4.99 0.95
C TYR G 63 -51.94 -5.21 0.03
N LYS G 64 -51.78 -4.81 -1.24
CA LYS G 64 -52.82 -4.91 -2.26
C LYS G 64 -53.13 -6.33 -2.68
N PRO G 65 -54.42 -6.70 -2.68
CA PRO G 65 -54.79 -7.98 -3.27
C PRO G 65 -54.29 -8.08 -4.73
N GLN G 66 -53.40 -9.02 -5.02
CA GLN G 66 -52.98 -9.33 -6.40
C GLN G 66 -52.75 -10.81 -6.77
N MET G 67 -52.96 -11.08 -8.05
CA MET G 67 -52.90 -12.41 -8.65
C MET G 67 -51.53 -13.13 -8.44
N THR G 68 -50.47 -12.37 -8.20
CA THR G 68 -49.15 -12.97 -7.97
C THR G 68 -49.10 -13.77 -6.69
N TRP G 69 -49.40 -13.13 -5.56
CA TRP G 69 -49.37 -13.86 -4.30
C TRP G 69 -50.62 -14.68 -4.07
N MET G 70 -51.76 -14.20 -4.57
CA MET G 70 -53.01 -14.91 -4.27
C MET G 70 -52.98 -16.38 -4.77
N VAL G 71 -52.53 -16.52 -6.03
CA VAL G 71 -52.32 -17.81 -6.68
C VAL G 71 -51.19 -18.61 -6.00
N SER G 72 -50.08 -17.96 -5.64
CA SER G 72 -49.11 -18.62 -4.78
C SER G 72 -49.71 -19.01 -3.45
N GLY G 73 -50.69 -18.25 -2.98
CA GLY G 73 -51.30 -18.56 -1.70
C GLY G 73 -52.13 -19.83 -1.87
N LEU G 74 -53.05 -19.76 -2.83
CA LEU G 74 -53.90 -20.88 -3.20
C LEU G 74 -53.05 -22.14 -3.45
N HIS G 75 -51.84 -21.96 -3.97
CA HIS G 75 -51.00 -23.10 -4.28
C HIS G 75 -50.54 -23.79 -3.01
N ARG G 76 -50.12 -23.00 -2.03
CA ARG G 76 -49.93 -23.47 -0.64
C ARG G 76 -51.24 -24.01 -0.01
N VAL G 77 -52.30 -23.18 0.03
CA VAL G 77 -53.55 -23.59 0.71
C VAL G 77 -54.12 -24.95 0.23
N THR G 78 -54.20 -25.12 -1.09
CA THR G 78 -54.64 -26.37 -1.73
C THR G 78 -53.60 -27.46 -1.52
N GLY G 79 -52.33 -27.11 -1.67
CA GLY G 79 -51.24 -28.03 -1.43
C GLY G 79 -51.36 -28.69 -0.08
N CYS G 80 -51.61 -27.88 0.94
CA CYS G 80 -51.65 -28.33 2.31
C CYS G 80 -52.95 -29.01 2.67
N ALA G 81 -54.05 -28.45 2.17
CA ALA G 81 -55.38 -28.95 2.52
C ALA G 81 -55.48 -30.41 2.08
N MET G 82 -54.90 -30.70 0.91
CA MET G 82 -54.91 -32.03 0.35
C MET G 82 -54.14 -33.03 1.24
N ALA G 83 -52.88 -32.69 1.53
CA ALA G 83 -52.08 -33.46 2.49
C ALA G 83 -52.74 -33.48 3.87
N GLY G 84 -53.43 -32.38 4.20
CA GLY G 84 -54.26 -32.33 5.39
C GLY G 84 -55.28 -33.45 5.37
N THR G 85 -56.17 -33.42 4.37
CA THR G 85 -57.20 -34.46 4.17
C THR G 85 -56.60 -35.84 4.28
N LEU G 86 -55.69 -36.13 3.33
CA LEU G 86 -54.94 -37.40 3.24
C LEU G 86 -54.41 -37.93 4.57
N LEU G 87 -53.86 -37.06 5.42
CA LEU G 87 -53.52 -37.46 6.81
C LEU G 87 -54.74 -37.80 7.64
N ILE G 88 -55.68 -36.86 7.84
CA ILE G 88 -56.84 -37.19 8.69
C ILE G 88 -57.72 -38.33 8.10
N GLY G 89 -57.79 -38.42 6.77
CA GLY G 89 -58.44 -39.56 6.09
C GLY G 89 -57.74 -40.85 6.49
N GLY G 90 -56.48 -40.99 6.09
CA GLY G 90 -55.66 -42.15 6.44
C GLY G 90 -55.83 -42.59 7.88
N VAL G 91 -55.35 -41.76 8.79
CA VAL G 91 -55.31 -42.10 10.20
C VAL G 91 -56.70 -42.08 10.87
N GLY G 92 -57.60 -41.27 10.32
CA GLY G 92 -58.98 -41.24 10.83
C GLY G 92 -59.57 -42.63 10.80
N PHE G 93 -59.53 -43.24 9.62
CA PHE G 93 -60.18 -44.53 9.38
C PHE G 93 -59.49 -45.72 10.01
N SER G 94 -58.20 -45.56 10.29
CA SER G 94 -57.48 -46.50 11.14
C SER G 94 -58.02 -46.35 12.55
N VAL G 95 -57.65 -45.30 13.26
CA VAL G 95 -57.93 -45.31 14.70
C VAL G 95 -59.38 -44.92 15.09
N LEU G 96 -60.34 -45.46 14.36
CA LEU G 96 -61.77 -45.28 14.64
C LEU G 96 -62.58 -46.50 14.21
N PRO G 97 -63.64 -46.85 15.00
CA PRO G 97 -64.56 -47.92 14.62
C PRO G 97 -64.87 -47.90 13.11
N LEU G 98 -65.46 -46.81 12.62
CA LEU G 98 -65.79 -46.64 11.20
C LEU G 98 -64.75 -47.09 10.19
N ASP G 99 -65.27 -47.51 9.04
CA ASP G 99 -64.47 -47.67 7.82
C ASP G 99 -65.11 -46.82 6.74
N PHE G 100 -64.47 -46.75 5.58
CA PHE G 100 -64.85 -45.81 4.54
C PHE G 100 -66.17 -46.17 3.90
N THR G 101 -66.48 -47.45 3.84
CA THR G 101 -67.68 -47.90 3.14
C THR G 101 -68.93 -47.54 3.94
N THR G 102 -68.94 -47.84 5.25
CA THR G 102 -70.08 -47.47 6.12
C THR G 102 -70.35 -45.97 6.07
N PHE G 103 -69.29 -45.19 5.84
CA PHE G 103 -69.34 -43.73 5.72
C PHE G 103 -70.12 -43.27 4.46
N VAL G 104 -69.71 -43.70 3.27
CA VAL G 104 -70.43 -43.36 2.04
C VAL G 104 -71.95 -43.53 2.22
N GLU G 105 -72.35 -44.52 3.01
CA GLU G 105 -73.75 -44.73 3.33
C GLU G 105 -74.29 -43.65 4.28
N PHE G 106 -73.66 -43.49 5.46
CA PHE G 106 -74.06 -42.49 6.50
C PHE G 106 -73.96 -41.05 5.98
N ILE G 107 -73.90 -40.94 4.65
CA ILE G 107 -74.11 -39.70 3.88
C ILE G 107 -75.21 -39.86 2.79
N ARG G 108 -75.22 -41.00 2.10
CA ARG G 108 -76.21 -41.23 1.05
C ARG G 108 -77.64 -41.13 1.60
N GLY G 109 -77.86 -41.73 2.75
CA GLY G 109 -79.18 -41.79 3.37
C GLY G 109 -79.56 -40.48 4.05
N LEU G 110 -79.41 -39.39 3.31
CA LEU G 110 -79.73 -38.06 3.81
C LEU G 110 -80.46 -37.20 2.77
N GLY G 111 -81.25 -37.86 1.90
CA GLY G 111 -82.07 -37.24 0.83
C GLY G 111 -81.34 -36.22 -0.02
N ILE G 112 -80.04 -36.09 0.25
CA ILE G 112 -79.15 -34.97 -0.13
C ILE G 112 -79.22 -34.58 -1.59
N PRO G 113 -79.62 -33.32 -1.87
CA PRO G 113 -79.91 -32.79 -3.21
C PRO G 113 -78.72 -32.97 -4.17
N TRP G 114 -78.97 -33.51 -5.37
CA TRP G 114 -77.88 -34.04 -6.20
C TRP G 114 -76.79 -33.04 -6.60
N VAL G 115 -77.13 -31.76 -6.61
CA VAL G 115 -76.19 -30.73 -7.07
C VAL G 115 -75.13 -30.32 -6.05
N ILE G 116 -75.49 -30.31 -4.77
CA ILE G 116 -74.51 -30.09 -3.69
C ILE G 116 -73.45 -31.21 -3.73
N LEU G 117 -73.88 -32.40 -4.10
CA LEU G 117 -73.02 -33.59 -4.14
C LEU G 117 -72.13 -33.62 -5.38
N ASP G 118 -72.44 -32.78 -6.36
CA ASP G 118 -71.57 -32.61 -7.49
C ASP G 118 -70.58 -31.46 -7.32
N THR G 119 -71.03 -30.39 -6.65
CA THR G 119 -70.11 -29.31 -6.28
C THR G 119 -69.10 -29.81 -5.23
N PHE G 120 -69.59 -30.58 -4.26
CA PHE G 120 -68.72 -31.28 -3.31
C PHE G 120 -67.70 -32.20 -3.98
N LYS G 121 -67.98 -32.60 -5.20
CA LYS G 121 -66.99 -33.31 -5.98
C LYS G 121 -66.05 -32.28 -6.62
N PHE G 122 -66.63 -31.17 -7.10
CA PHE G 122 -65.85 -30.08 -7.70
C PHE G 122 -64.81 -29.53 -6.74
N ILE G 123 -65.13 -29.43 -5.45
CA ILE G 123 -64.11 -29.04 -4.47
C ILE G 123 -63.00 -30.08 -4.39
N ILE G 124 -63.36 -31.36 -4.30
CA ILE G 124 -62.34 -32.41 -4.21
C ILE G 124 -61.46 -32.44 -5.46
N ALA G 125 -62.10 -32.27 -6.62
CA ALA G 125 -61.40 -32.31 -7.89
C ALA G 125 -60.44 -31.14 -8.06
N PHE G 126 -61.00 -29.93 -8.10
CA PHE G 126 -60.26 -28.68 -8.31
C PHE G 126 -58.83 -28.62 -7.70
N PRO G 127 -58.71 -28.57 -6.34
CA PRO G 127 -57.41 -28.62 -5.69
C PRO G 127 -56.37 -29.51 -6.39
N ILE G 128 -56.73 -30.76 -6.72
CA ILE G 128 -55.80 -31.65 -7.39
C ILE G 128 -55.41 -31.01 -8.72
N ALA G 129 -56.37 -30.96 -9.64
CA ALA G 129 -56.19 -30.28 -10.93
C ALA G 129 -55.38 -28.96 -10.82
N PHE G 130 -55.87 -28.00 -10.03
CA PHE G 130 -55.21 -26.69 -9.86
C PHE G 130 -53.79 -26.83 -9.35
N HIS G 131 -53.64 -27.40 -8.17
CA HIS G 131 -52.31 -27.48 -7.54
C HIS G 131 -51.37 -28.17 -8.53
N THR G 132 -51.88 -29.18 -9.23
CA THR G 132 -51.10 -29.90 -10.22
C THR G 132 -50.65 -28.95 -11.32
N LEU G 133 -51.60 -28.24 -11.92
CA LEU G 133 -51.32 -27.27 -12.97
C LEU G 133 -50.31 -26.18 -12.56
N ASN G 134 -50.68 -25.37 -11.58
CA ASN G 134 -49.81 -24.32 -11.10
C ASN G 134 -48.45 -24.86 -10.71
N GLY G 135 -48.41 -26.15 -10.38
CA GLY G 135 -47.16 -26.79 -10.00
C GLY G 135 -46.18 -26.66 -11.14
N ILE G 136 -46.65 -27.02 -12.34
CA ILE G 136 -45.81 -27.04 -13.54
C ILE G 136 -45.38 -25.62 -13.88
N ARG G 137 -46.23 -24.68 -13.49
CA ARG G 137 -45.95 -23.25 -13.60
C ARG G 137 -44.79 -22.87 -12.70
N PHE G 138 -44.87 -23.27 -11.43
CA PHE G 138 -43.88 -22.84 -10.47
C PHE G 138 -42.53 -23.41 -10.78
N ILE G 139 -42.52 -24.60 -11.39
CA ILE G 139 -41.27 -25.19 -11.83
C ILE G 139 -40.75 -24.38 -13.01
N GLY G 140 -41.68 -23.98 -13.89
CA GLY G 140 -41.38 -23.01 -14.94
C GLY G 140 -40.63 -21.82 -14.33
N PHE G 141 -41.38 -20.98 -13.59
CA PHE G 141 -40.81 -19.86 -12.83
C PHE G 141 -39.43 -20.19 -12.28
N ASP G 142 -39.36 -21.29 -11.52
CA ASP G 142 -38.10 -21.80 -10.96
C ASP G 142 -36.93 -21.89 -11.94
N MET G 143 -37.22 -21.81 -13.22
CA MET G 143 -36.19 -22.01 -14.22
C MET G 143 -35.95 -20.78 -15.11
N ALA G 144 -36.43 -19.62 -14.66
CA ALA G 144 -36.39 -18.37 -15.46
C ALA G 144 -37.58 -18.29 -16.41
N LYS G 145 -38.23 -19.42 -16.65
CA LYS G 145 -39.22 -19.53 -17.73
C LYS G 145 -40.50 -18.66 -17.59
N GLY G 146 -40.56 -17.61 -18.38
CA GLY G 146 -41.75 -16.77 -18.50
C GLY G 146 -42.08 -16.01 -17.24
N THR G 147 -41.14 -15.18 -16.80
CA THR G 147 -41.23 -14.41 -15.55
C THR G 147 -41.55 -12.94 -15.75
N ASP G 148 -41.91 -12.58 -16.97
CA ASP G 148 -42.31 -11.21 -17.32
C ASP G 148 -43.78 -11.05 -16.99
N ILE G 149 -44.19 -9.82 -16.65
CA ILE G 149 -45.51 -9.57 -16.07
C ILE G 149 -46.74 -9.99 -16.92
N PRO G 150 -46.59 -9.99 -18.27
CA PRO G 150 -47.58 -10.67 -19.14
C PRO G 150 -47.73 -12.14 -18.79
N SER G 151 -46.67 -12.92 -19.04
CA SER G 151 -46.65 -14.35 -18.76
C SER G 151 -46.87 -14.74 -17.27
N ILE G 152 -46.51 -13.87 -16.34
CA ILE G 152 -46.89 -14.08 -14.95
C ILE G 152 -48.40 -14.18 -14.91
N TYR G 153 -49.06 -13.31 -15.67
CA TYR G 153 -50.52 -13.17 -15.61
C TYR G 153 -51.30 -14.13 -16.54
N ARG G 154 -50.73 -14.48 -17.69
CA ARG G 154 -51.44 -15.37 -18.60
C ARG G 154 -51.54 -16.76 -18.03
N GLY G 155 -50.42 -17.26 -17.51
CA GLY G 155 -50.39 -18.49 -16.71
C GLY G 155 -51.37 -18.46 -15.53
N ALA G 156 -51.35 -17.34 -14.81
CA ALA G 156 -52.25 -17.12 -13.69
C ALA G 156 -53.72 -17.32 -14.00
N TYR G 157 -54.19 -16.96 -15.20
CA TYR G 157 -55.60 -17.25 -15.57
C TYR G 157 -55.74 -18.62 -16.19
N LEU G 158 -54.77 -18.98 -17.02
CA LEU G 158 -54.78 -20.24 -17.77
C LEU G 158 -54.86 -21.41 -16.82
N VAL G 159 -53.97 -21.44 -15.82
CA VAL G 159 -53.96 -22.47 -14.79
C VAL G 159 -55.26 -22.47 -14.01
N LEU G 160 -55.70 -21.26 -13.64
CA LEU G 160 -56.83 -21.06 -12.76
C LEU G 160 -58.15 -21.41 -13.44
N GLY G 161 -58.23 -21.17 -14.74
CA GLY G 161 -59.42 -21.53 -15.49
C GLY G 161 -59.40 -23.00 -15.92
N LEU G 162 -58.22 -23.52 -16.25
CA LEU G 162 -58.09 -24.88 -16.73
C LEU G 162 -58.46 -25.88 -15.65
N ALA G 163 -58.10 -25.57 -14.41
CA ALA G 163 -58.58 -26.29 -13.23
C ALA G 163 -60.10 -26.31 -13.16
N ALA G 164 -60.71 -25.14 -13.06
CA ALA G 164 -62.18 -25.02 -13.09
C ALA G 164 -62.81 -25.79 -14.27
N LEU G 165 -62.19 -25.68 -15.45
CA LEU G 165 -62.60 -26.42 -16.66
C LEU G 165 -62.51 -27.94 -16.44
N ILE G 166 -61.29 -28.48 -16.43
CA ILE G 166 -61.08 -29.91 -16.18
C ILE G 166 -61.93 -30.43 -15.01
N SER G 167 -61.64 -29.93 -13.80
CA SER G 167 -62.37 -30.31 -12.57
C SER G 167 -63.91 -30.29 -12.68
N LEU G 168 -64.44 -29.51 -13.63
CA LEU G 168 -65.86 -29.52 -13.92
C LEU G 168 -66.16 -30.70 -14.84
N ALA G 169 -65.53 -30.69 -16.01
CA ALA G 169 -65.66 -31.74 -17.02
C ALA G 169 -65.10 -33.09 -16.51
N VAL G 170 -65.57 -33.50 -15.33
CA VAL G 170 -65.06 -34.65 -14.63
C VAL G 170 -66.03 -34.93 -13.49
N VAL G 171 -66.71 -33.89 -13.04
CA VAL G 171 -67.77 -34.00 -12.04
C VAL G 171 -69.08 -34.08 -12.77
N VAL G 172 -69.05 -33.54 -13.99
CA VAL G 172 -70.24 -33.44 -14.84
C VAL G 172 -70.34 -34.61 -15.82
N TYR G 173 -69.23 -34.98 -16.43
CA TYR G 173 -69.21 -36.13 -17.31
C TYR G 173 -69.91 -37.41 -16.75
N PRO G 174 -69.65 -37.82 -15.48
CA PRO G 174 -70.34 -39.04 -15.07
C PRO G 174 -71.75 -38.79 -14.55
N ARG G 175 -72.11 -37.52 -14.35
CA ARG G 175 -73.48 -37.15 -14.03
C ARG G 175 -74.24 -37.22 -15.36
N TRP G 176 -73.52 -36.98 -16.44
CA TRP G 176 -74.02 -37.12 -17.80
C TRP G 176 -74.36 -38.59 -18.03
N GLU G 177 -73.34 -39.46 -18.05
CA GLU G 177 -73.53 -40.92 -18.29
C GLU G 177 -74.35 -41.69 -17.22
N ARG G 178 -74.72 -41.01 -16.12
CA ARG G 178 -75.71 -41.54 -15.16
C ARG G 178 -77.02 -40.81 -15.37
N HIS G 179 -77.46 -40.76 -16.63
CA HIS G 179 -78.67 -40.06 -17.04
C HIS G 179 -78.96 -40.40 -18.50
N LYS G 180 -77.95 -40.21 -19.36
CA LYS G 180 -77.94 -40.58 -20.79
C LYS G 180 -78.00 -42.11 -21.01
N LYS G 181 -77.67 -42.85 -19.94
CA LYS G 181 -77.88 -44.30 -19.87
C LYS G 181 -78.75 -44.65 -18.64
N ALA G 182 -79.76 -43.80 -18.41
CA ALA G 182 -80.83 -44.02 -17.44
C ALA G 182 -82.15 -43.49 -18.04
N THR G 183 -82.20 -43.44 -19.38
CA THR G 183 -83.32 -42.87 -20.13
C THR G 183 -83.57 -43.48 -21.53
N LEU G 184 -82.49 -43.80 -22.27
CA LEU G 184 -82.59 -44.38 -23.63
C LEU G 184 -82.92 -45.89 -23.63
N PRO G 185 -83.37 -46.47 -24.79
CA PRO G 185 -83.65 -47.91 -24.97
C PRO G 185 -82.94 -48.94 -24.04
N THR G 186 -83.74 -49.88 -23.54
CA THR G 186 -83.43 -50.80 -22.42
C THR G 186 -81.94 -51.05 -22.11
N THR H 28 -23.67 20.12 26.95
CA THR H 28 -22.23 20.51 27.11
C THR H 28 -21.25 19.58 26.37
N SER H 29 -19.98 19.65 26.77
CA SER H 29 -19.00 18.70 26.28
C SER H 29 -18.66 17.74 27.43
N ALA H 30 -19.63 17.56 28.35
CA ALA H 30 -19.56 16.50 29.38
C ALA H 30 -19.90 15.12 28.73
N ALA H 31 -18.91 14.58 27.99
CA ALA H 31 -19.12 13.58 26.94
C ALA H 31 -18.69 12.16 27.26
N VAL H 32 -19.23 11.21 26.48
CA VAL H 32 -18.77 9.80 26.48
C VAL H 32 -18.13 9.44 25.13
N THR H 33 -17.22 8.48 25.14
CA THR H 33 -16.50 8.05 23.95
C THR H 33 -17.21 6.85 23.33
N GLY H 34 -17.63 7.00 22.08
CA GLY H 34 -18.49 6.03 21.44
C GLY H 34 -17.76 5.02 20.59
N ALA H 35 -18.54 4.11 20.02
CA ALA H 35 -18.03 3.07 19.13
C ALA H 35 -18.65 3.15 17.73
N ALA H 36 -18.03 2.41 16.82
CA ALA H 36 -18.53 2.18 15.47
C ALA H 36 -19.99 1.71 15.45
N PRO H 37 -20.74 2.13 14.43
CA PRO H 37 -22.08 1.57 14.30
C PRO H 37 -21.99 0.19 13.62
N PRO H 38 -22.88 -0.76 14.01
CA PRO H 38 -22.77 -2.13 13.47
C PRO H 38 -22.72 -2.11 11.94
N GLN H 39 -21.84 -2.92 11.36
CA GLN H 39 -21.55 -2.86 9.93
C GLN H 39 -21.07 -4.20 9.44
N PHE H 40 -21.65 -4.69 8.35
CA PHE H 40 -21.15 -5.94 7.79
C PHE H 40 -19.88 -5.62 7.04
N ASP H 41 -18.81 -6.35 7.36
CA ASP H 41 -17.57 -6.28 6.62
C ASP H 41 -17.50 -7.61 5.89
N PRO H 42 -17.81 -7.63 4.59
CA PRO H 42 -17.92 -8.92 3.94
C PRO H 42 -16.55 -9.55 3.93
N ILE H 43 -15.54 -8.70 4.16
CA ILE H 43 -14.11 -8.99 4.04
C ILE H 43 -13.57 -9.64 5.30
N ALA H 44 -14.01 -9.14 6.44
CA ALA H 44 -13.60 -9.68 7.74
C ALA H 44 -14.18 -11.08 7.92
N ALA H 45 -15.44 -11.24 7.51
CA ALA H 45 -16.12 -12.53 7.61
C ALA H 45 -15.66 -13.50 6.51
N GLU H 46 -14.99 -12.94 5.50
CA GLU H 46 -14.43 -13.67 4.35
C GLU H 46 -13.51 -14.83 4.72
N LYS H 47 -12.56 -14.53 5.60
CA LYS H 47 -11.46 -15.46 5.93
C LYS H 47 -11.96 -16.81 6.46
N GLY H 48 -13.09 -16.78 7.17
CA GLY H 48 -13.76 -17.95 7.72
C GLY H 48 -14.17 -19.09 6.79
N PHE H 49 -15.49 -19.29 6.64
CA PHE H 49 -16.08 -20.63 6.44
C PHE H 49 -16.72 -20.88 5.07
N LYS H 50 -16.82 -22.16 4.69
CA LYS H 50 -17.61 -22.58 3.53
C LYS H 50 -18.72 -23.53 4.00
N PRO H 51 -20.01 -23.20 3.70
CA PRO H 51 -21.14 -24.00 4.22
C PRO H 51 -21.52 -25.10 3.22
N LEU H 52 -20.52 -25.91 2.89
CA LEU H 52 -20.56 -26.94 1.82
C LEU H 52 -21.70 -27.99 1.95
N HIS H 53 -22.68 -27.71 2.82
CA HIS H 53 -23.99 -28.36 2.73
C HIS H 53 -24.76 -27.55 1.69
N SER H 54 -24.53 -27.88 0.41
CA SER H 54 -25.10 -27.19 -0.73
C SER H 54 -26.47 -27.72 -1.14
N HIS H 55 -27.53 -27.14 -0.59
CA HIS H 55 -28.92 -27.53 -0.83
C HIS H 55 -29.25 -27.67 -2.31
N GLY H 56 -28.38 -27.16 -3.17
CA GLY H 56 -28.61 -27.16 -4.62
C GLY H 56 -29.04 -28.51 -5.14
N THR H 57 -28.20 -29.50 -4.88
CA THR H 57 -28.36 -30.87 -5.34
C THR H 57 -29.73 -31.52 -5.01
N LEU H 58 -30.30 -31.23 -3.84
CA LEU H 58 -31.62 -31.76 -3.47
C LEU H 58 -32.80 -31.00 -4.11
N PHE H 59 -32.61 -29.69 -4.30
CA PHE H 59 -33.62 -28.86 -4.92
C PHE H 59 -33.85 -29.36 -6.34
N LYS H 60 -32.77 -29.77 -7.00
CA LYS H 60 -32.86 -30.45 -8.29
C LYS H 60 -33.86 -31.60 -8.23
N ILE H 61 -33.78 -32.44 -7.20
CA ILE H 61 -34.57 -33.67 -7.21
C ILE H 61 -36.02 -33.50 -6.77
N GLU H 62 -36.30 -32.59 -5.83
CA GLU H 62 -37.70 -32.48 -5.39
C GLU H 62 -38.58 -31.82 -6.43
N ARG H 63 -37.96 -31.05 -7.31
CA ARG H 63 -38.65 -30.49 -8.47
C ARG H 63 -38.74 -31.56 -9.55
N TYR H 64 -37.64 -32.24 -9.84
CA TYR H 64 -37.67 -33.38 -10.79
C TYR H 64 -38.70 -34.43 -10.44
N PHE H 65 -38.95 -34.62 -9.14
CA PHE H 65 -39.92 -35.61 -8.68
C PHE H 65 -41.33 -35.10 -8.94
N ALA H 66 -41.54 -33.81 -8.72
CA ALA H 66 -42.82 -33.17 -8.97
C ALA H 66 -43.11 -33.16 -10.48
N ALA H 67 -42.07 -32.93 -11.29
CA ALA H 67 -42.15 -33.07 -12.74
C ALA H 67 -42.61 -34.47 -13.00
N ALA H 68 -41.73 -35.41 -12.67
CA ALA H 68 -41.98 -36.85 -12.81
C ALA H 68 -43.33 -37.27 -12.24
N MET H 69 -43.89 -36.43 -11.35
CA MET H 69 -45.17 -36.75 -10.73
C MET H 69 -46.35 -36.49 -11.65
N VAL H 70 -46.29 -35.44 -12.45
CA VAL H 70 -47.47 -35.00 -13.21
C VAL H 70 -48.17 -36.14 -13.95
N PRO H 71 -47.48 -36.77 -14.94
CA PRO H 71 -48.06 -37.84 -15.74
C PRO H 71 -48.73 -38.93 -14.90
N LEU H 72 -48.43 -38.97 -13.60
CA LEU H 72 -49.12 -39.90 -12.73
C LEU H 72 -50.56 -39.47 -12.53
N ILE H 73 -50.80 -38.25 -12.01
CA ILE H 73 -52.20 -37.83 -11.68
C ILE H 73 -53.29 -38.14 -12.75
N PRO H 74 -52.93 -38.10 -14.06
CA PRO H 74 -53.85 -38.58 -15.09
C PRO H 74 -54.02 -40.10 -15.03
N ALA H 75 -52.91 -40.82 -14.89
CA ALA H 75 -52.94 -42.26 -14.73
C ALA H 75 -53.94 -42.62 -13.62
N ALA H 76 -53.98 -41.81 -12.57
CA ALA H 76 -54.93 -42.00 -11.48
C ALA H 76 -56.39 -42.01 -11.91
N TYR H 77 -56.83 -40.99 -12.66
CA TYR H 77 -58.22 -40.93 -13.13
C TYR H 77 -58.59 -42.17 -13.98
N PHE H 78 -57.59 -42.71 -14.67
CA PHE H 78 -57.81 -43.78 -15.64
C PHE H 78 -57.56 -45.17 -15.07
N ILE H 79 -56.30 -45.61 -15.05
CA ILE H 79 -55.93 -46.94 -14.56
C ILE H 79 -55.99 -47.01 -13.03
N HIS H 80 -56.62 -48.06 -12.49
CA HIS H 80 -56.91 -48.16 -11.04
C HIS H 80 -56.43 -49.46 -10.35
N GLY H 81 -57.05 -49.74 -9.21
CA GLY H 81 -56.78 -50.97 -8.46
C GLY H 81 -55.71 -50.75 -7.43
N ARG H 82 -55.56 -51.71 -6.53
CA ARG H 82 -54.70 -51.48 -5.37
C ARG H 82 -53.22 -51.37 -5.72
N GLU H 83 -52.79 -51.85 -6.89
CA GLU H 83 -51.41 -51.55 -7.29
C GLU H 83 -51.18 -50.07 -7.71
N MET H 84 -52.21 -49.37 -8.17
CA MET H 84 -52.10 -47.91 -8.32
C MET H 84 -52.05 -47.27 -6.93
N ASP H 85 -53.13 -47.46 -6.18
CA ASP H 85 -53.23 -47.10 -4.77
C ASP H 85 -51.88 -47.10 -4.05
N LEU H 86 -50.96 -47.94 -4.51
CA LEU H 86 -49.68 -48.11 -3.83
C LEU H 86 -48.78 -46.93 -4.09
N CYS H 87 -48.27 -46.82 -5.31
CA CYS H 87 -47.38 -45.72 -5.63
C CYS H 87 -48.13 -44.40 -5.51
N LEU H 88 -49.41 -44.38 -5.84
CA LEU H 88 -50.18 -43.17 -5.58
C LEU H 88 -50.03 -42.67 -4.12
N ALA H 89 -50.08 -43.58 -3.16
CA ALA H 89 -49.83 -43.24 -1.75
C ALA H 89 -48.35 -43.06 -1.45
N LEU H 90 -47.49 -43.78 -2.16
CA LEU H 90 -46.08 -43.75 -1.83
C LEU H 90 -45.37 -42.47 -2.29
N ALA H 91 -45.75 -41.98 -3.47
CA ALA H 91 -45.15 -40.76 -4.02
C ALA H 91 -45.69 -39.54 -3.31
N LEU H 92 -47.02 -39.52 -3.11
CA LEU H 92 -47.68 -38.45 -2.36
C LEU H 92 -47.05 -38.21 -1.00
N THR H 93 -46.86 -39.27 -0.22
CA THR H 93 -46.03 -39.23 0.98
C THR H 93 -44.79 -38.36 0.77
N LEU H 94 -43.99 -38.68 -0.25
CA LEU H 94 -42.68 -38.06 -0.45
C LEU H 94 -42.74 -36.57 -0.83
N HIS H 95 -43.60 -36.24 -1.78
CA HIS H 95 -43.79 -34.85 -2.20
C HIS H 95 -44.26 -34.01 -1.01
N VAL H 96 -45.15 -34.60 -0.20
CA VAL H 96 -45.66 -33.98 1.01
C VAL H 96 -44.55 -33.84 2.06
N HIS H 97 -43.71 -34.84 2.20
CA HIS H 97 -42.64 -34.76 3.18
C HIS H 97 -41.84 -33.52 2.88
N TRP H 98 -41.72 -33.19 1.61
CA TRP H 98 -40.88 -32.08 1.19
C TRP H 98 -41.65 -30.78 1.26
N GLY H 99 -42.92 -30.86 0.89
CA GLY H 99 -43.80 -29.74 1.11
C GLY H 99 -43.77 -29.32 2.57
N VAL H 100 -44.19 -30.23 3.47
CA VAL H 100 -44.38 -29.87 4.87
C VAL H 100 -43.10 -29.37 5.48
N TRP H 101 -42.00 -30.07 5.17
CA TRP H 101 -40.69 -29.65 5.65
C TRP H 101 -40.42 -28.22 5.23
N GLY H 102 -40.88 -27.85 4.05
CA GLY H 102 -40.63 -26.49 3.55
C GLY H 102 -41.51 -25.50 4.27
N VAL H 103 -42.74 -25.91 4.53
CA VAL H 103 -43.71 -24.98 5.04
C VAL H 103 -43.39 -24.75 6.48
N VAL H 104 -42.98 -25.78 7.19
CA VAL H 104 -42.69 -25.60 8.61
C VAL H 104 -41.42 -24.78 8.72
N ASN H 105 -40.47 -25.11 7.87
CA ASN H 105 -39.20 -24.40 7.76
C ASN H 105 -39.42 -22.92 7.38
N ASP H 106 -40.58 -22.61 6.80
CA ASP H 106 -40.97 -21.24 6.39
C ASP H 106 -41.48 -20.53 7.63
N TYR H 107 -42.66 -20.97 8.06
CA TYR H 107 -43.43 -20.32 9.11
C TYR H 107 -42.87 -20.46 10.52
N GLY H 108 -42.26 -21.61 10.82
CA GLY H 108 -41.73 -21.90 12.15
C GLY H 108 -40.37 -21.27 12.38
N ARG H 109 -40.37 -19.97 12.67
CA ARG H 109 -39.14 -19.19 12.70
C ARG H 109 -38.70 -18.83 14.10
N PRO H 110 -37.43 -19.13 14.41
CA PRO H 110 -36.88 -18.93 15.72
C PRO H 110 -37.10 -17.53 16.29
N PHE H 111 -37.22 -16.51 15.44
CA PHE H 111 -37.45 -15.17 16.01
C PHE H 111 -38.84 -15.00 16.66
N VAL H 112 -39.80 -15.86 16.31
CA VAL H 112 -41.13 -15.69 16.86
C VAL H 112 -41.52 -16.85 17.74
N LEU H 113 -40.73 -17.91 17.76
CA LEU H 113 -41.13 -19.10 18.52
C LEU H 113 -40.12 -19.53 19.54
N GLY H 114 -38.90 -19.03 19.40
CA GLY H 114 -37.80 -19.49 20.23
C GLY H 114 -37.27 -20.84 19.77
N ASP H 115 -35.97 -21.04 19.96
CA ASP H 115 -35.21 -22.17 19.43
C ASP H 115 -35.84 -23.56 19.65
N THR H 116 -35.94 -24.00 20.91
CA THR H 116 -36.41 -25.36 21.21
C THR H 116 -37.87 -25.62 20.79
N LEU H 117 -38.72 -24.58 20.82
CA LEU H 117 -40.13 -24.76 20.45
C LEU H 117 -40.25 -24.88 18.94
N ALA H 118 -39.41 -24.14 18.24
CA ALA H 118 -39.39 -24.22 16.79
C ALA H 118 -38.43 -25.30 16.27
N ALA H 119 -37.79 -26.03 17.19
CA ALA H 119 -37.14 -27.31 16.85
C ALA H 119 -38.24 -28.37 16.83
N ALA H 120 -39.18 -28.24 17.78
CA ALA H 120 -40.31 -29.13 17.88
C ALA H 120 -41.06 -29.16 16.57
N VAL H 121 -41.39 -27.99 16.03
CA VAL H 121 -42.19 -27.93 14.80
C VAL H 121 -41.44 -28.45 13.58
N ARG H 122 -40.12 -28.47 13.67
CA ARG H 122 -39.32 -29.21 12.71
C ARG H 122 -39.42 -30.74 12.92
N VAL H 123 -39.15 -31.22 14.14
CA VAL H 123 -39.43 -32.62 14.49
C VAL H 123 -40.87 -33.01 14.06
N GLY H 124 -41.84 -32.14 14.35
CA GLY H 124 -43.26 -32.36 14.01
C GLY H 124 -43.48 -32.60 12.52
N ALA H 125 -42.68 -31.93 11.68
CA ALA H 125 -42.67 -32.15 10.23
C ALA H 125 -42.45 -33.62 9.87
N TYR H 126 -41.37 -34.21 10.39
CA TYR H 126 -41.10 -35.61 10.20
C TYR H 126 -42.21 -36.50 10.77
N ILE H 127 -42.72 -36.15 11.95
CA ILE H 127 -43.80 -36.95 12.54
C ILE H 127 -45.05 -36.94 11.64
N PHE H 128 -45.25 -35.84 10.92
CA PHE H 128 -46.29 -35.74 9.88
C PHE H 128 -46.04 -36.72 8.72
N THR H 129 -44.78 -36.89 8.34
CA THR H 129 -44.47 -37.73 7.20
C THR H 129 -44.69 -39.22 7.50
N ALA H 130 -44.03 -39.69 8.55
CA ALA H 130 -44.24 -41.04 9.03
C ALA H 130 -45.72 -41.34 9.21
N CYS H 131 -46.44 -40.39 9.81
CA CYS H 131 -47.85 -40.57 10.13
C CYS H 131 -48.74 -40.71 8.91
N LEU H 132 -48.44 -39.91 7.90
CA LEU H 132 -49.27 -39.86 6.71
C LEU H 132 -49.16 -41.21 6.03
N LEU H 133 -47.93 -41.63 5.74
CA LEU H 133 -47.68 -42.94 5.16
C LEU H 133 -48.40 -44.07 5.91
N ALA H 134 -48.19 -44.17 7.22
CA ALA H 134 -48.77 -45.28 7.99
C ALA H 134 -50.28 -45.33 7.90
N GLY H 135 -50.93 -44.17 7.97
CA GLY H 135 -52.39 -44.07 7.80
C GLY H 135 -52.86 -44.41 6.40
N LEU H 136 -52.04 -44.03 5.42
CA LEU H 136 -52.24 -44.41 4.02
C LEU H 136 -52.09 -45.91 3.88
N LEU H 137 -51.03 -46.47 4.44
CA LEU H 137 -50.80 -47.88 4.27
C LEU H 137 -51.92 -48.69 4.87
N TYR H 138 -52.47 -48.20 5.98
CA TYR H 138 -53.62 -48.85 6.53
C TYR H 138 -54.68 -48.89 5.48
N PHE H 139 -55.05 -47.70 5.04
CA PHE H 139 -56.15 -47.51 4.10
C PHE H 139 -56.17 -48.43 2.87
N ASN H 140 -55.05 -48.58 2.14
CA ASN H 140 -55.03 -49.47 0.96
C ASN H 140 -55.10 -50.94 1.31
N GLU H 141 -54.74 -51.21 2.56
CA GLU H 141 -54.65 -52.57 3.04
C GLU H 141 -55.93 -53.01 3.72
N HIS H 142 -56.44 -52.26 4.68
CA HIS H 142 -57.57 -52.77 5.45
C HIS H 142 -58.85 -52.03 5.15
N ASP H 143 -58.81 -51.15 4.15
CA ASP H 143 -60.01 -50.45 3.69
C ASP H 143 -60.09 -50.47 2.15
N VAL H 144 -60.85 -49.55 1.58
CA VAL H 144 -61.17 -49.55 0.16
C VAL H 144 -59.94 -49.29 -0.73
N GLY H 145 -59.09 -48.38 -0.28
CA GLY H 145 -57.94 -47.97 -1.05
C GLY H 145 -58.27 -46.73 -1.81
N LEU H 146 -57.32 -45.80 -1.81
CA LEU H 146 -57.40 -44.51 -2.49
C LEU H 146 -58.24 -44.46 -3.77
N THR H 147 -57.88 -45.23 -4.80
CA THR H 147 -58.60 -45.19 -6.10
C THR H 147 -60.06 -45.58 -6.01
N ARG H 148 -60.36 -46.82 -5.62
CA ARG H 148 -61.77 -47.20 -5.43
C ARG H 148 -62.45 -46.29 -4.37
N ALA H 149 -61.65 -45.60 -3.53
CA ALA H 149 -62.16 -44.63 -2.54
C ALA H 149 -62.70 -43.34 -3.16
N PHE H 150 -62.02 -42.84 -4.18
CA PHE H 150 -62.56 -41.78 -5.02
C PHE H 150 -63.80 -42.34 -5.70
N GLU H 151 -63.64 -43.39 -6.50
CA GLU H 151 -64.74 -44.02 -7.24
C GLU H 151 -66.06 -43.88 -6.51
N MET H 152 -65.99 -44.13 -5.20
CA MET H 152 -67.14 -44.16 -4.29
C MET H 152 -67.73 -42.79 -4.02
N VAL H 153 -66.90 -41.78 -3.86
CA VAL H 153 -67.45 -40.46 -3.74
C VAL H 153 -68.01 -40.08 -5.12
N TRP H 154 -67.25 -40.32 -6.18
CA TRP H 154 -67.59 -39.83 -7.53
C TRP H 154 -68.88 -40.32 -8.16
N GLU H 155 -69.29 -41.54 -7.87
CA GLU H 155 -70.67 -41.89 -8.16
C GLU H 155 -71.42 -41.65 -6.87
N LEU H 156 -72.60 -41.05 -6.93
CA LEU H 156 -73.36 -40.75 -5.71
C LEU H 156 -74.78 -40.28 -6.00
#